data_6RNG
#
_entry.id   6RNG
#
_cell.length_a   113.399
_cell.length_b   73.164
_cell.length_c   176.225
_cell.angle_alpha   90.00
_cell.angle_beta   106.52
_cell.angle_gamma   90.00
#
_symmetry.space_group_name_H-M   'C 1 2 1'
#
loop_
_entity.id
_entity.type
_entity.pdbx_description
1 polymer 'Fructose-bisphosphate aldolase 6, cytosolic'
2 non-polymer 'SULFATE ION'
3 non-polymer GLYCINE
4 non-polymer PROLINE
5 water water
#
_entity_poly.entity_id   1
_entity_poly.type   'polypeptide(L)'
_entity_poly.pdbx_seq_one_letter_code
;MSSFTSKFADELIANAAYIGTPGKGILAADESTGTIGKRLASINVENVESNRRALRELLFTTPGALPCLSGVILFEETLY
QKSSDGTPFVDMLKSAGVLPGIKVDKGTVELAGTNGETTTQGLDGLGDRCKKYYEAGARFAKWRAVLKIGVNEPSQLAIH
ENAYGLARYAVICQENGLVPIVEPEILVDGSHDIQKCAAVTERVLAACYKALSDHHVLLEGTLLKPNMVTPGSESAKVAP
EVIAEHTVRALQRTVPAAVPAIVFLSGGQSEEEATRNLNAMNQLKTKKPWSLSFSFGRALQQSTLKTWGGKEENVKKAQE
AFLVRCKANSEATLGAYKGDAKLGEGAAESLHVKDYKY
;
_entity_poly.pdbx_strand_id   A,B,F,G
#
# COMPACT_ATOMS: atom_id res chain seq x y z
N PHE A 4 -38.62 -14.39 16.17
CA PHE A 4 -37.51 -14.04 15.23
C PHE A 4 -36.16 -14.37 15.85
N THR A 5 -35.65 -15.54 15.45
CA THR A 5 -34.26 -15.87 15.43
C THR A 5 -33.75 -15.50 14.04
N SER A 6 -32.63 -14.77 13.94
CA SER A 6 -31.92 -14.63 12.66
C SER A 6 -31.00 -15.86 12.48
N LYS A 7 -30.59 -16.15 11.24
CA LYS A 7 -29.61 -17.21 11.02
C LYS A 7 -28.22 -16.73 11.47
N PHE A 8 -28.08 -15.42 11.71
CA PHE A 8 -26.84 -14.77 12.12
C PHE A 8 -26.80 -14.51 13.64
N ALA A 9 -27.83 -14.93 14.39
CA ALA A 9 -27.95 -14.62 15.84
C ALA A 9 -26.60 -14.73 16.57
N ASP A 10 -25.89 -15.85 16.41
CA ASP A 10 -24.63 -16.14 17.15
C ASP A 10 -23.55 -15.10 16.80
N GLU A 11 -23.40 -14.83 15.50
CA GLU A 11 -22.41 -13.86 15.04
C GLU A 11 -22.84 -12.44 15.42
N LEU A 12 -24.13 -12.12 15.37
CA LEU A 12 -24.58 -10.78 15.79
C LEU A 12 -24.18 -10.55 17.27
N ILE A 13 -24.49 -11.53 18.12
CA ILE A 13 -24.26 -11.46 19.56
C ILE A 13 -22.75 -11.32 19.84
N ALA A 14 -21.94 -12.13 19.15
CA ALA A 14 -20.46 -12.09 19.34
C ALA A 14 -19.90 -10.72 18.93
N ASN A 15 -20.29 -10.21 17.77
CA ASN A 15 -19.76 -8.95 17.24
C ASN A 15 -20.23 -7.77 18.06
N ALA A 16 -21.49 -7.74 18.47
CA ALA A 16 -21.97 -6.62 19.30
C ALA A 16 -21.22 -6.62 20.64
N ALA A 17 -21.05 -7.80 21.24
CA ALA A 17 -20.24 -7.93 22.46
C ALA A 17 -18.82 -7.39 22.23
N TYR A 18 -18.22 -7.72 21.09
CA TYR A 18 -16.82 -7.37 20.77
C TYR A 18 -16.62 -5.86 20.69
N ILE A 19 -17.58 -5.15 20.10
CA ILE A 19 -17.51 -3.73 19.92
C ILE A 19 -17.23 -3.07 21.28
N GLY A 20 -17.85 -3.63 22.32
CA GLY A 20 -17.79 -3.13 23.67
C GLY A 20 -16.62 -3.72 24.48
N THR A 21 -15.68 -4.45 23.87
CA THR A 21 -14.40 -4.83 24.52
C THR A 21 -13.78 -3.66 25.28
N PRO A 22 -13.54 -3.74 26.62
CA PRO A 22 -12.95 -2.62 27.35
C PRO A 22 -11.59 -2.26 26.72
N GLY A 23 -11.42 -0.96 26.49
CA GLY A 23 -10.18 -0.45 25.90
C GLY A 23 -10.31 -0.19 24.41
N LYS A 24 -11.50 -0.40 23.85
CA LYS A 24 -11.77 -0.18 22.43
C LYS A 24 -13.10 0.56 22.24
N GLY A 25 -13.22 1.16 21.06
CA GLY A 25 -14.42 1.91 20.61
C GLY A 25 -14.45 2.02 19.09
N ILE A 26 -15.34 2.87 18.56
CA ILE A 26 -15.66 2.94 17.15
C ILE A 26 -15.19 4.29 16.62
N LEU A 27 -14.47 4.27 15.49
CA LEU A 27 -14.25 5.44 14.70
C LEU A 27 -15.40 5.57 13.69
N ALA A 28 -16.02 6.75 13.67
CA ALA A 28 -17.09 7.09 12.72
C ALA A 28 -16.45 7.94 11.61
N ALA A 29 -16.10 7.27 10.52
CA ALA A 29 -15.60 7.84 9.30
C ALA A 29 -16.65 7.73 8.18
N ASP A 30 -17.95 7.82 8.55
CA ASP A 30 -19.09 7.51 7.67
C ASP A 30 -19.74 8.79 7.12
N GLU A 31 -18.99 9.92 7.13
CA GLU A 31 -19.60 11.17 6.69
C GLU A 31 -19.73 11.11 5.16
N SER A 32 -20.92 11.57 4.73
CA SER A 32 -21.36 11.62 3.33
C SER A 32 -20.36 12.38 2.47
N THR A 33 -20.59 12.31 1.15
CA THR A 33 -19.79 13.03 0.19
C THR A 33 -19.93 14.54 0.48
N GLY A 34 -21.10 14.95 0.96
CA GLY A 34 -21.39 16.35 1.31
C GLY A 34 -20.68 16.79 2.58
N THR A 35 -20.95 16.08 3.68
CA THR A 35 -20.44 16.42 5.01
C THR A 35 -18.91 16.41 5.06
N ILE A 36 -18.29 15.42 4.43
CA ILE A 36 -16.85 15.31 4.44
C ILE A 36 -16.27 16.43 3.57
N GLY A 37 -17.05 16.89 2.59
CA GLY A 37 -16.75 18.10 1.85
C GLY A 37 -16.58 19.30 2.77
N LYS A 38 -17.60 19.53 3.62
CA LYS A 38 -17.62 20.68 4.59
C LYS A 38 -16.37 20.64 5.46
N ARG A 39 -16.00 19.43 5.90
CA ARG A 39 -14.79 19.17 6.69
C ARG A 39 -13.53 19.38 5.83
N LEU A 40 -13.59 18.97 4.55
CA LEU A 40 -12.42 19.07 3.64
C LEU A 40 -12.19 20.54 3.22
N ALA A 41 -13.28 21.28 3.01
CA ALA A 41 -13.21 22.72 2.75
C ALA A 41 -12.70 23.43 4.02
N SER A 42 -13.19 22.99 5.18
CA SER A 42 -12.82 23.54 6.49
C SER A 42 -11.30 23.69 6.64
N ILE A 43 -10.52 23.08 5.74
CA ILE A 43 -9.06 23.20 5.75
C ILE A 43 -8.57 23.36 4.29
N ASN A 44 -9.38 24.01 3.45
CA ASN A 44 -9.08 24.36 2.05
C ASN A 44 -8.59 23.14 1.27
N VAL A 45 -9.46 22.11 1.18
CA VAL A 45 -9.20 20.92 0.36
C VAL A 45 -10.43 20.63 -0.50
N GLU A 46 -10.17 20.40 -1.81
CA GLU A 46 -11.26 20.14 -2.76
C GLU A 46 -11.84 18.76 -2.42
N ASN A 47 -13.17 18.66 -2.48
CA ASN A 47 -13.87 17.46 -2.16
C ASN A 47 -13.90 16.56 -3.40
N VAL A 48 -12.76 15.90 -3.66
CA VAL A 48 -12.64 14.88 -4.69
C VAL A 48 -12.46 13.54 -3.98
N GLU A 49 -12.90 12.46 -4.63
CA GLU A 49 -12.77 11.11 -4.08
C GLU A 49 -11.30 10.77 -3.77
N SER A 50 -10.36 11.32 -4.54
CA SER A 50 -8.93 11.11 -4.26
C SER A 50 -8.56 11.59 -2.84
N ASN A 51 -9.20 12.68 -2.39
CA ASN A 51 -8.90 13.34 -1.10
C ASN A 51 -9.69 12.68 0.06
N ARG A 52 -10.99 12.44 -0.19
CA ARG A 52 -11.81 11.61 0.69
C ARG A 52 -11.09 10.29 1.02
N ARG A 53 -10.56 9.64 -0.02
CA ARG A 53 -9.80 8.40 0.10
C ARG A 53 -8.54 8.64 0.96
N ALA A 54 -7.85 9.77 0.72
CA ALA A 54 -6.56 10.08 1.36
C ALA A 54 -6.76 10.33 2.86
N LEU A 55 -7.83 11.06 3.23
CA LEU A 55 -8.12 11.35 4.63
C LEU A 55 -8.36 10.04 5.40
N ARG A 56 -9.21 9.16 4.85
CA ARG A 56 -9.57 7.90 5.50
C ARG A 56 -8.34 6.99 5.57
N GLU A 57 -7.51 6.99 4.54
CA GLU A 57 -6.29 6.16 4.50
C GLU A 57 -5.33 6.56 5.62
N LEU A 58 -5.15 7.88 5.77
CA LEU A 58 -4.35 8.48 6.82
C LEU A 58 -4.79 7.94 8.21
N LEU A 59 -6.09 7.92 8.45
CA LEU A 59 -6.64 7.43 9.70
C LEU A 59 -6.28 5.94 9.87
N PHE A 60 -6.60 5.13 8.86
CA PHE A 60 -6.60 3.66 9.02
C PHE A 60 -5.18 3.09 9.04
N THR A 61 -4.21 3.78 8.41
CA THR A 61 -2.80 3.33 8.36
C THR A 61 -1.96 3.99 9.47
N THR A 62 -2.61 4.73 10.39
CA THR A 62 -1.95 5.30 11.59
C THR A 62 -1.42 4.15 12.44
N PRO A 63 -0.09 4.02 12.60
CA PRO A 63 0.48 2.99 13.46
C PRO A 63 -0.01 3.15 14.92
N GLY A 64 -0.50 2.04 15.48
CA GLY A 64 -0.93 1.99 16.88
C GLY A 64 -2.39 2.43 17.10
N ALA A 65 -3.11 2.81 16.03
CA ALA A 65 -4.47 3.34 16.16
C ALA A 65 -5.51 2.22 16.14
N LEU A 66 -5.40 1.31 15.17
CA LEU A 66 -6.41 0.27 14.97
C LEU A 66 -6.65 -0.57 16.23
N PRO A 67 -5.61 -0.94 17.02
CA PRO A 67 -5.80 -1.61 18.32
C PRO A 67 -6.73 -0.94 19.36
N CYS A 68 -6.91 0.37 19.21
CA CYS A 68 -7.80 1.16 20.06
C CYS A 68 -9.25 1.08 19.55
N LEU A 69 -9.47 0.47 18.38
CA LEU A 69 -10.77 0.50 17.72
C LEU A 69 -11.32 -0.94 17.56
N SER A 70 -12.54 -1.15 18.07
CA SER A 70 -13.32 -2.35 17.84
C SER A 70 -14.07 -2.28 16.50
N GLY A 71 -14.33 -1.05 16.02
CA GLY A 71 -15.12 -0.83 14.81
C GLY A 71 -14.75 0.47 14.12
N VAL A 72 -14.98 0.50 12.80
CA VAL A 72 -14.91 1.74 12.02
C VAL A 72 -16.20 1.83 11.18
N ILE A 73 -17.00 2.89 11.35
CA ILE A 73 -18.16 3.11 10.47
C ILE A 73 -17.69 3.79 9.17
N LEU A 74 -18.01 3.16 8.04
CA LEU A 74 -17.66 3.61 6.72
C LEU A 74 -18.90 4.13 5.99
N PHE A 75 -18.68 5.08 5.10
CA PHE A 75 -19.64 5.50 4.09
C PHE A 75 -19.52 4.49 2.93
N GLU A 76 -20.57 4.37 2.10
CA GLU A 76 -20.67 3.37 1.00
C GLU A 76 -19.38 3.37 0.17
N GLU A 77 -19.02 4.56 -0.33
CA GLU A 77 -17.84 4.80 -1.13
C GLU A 77 -16.61 4.14 -0.49
N THR A 78 -16.40 4.39 0.81
CA THR A 78 -15.18 3.99 1.50
C THR A 78 -15.15 2.46 1.68
N LEU A 79 -16.32 1.82 1.80
CA LEU A 79 -16.38 0.39 2.02
C LEU A 79 -15.75 -0.33 0.82
N TYR A 80 -15.78 0.25 -0.38
CA TYR A 80 -15.25 -0.44 -1.59
C TYR A 80 -13.93 0.20 -2.06
N GLN A 81 -13.45 1.20 -1.31
CA GLN A 81 -12.24 1.91 -1.62
C GLN A 81 -11.03 1.03 -1.29
N LYS A 82 -9.94 1.25 -2.02
CA LYS A 82 -8.66 0.64 -1.76
C LYS A 82 -7.72 1.74 -1.23
N SER A 83 -6.74 1.34 -0.42
CA SER A 83 -5.64 2.23 -0.06
C SER A 83 -4.73 2.42 -1.29
N SER A 84 -3.74 3.29 -1.15
CA SER A 84 -2.85 3.69 -2.22
C SER A 84 -1.93 2.52 -2.62
N ASP A 85 -1.68 1.60 -1.67
CA ASP A 85 -0.78 0.48 -1.88
C ASP A 85 -1.58 -0.74 -2.38
N GLY A 86 -2.87 -0.57 -2.66
CA GLY A 86 -3.69 -1.64 -3.22
C GLY A 86 -4.40 -2.51 -2.18
N THR A 87 -4.18 -2.21 -0.90
CA THR A 87 -4.88 -2.93 0.19
C THR A 87 -6.31 -2.43 0.30
N PRO A 88 -7.32 -3.31 0.16
CA PRO A 88 -8.72 -2.97 0.47
C PRO A 88 -8.87 -2.49 1.93
N PHE A 89 -9.53 -1.35 2.17
CA PHE A 89 -9.64 -0.83 3.53
C PHE A 89 -10.25 -1.89 4.47
N VAL A 90 -11.26 -2.61 3.99
CA VAL A 90 -11.94 -3.59 4.85
C VAL A 90 -10.93 -4.68 5.27
N ASP A 91 -9.96 -5.04 4.43
CA ASP A 91 -8.98 -6.05 4.79
C ASP A 91 -8.03 -5.47 5.84
N MET A 92 -7.61 -4.23 5.59
CA MET A 92 -6.79 -3.43 6.49
C MET A 92 -7.37 -3.44 7.90
N LEU A 93 -8.69 -3.28 7.99
CA LEU A 93 -9.40 -3.24 9.24
C LEU A 93 -9.44 -4.64 9.88
N LYS A 94 -9.80 -5.67 9.11
CA LYS A 94 -9.99 -7.02 9.66
C LYS A 94 -8.64 -7.63 10.10
N SER A 95 -7.53 -7.26 9.47
CA SER A 95 -6.19 -7.77 9.85
C SER A 95 -5.80 -7.29 11.25
N ALA A 96 -6.32 -6.12 11.63
CA ALA A 96 -6.08 -5.49 12.92
C ALA A 96 -7.20 -5.85 13.91
N GLY A 97 -8.14 -6.70 13.52
CA GLY A 97 -9.25 -7.10 14.37
C GLY A 97 -10.35 -6.06 14.46
N VAL A 98 -10.39 -5.07 13.56
CA VAL A 98 -11.43 -4.03 13.60
C VAL A 98 -12.61 -4.46 12.72
N LEU A 99 -13.85 -4.41 13.23
CA LEU A 99 -15.01 -4.79 12.41
C LEU A 99 -15.36 -3.62 11.49
N PRO A 100 -15.53 -3.84 10.19
CA PRO A 100 -16.04 -2.78 9.32
C PRO A 100 -17.55 -2.61 9.58
N GLY A 101 -17.98 -1.35 9.63
CA GLY A 101 -19.38 -1.02 9.68
C GLY A 101 -19.76 -0.12 8.53
N ILE A 102 -21.08 0.07 8.36
CA ILE A 102 -21.63 0.71 7.18
C ILE A 102 -22.83 1.59 7.59
N LYS A 103 -22.80 2.89 7.24
CA LYS A 103 -23.94 3.76 7.34
C LYS A 103 -24.95 3.39 6.25
N VAL A 104 -26.22 3.16 6.64
CA VAL A 104 -27.25 2.63 5.69
C VAL A 104 -28.43 3.57 5.51
N ASP A 105 -28.58 4.60 6.34
CA ASP A 105 -29.71 5.53 6.27
C ASP A 105 -29.51 6.40 5.03
N LYS A 106 -30.59 6.98 4.52
CA LYS A 106 -30.55 7.84 3.34
C LYS A 106 -30.94 9.28 3.71
N GLY A 107 -30.42 9.78 4.82
CA GLY A 107 -30.66 11.15 5.24
C GLY A 107 -32.01 11.33 5.94
N THR A 108 -32.29 12.59 6.27
CA THR A 108 -33.51 12.98 6.93
C THR A 108 -34.36 13.80 5.95
N VAL A 109 -35.66 13.86 6.24
CA VAL A 109 -36.64 14.74 5.58
C VAL A 109 -37.56 15.32 6.68
N GLU A 110 -38.11 16.51 6.41
CA GLU A 110 -38.94 17.20 7.40
C GLU A 110 -40.36 16.60 7.43
N LEU A 111 -40.90 16.54 8.64
CA LEU A 111 -42.24 16.09 8.89
C LEU A 111 -43.18 17.27 8.72
N ALA A 112 -44.21 17.11 7.88
CA ALA A 112 -45.28 18.08 7.77
C ALA A 112 -45.98 18.25 9.13
N GLY A 113 -46.34 19.47 9.45
CA GLY A 113 -47.17 19.76 10.59
C GLY A 113 -46.37 19.85 11.87
N THR A 114 -45.04 19.88 11.74
CA THR A 114 -44.15 20.06 12.87
C THR A 114 -43.24 21.28 12.61
N ASN A 115 -42.45 21.64 13.60
CA ASN A 115 -41.59 22.77 13.47
C ASN A 115 -40.18 22.30 13.11
N GLY A 116 -40.01 21.91 11.85
CA GLY A 116 -38.72 21.47 11.30
C GLY A 116 -38.20 20.16 11.87
N GLU A 117 -39.07 19.33 12.45
CA GLU A 117 -38.64 18.00 12.93
C GLU A 117 -38.52 17.06 11.73
N THR A 118 -37.68 16.05 11.88
CA THR A 118 -37.37 15.21 10.81
C THR A 118 -37.67 13.76 11.19
N THR A 119 -37.74 12.97 10.12
CA THR A 119 -37.74 11.57 10.11
C THR A 119 -36.63 11.15 9.12
N THR A 120 -36.12 9.94 9.31
CA THR A 120 -35.02 9.44 8.59
C THR A 120 -35.52 8.44 7.54
N GLN A 121 -34.90 8.51 6.35
CA GLN A 121 -35.22 7.68 5.22
C GLN A 121 -34.24 6.51 5.11
N GLY A 122 -34.64 5.49 4.34
CA GLY A 122 -33.71 4.45 3.90
C GLY A 122 -34.20 3.01 4.03
N LEU A 123 -35.46 2.78 4.39
CA LEU A 123 -35.97 1.41 4.54
C LEU A 123 -36.09 0.74 3.17
N ASP A 124 -36.33 1.51 2.11
CA ASP A 124 -36.59 0.86 0.82
C ASP A 124 -35.32 0.21 0.27
N GLY A 125 -35.42 -1.11 0.05
CA GLY A 125 -34.35 -1.90 -0.52
C GLY A 125 -33.20 -2.12 0.45
N LEU A 126 -33.46 -1.98 1.76
CA LEU A 126 -32.41 -1.95 2.75
C LEU A 126 -31.85 -3.36 2.95
N GLY A 127 -32.74 -4.37 2.90
CA GLY A 127 -32.36 -5.76 3.06
C GLY A 127 -31.36 -6.20 2.01
N ASP A 128 -31.57 -5.82 0.76
CA ASP A 128 -30.66 -6.21 -0.29
C ASP A 128 -29.37 -5.40 -0.20
N ARG A 129 -29.46 -4.14 0.26
CA ARG A 129 -28.26 -3.32 0.48
C ARG A 129 -27.41 -3.97 1.59
N CYS A 130 -28.05 -4.33 2.72
CA CYS A 130 -27.40 -4.93 3.88
C CYS A 130 -26.67 -6.25 3.54
N LYS A 131 -27.37 -7.10 2.80
CA LYS A 131 -26.84 -8.33 2.29
C LYS A 131 -25.59 -8.06 1.44
N LYS A 132 -25.65 -7.07 0.55
CA LYS A 132 -24.51 -6.74 -0.32
C LYS A 132 -23.34 -6.17 0.52
N TYR A 133 -23.67 -5.46 1.60
CA TYR A 133 -22.67 -4.87 2.48
C TYR A 133 -21.98 -5.98 3.31
N TYR A 134 -22.78 -6.93 3.80
CA TYR A 134 -22.25 -8.09 4.50
C TYR A 134 -21.25 -8.82 3.59
N GLU A 135 -21.67 -9.13 2.35
CA GLU A 135 -20.79 -9.73 1.39
C GLU A 135 -19.52 -8.89 1.22
N ALA A 136 -19.61 -7.57 1.36
CA ALA A 136 -18.43 -6.69 1.18
C ALA A 136 -17.51 -6.66 2.41
N GLY A 137 -17.91 -7.27 3.54
CA GLY A 137 -17.10 -7.34 4.78
C GLY A 137 -17.69 -6.58 5.95
N ALA A 138 -18.84 -5.92 5.77
CA ALA A 138 -19.42 -5.15 6.85
C ALA A 138 -20.11 -6.10 7.81
N ARG A 139 -20.01 -5.83 9.12
CA ARG A 139 -20.59 -6.70 10.12
C ARG A 139 -21.45 -5.87 11.10
N PHE A 140 -21.48 -4.55 10.94
CA PHE A 140 -22.44 -3.70 11.68
C PHE A 140 -22.90 -2.52 10.83
N ALA A 141 -23.97 -1.89 11.27
CA ALA A 141 -24.63 -0.90 10.48
C ALA A 141 -24.97 0.30 11.35
N LYS A 142 -25.23 1.45 10.72
CA LYS A 142 -25.57 2.65 11.41
C LYS A 142 -26.72 3.36 10.70
N TRP A 143 -27.63 3.89 11.52
CA TRP A 143 -28.78 4.66 11.08
C TRP A 143 -29.04 5.76 12.09
N ARG A 144 -28.99 7.01 11.62
CA ARG A 144 -29.13 8.20 12.46
C ARG A 144 -30.54 8.80 12.34
N ALA A 145 -31.24 8.82 13.47
CA ALA A 145 -32.43 9.61 13.68
C ALA A 145 -32.06 10.88 14.44
N VAL A 146 -32.68 12.01 14.05
CA VAL A 146 -32.38 13.30 14.61
C VAL A 146 -33.64 13.81 15.30
N LEU A 147 -33.53 14.21 16.56
CA LEU A 147 -34.60 14.80 17.35
C LEU A 147 -34.11 16.13 17.92
N LYS A 148 -34.99 17.12 18.06
CA LYS A 148 -34.57 18.41 18.61
C LYS A 148 -35.37 18.69 19.89
N ILE A 149 -34.83 19.63 20.66
CA ILE A 149 -35.43 20.07 21.92
C ILE A 149 -35.95 21.48 21.69
N GLY A 150 -37.24 21.68 21.96
CA GLY A 150 -37.91 22.94 21.78
C GLY A 150 -39.06 23.04 22.75
N VAL A 151 -39.86 24.11 22.58
CA VAL A 151 -41.03 24.36 23.40
C VAL A 151 -41.91 23.11 23.36
N ASN A 152 -42.27 22.67 22.16
CA ASN A 152 -43.16 21.52 21.95
C ASN A 152 -42.38 20.35 21.31
N GLU A 153 -41.05 20.28 21.49
CA GLU A 153 -40.24 19.28 20.80
C GLU A 153 -39.38 18.52 21.81
N PRO A 154 -39.15 17.23 21.53
CA PRO A 154 -39.60 16.58 20.31
C PRO A 154 -41.08 16.20 20.44
N SER A 155 -41.81 16.29 19.33
CA SER A 155 -43.22 15.94 19.31
C SER A 155 -43.37 14.41 19.37
N GLN A 156 -44.56 14.00 19.82
CA GLN A 156 -44.94 12.64 19.89
C GLN A 156 -44.81 12.00 18.50
N LEU A 157 -45.20 12.72 17.45
CA LEU A 157 -45.05 12.22 16.07
C LEU A 157 -43.57 12.02 15.69
N ALA A 158 -42.70 12.97 16.06
CA ALA A 158 -41.27 12.86 15.75
C ALA A 158 -40.66 11.64 16.47
N ILE A 159 -40.97 11.50 17.75
CA ILE A 159 -40.44 10.40 18.54
C ILE A 159 -40.86 9.06 17.90
N HIS A 160 -42.17 8.94 17.65
CA HIS A 160 -42.76 7.73 17.12
C HIS A 160 -42.13 7.33 15.78
N GLU A 161 -42.02 8.29 14.87
CA GLU A 161 -41.54 8.04 13.50
C GLU A 161 -40.07 7.58 13.58
N ASN A 162 -39.30 8.18 14.47
CA ASN A 162 -37.90 7.92 14.52
C ASN A 162 -37.65 6.60 15.26
N ALA A 163 -38.36 6.37 16.37
CA ALA A 163 -38.27 5.12 17.12
C ALA A 163 -38.64 3.90 16.26
N TYR A 164 -39.75 3.97 15.51
CA TYR A 164 -40.23 2.82 14.80
C TYR A 164 -39.39 2.66 13.53
N GLY A 165 -38.86 3.77 13.00
CA GLY A 165 -37.95 3.71 11.87
C GLY A 165 -36.63 3.03 12.24
N LEU A 166 -36.16 3.35 13.45
CA LEU A 166 -34.99 2.67 13.97
C LEU A 166 -35.28 1.18 14.18
N ALA A 167 -36.49 0.86 14.65
CA ALA A 167 -36.81 -0.51 15.05
C ALA A 167 -36.90 -1.40 13.80
N ARG A 168 -37.51 -0.89 12.72
CA ARG A 168 -37.65 -1.64 11.51
C ARG A 168 -36.27 -1.83 10.88
N TYR A 169 -35.43 -0.79 10.91
CA TYR A 169 -34.07 -0.81 10.37
C TYR A 169 -33.25 -1.88 11.09
N ALA A 170 -33.40 -1.93 12.42
CA ALA A 170 -32.70 -2.85 13.29
C ALA A 170 -32.98 -4.30 12.88
N VAL A 171 -34.26 -4.59 12.61
CA VAL A 171 -34.66 -5.93 12.21
C VAL A 171 -34.01 -6.31 10.89
N ILE A 172 -34.12 -5.46 9.88
CA ILE A 172 -33.61 -5.80 8.52
C ILE A 172 -32.10 -6.01 8.59
N CYS A 173 -31.44 -5.26 9.49
CA CYS A 173 -30.02 -5.38 9.68
C CYS A 173 -29.70 -6.80 10.17
N GLN A 174 -30.44 -7.22 11.20
CA GLN A 174 -30.18 -8.48 11.86
C GLN A 174 -30.51 -9.63 10.91
N GLU A 175 -31.57 -9.53 10.12
CA GLU A 175 -31.90 -10.54 9.12
C GLU A 175 -30.74 -10.76 8.14
N ASN A 176 -29.92 -9.72 7.88
CA ASN A 176 -28.84 -9.81 6.91
C ASN A 176 -27.47 -9.79 7.59
N GLY A 177 -27.38 -9.99 8.90
CA GLY A 177 -26.08 -10.30 9.54
C GLY A 177 -25.29 -9.06 10.00
N LEU A 178 -25.88 -7.86 9.93
CA LEU A 178 -25.25 -6.65 10.45
C LEU A 178 -25.85 -6.33 11.83
N VAL A 179 -24.96 -6.13 12.81
CA VAL A 179 -25.36 -5.62 14.09
C VAL A 179 -25.80 -4.19 13.89
N PRO A 180 -27.05 -3.82 14.21
CA PRO A 180 -27.51 -2.45 14.03
C PRO A 180 -27.06 -1.56 15.18
N ILE A 181 -26.38 -0.45 14.86
CA ILE A 181 -26.22 0.67 15.83
C ILE A 181 -27.50 1.51 15.75
N VAL A 182 -28.22 1.58 16.87
CA VAL A 182 -29.40 2.37 17.03
C VAL A 182 -28.96 3.74 17.52
N GLU A 183 -29.18 4.78 16.72
CA GLU A 183 -28.63 6.11 17.00
C GLU A 183 -29.73 7.15 17.00
N PRO A 184 -30.40 7.36 18.16
CA PRO A 184 -31.32 8.48 18.34
C PRO A 184 -30.61 9.73 18.88
N GLU A 185 -30.03 10.52 17.99
CA GLU A 185 -29.34 11.71 18.40
C GLU A 185 -30.34 12.83 18.74
N ILE A 186 -30.35 13.26 19.99
CA ILE A 186 -30.97 14.47 20.39
C ILE A 186 -29.95 15.60 20.25
N LEU A 187 -30.27 16.55 19.36
CA LEU A 187 -29.38 17.70 19.05
C LEU A 187 -29.29 18.62 20.27
N VAL A 188 -28.14 19.30 20.41
CA VAL A 188 -27.85 20.15 21.56
C VAL A 188 -28.52 21.52 21.40
N ASP A 189 -28.95 21.89 20.18
CA ASP A 189 -29.29 23.32 19.88
C ASP A 189 -30.35 23.84 20.87
N GLY A 190 -30.06 24.96 21.50
CA GLY A 190 -31.01 25.74 22.28
C GLY A 190 -30.45 26.15 23.63
N SER A 191 -31.35 26.63 24.49
CA SER A 191 -30.99 27.24 25.76
C SER A 191 -31.39 26.38 26.96
N HIS A 192 -31.91 25.19 26.72
CA HIS A 192 -32.28 24.27 27.80
C HIS A 192 -31.06 23.86 28.64
N ASP A 193 -31.35 23.44 29.87
CA ASP A 193 -30.36 23.01 30.79
C ASP A 193 -30.21 21.48 30.65
N ILE A 194 -29.27 20.91 31.40
CA ILE A 194 -28.94 19.52 31.35
C ILE A 194 -30.15 18.70 31.87
N GLN A 195 -30.93 19.22 32.83
CA GLN A 195 -32.06 18.50 33.38
C GLN A 195 -33.08 18.22 32.25
N LYS A 196 -33.29 19.22 31.40
CA LYS A 196 -34.19 19.06 30.29
C LYS A 196 -33.66 18.02 29.29
N CYS A 197 -32.36 18.11 29.01
CA CYS A 197 -31.79 17.13 28.12
C CYS A 197 -31.96 15.71 28.70
N ALA A 198 -31.93 15.58 30.03
CA ALA A 198 -32.04 14.29 30.69
C ALA A 198 -33.44 13.73 30.46
N ALA A 199 -34.45 14.54 30.72
CA ALA A 199 -35.85 14.16 30.58
C ALA A 199 -36.18 13.76 29.13
N VAL A 200 -35.73 14.55 28.17
CA VAL A 200 -35.97 14.27 26.75
C VAL A 200 -35.25 12.98 26.34
N THR A 201 -33.97 12.81 26.75
CA THR A 201 -33.21 11.63 26.41
C THR A 201 -33.88 10.40 27.01
N GLU A 202 -34.38 10.51 28.26
CA GLU A 202 -35.10 9.40 28.92
C GLU A 202 -36.36 9.05 28.12
N ARG A 203 -37.11 10.06 27.71
CA ARG A 203 -38.34 9.83 26.96
C ARG A 203 -38.03 9.09 25.64
N VAL A 204 -37.05 9.58 24.88
CA VAL A 204 -36.75 9.08 23.55
C VAL A 204 -36.26 7.64 23.61
N LEU A 205 -35.30 7.34 24.51
CA LEU A 205 -34.74 6.00 24.62
C LEU A 205 -35.82 5.00 25.04
N ALA A 206 -36.72 5.40 25.94
CA ALA A 206 -37.74 4.51 26.36
C ALA A 206 -38.66 4.19 25.19
N ALA A 207 -38.96 5.19 24.36
CA ALA A 207 -39.77 4.96 23.17
C ALA A 207 -39.01 4.05 22.18
N CYS A 208 -37.69 4.21 22.09
CA CYS A 208 -36.89 3.43 21.17
C CYS A 208 -36.92 1.97 21.59
N TYR A 209 -36.76 1.70 22.89
CA TYR A 209 -36.65 0.28 23.35
C TYR A 209 -38.03 -0.38 23.33
N LYS A 210 -39.11 0.40 23.51
CA LYS A 210 -40.44 -0.11 23.30
C LYS A 210 -40.63 -0.51 21.83
N ALA A 211 -40.15 0.34 20.90
CA ALA A 211 -40.30 0.06 19.47
C ALA A 211 -39.51 -1.20 19.08
N LEU A 212 -38.28 -1.30 19.60
CA LEU A 212 -37.42 -2.43 19.35
C LEU A 212 -38.04 -3.74 19.85
N SER A 213 -38.70 -3.71 21.01
CA SER A 213 -39.45 -4.85 21.55
C SER A 213 -40.64 -5.23 20.64
N ASP A 214 -41.44 -4.24 20.19
CA ASP A 214 -42.58 -4.52 19.32
C ASP A 214 -42.11 -5.16 18.01
N HIS A 215 -40.88 -4.83 17.56
CA HIS A 215 -40.35 -5.38 16.30
C HIS A 215 -39.57 -6.69 16.48
N HIS A 216 -39.53 -7.24 17.70
CA HIS A 216 -38.91 -8.52 18.00
C HIS A 216 -37.41 -8.51 17.74
N VAL A 217 -36.75 -7.39 17.99
CA VAL A 217 -35.32 -7.25 17.75
C VAL A 217 -34.53 -8.00 18.84
N LEU A 218 -33.51 -8.75 18.41
CA LEU A 218 -32.52 -9.38 19.30
C LEU A 218 -31.60 -8.32 19.93
N LEU A 219 -31.90 -7.91 21.18
CA LEU A 219 -31.21 -6.79 21.86
C LEU A 219 -29.73 -7.09 22.10
N GLU A 220 -29.42 -8.34 22.41
CA GLU A 220 -28.03 -8.74 22.64
C GLU A 220 -27.22 -8.61 21.33
N GLY A 221 -27.90 -8.40 20.22
CA GLY A 221 -27.24 -8.23 18.92
C GLY A 221 -27.37 -6.81 18.39
N THR A 222 -27.57 -5.84 19.28
CA THR A 222 -27.70 -4.43 18.91
C THR A 222 -26.67 -3.60 19.68
N LEU A 223 -26.49 -2.35 19.24
CA LEU A 223 -25.70 -1.35 19.89
C LEU A 223 -26.54 -0.08 19.99
N LEU A 224 -26.24 0.76 20.97
CA LEU A 224 -26.88 2.07 21.14
C LEU A 224 -25.86 3.19 20.97
N LYS A 225 -26.22 4.20 20.17
CA LYS A 225 -25.38 5.35 19.99
C LYS A 225 -26.18 6.58 20.35
N PRO A 226 -26.28 6.93 21.65
CA PRO A 226 -27.05 8.10 22.05
C PRO A 226 -26.09 9.30 22.21
N ASN A 227 -26.69 10.48 22.28
CA ASN A 227 -26.07 11.67 22.77
C ASN A 227 -25.75 11.45 24.24
N MET A 228 -24.66 12.08 24.70
CA MET A 228 -24.47 12.27 26.10
C MET A 228 -25.52 13.29 26.54
N VAL A 229 -25.82 13.30 27.83
CA VAL A 229 -26.72 14.25 28.38
C VAL A 229 -25.92 15.51 28.74
N THR A 230 -26.25 16.63 28.09
CA THR A 230 -25.51 17.87 28.24
C THR A 230 -26.49 19.04 28.22
N PRO A 231 -26.09 20.21 28.72
CA PRO A 231 -26.85 21.44 28.53
C PRO A 231 -26.86 21.80 27.05
N GLY A 232 -27.88 22.55 26.63
CA GLY A 232 -27.95 23.04 25.28
C GLY A 232 -26.75 23.90 24.87
N SER A 233 -26.60 24.08 23.57
CA SER A 233 -25.49 24.80 22.97
C SER A 233 -25.36 26.24 23.46
N GLU A 234 -26.44 26.85 23.94
CA GLU A 234 -26.44 28.26 24.35
C GLU A 234 -26.23 28.38 25.88
N SER A 235 -26.16 27.26 26.59
CA SER A 235 -26.09 27.24 28.06
C SER A 235 -24.65 27.02 28.51
N ALA A 236 -24.38 27.30 29.78
CA ALA A 236 -23.03 27.16 30.35
C ALA A 236 -22.60 25.69 30.24
N LYS A 237 -21.39 25.43 29.76
CA LYS A 237 -20.83 24.11 29.81
C LYS A 237 -20.62 23.68 31.27
N VAL A 238 -20.64 22.38 31.47
CA VAL A 238 -20.67 21.79 32.76
C VAL A 238 -19.61 20.67 32.85
N ALA A 239 -19.18 20.39 34.08
CA ALA A 239 -18.05 19.50 34.32
C ALA A 239 -18.38 18.05 33.93
N PRO A 240 -17.35 17.25 33.57
CA PRO A 240 -17.55 15.85 33.19
C PRO A 240 -18.28 14.99 34.24
N GLU A 241 -18.04 15.25 35.52
CA GLU A 241 -18.69 14.53 36.62
C GLU A 241 -20.22 14.72 36.54
N VAL A 242 -20.66 15.89 36.07
CA VAL A 242 -22.09 16.24 35.98
C VAL A 242 -22.70 15.60 34.72
N ILE A 243 -22.03 15.73 33.58
CA ILE A 243 -22.40 15.00 32.36
C ILE A 243 -22.53 13.49 32.65
N ALA A 244 -21.58 12.94 33.40
CA ALA A 244 -21.51 11.50 33.67
C ALA A 244 -22.75 11.05 34.46
N GLU A 245 -23.00 11.76 35.56
CA GLU A 245 -24.03 11.46 36.49
C GLU A 245 -25.40 11.51 35.79
N HIS A 246 -25.64 12.52 34.96
CA HIS A 246 -26.95 12.65 34.27
C HIS A 246 -27.07 11.65 33.11
N THR A 247 -26.00 11.47 32.33
CA THR A 247 -26.00 10.52 31.23
C THR A 247 -26.27 9.09 31.75
N VAL A 248 -25.43 8.61 32.67
CA VAL A 248 -25.52 7.22 33.15
C VAL A 248 -26.90 7.00 33.79
N ARG A 249 -27.40 7.96 34.61
CA ARG A 249 -28.74 7.84 35.21
C ARG A 249 -29.80 7.68 34.11
N ALA A 250 -29.68 8.43 33.02
CA ALA A 250 -30.64 8.36 31.90
C ALA A 250 -30.64 6.98 31.26
N LEU A 251 -29.44 6.43 31.10
CA LEU A 251 -29.26 5.08 30.51
C LEU A 251 -29.75 4.01 31.50
N GLN A 252 -29.47 4.20 32.79
CA GLN A 252 -29.94 3.25 33.79
C GLN A 252 -31.46 3.14 33.73
N ARG A 253 -32.13 4.22 33.33
CA ARG A 253 -33.58 4.27 33.39
C ARG A 253 -34.26 3.72 32.13
N THR A 254 -33.48 3.37 31.10
CA THR A 254 -34.08 3.11 29.84
C THR A 254 -33.44 1.94 29.08
N VAL A 255 -32.11 1.76 29.09
CA VAL A 255 -31.45 0.80 28.19
C VAL A 255 -31.32 -0.58 28.83
N PRO A 256 -32.00 -1.62 28.30
CA PRO A 256 -31.89 -2.95 28.89
C PRO A 256 -30.44 -3.44 29.03
N ALA A 257 -30.18 -4.22 30.08
CA ALA A 257 -28.88 -4.87 30.33
C ALA A 257 -28.49 -5.72 29.12
N ALA A 258 -29.48 -6.25 28.39
CA ALA A 258 -29.24 -7.14 27.28
C ALA A 258 -28.40 -6.44 26.23
N VAL A 259 -28.54 -5.12 26.12
CA VAL A 259 -27.70 -4.37 25.20
C VAL A 259 -26.26 -4.42 25.70
N PRO A 260 -25.30 -4.87 24.86
CA PRO A 260 -23.92 -5.07 25.34
C PRO A 260 -23.06 -3.81 25.47
N ALA A 261 -23.34 -2.76 24.68
CA ALA A 261 -22.43 -1.62 24.62
C ALA A 261 -23.20 -0.40 24.17
N ILE A 262 -22.82 0.75 24.75
CA ILE A 262 -23.33 2.04 24.41
C ILE A 262 -22.12 2.87 23.97
N VAL A 263 -22.15 3.23 22.68
CA VAL A 263 -21.06 3.92 22.06
C VAL A 263 -21.53 5.35 21.77
N PHE A 264 -21.07 6.28 22.60
CA PHE A 264 -21.57 7.63 22.61
C PHE A 264 -21.13 8.37 21.35
N LEU A 265 -22.05 9.17 20.81
CA LEU A 265 -21.72 10.13 19.77
C LEU A 265 -21.17 11.37 20.48
N SER A 266 -20.26 12.05 19.77
CA SER A 266 -19.58 13.22 20.23
C SER A 266 -20.46 14.44 20.06
N GLY A 267 -21.18 14.53 18.93
CA GLY A 267 -22.06 15.67 18.64
C GLY A 267 -21.28 16.98 18.50
N GLY A 268 -21.61 17.95 19.36
CA GLY A 268 -20.95 19.26 19.33
C GLY A 268 -19.58 19.31 20.00
N GLN A 269 -19.20 18.26 20.73
CA GLN A 269 -18.12 18.32 21.73
C GLN A 269 -16.75 18.36 21.07
N SER A 270 -15.81 19.06 21.74
CA SER A 270 -14.43 19.04 21.35
C SER A 270 -13.81 17.68 21.65
N GLU A 271 -12.62 17.45 21.09
CA GLU A 271 -11.93 16.21 21.29
C GLU A 271 -11.73 15.94 22.79
N GLU A 272 -11.16 16.91 23.53
CA GLU A 272 -10.76 16.69 24.93
C GLU A 272 -11.99 16.54 25.83
N GLU A 273 -13.06 17.29 25.49
CA GLU A 273 -14.30 17.29 26.25
C GLU A 273 -14.99 15.92 26.13
N ALA A 274 -14.98 15.36 24.92
CA ALA A 274 -15.60 14.06 24.68
C ALA A 274 -14.89 13.00 25.52
N THR A 275 -13.57 13.03 25.52
CA THR A 275 -12.78 12.04 26.16
C THR A 275 -12.99 12.15 27.66
N ARG A 276 -12.94 13.37 28.19
CA ARG A 276 -13.05 13.62 29.63
C ARG A 276 -14.43 13.16 30.12
N ASN A 277 -15.46 13.43 29.32
CA ASN A 277 -16.85 13.07 29.60
C ASN A 277 -17.00 11.53 29.67
N LEU A 278 -16.48 10.81 28.67
CA LEU A 278 -16.54 9.36 28.64
C LEU A 278 -15.78 8.78 29.85
N ASN A 279 -14.58 9.30 30.09
CA ASN A 279 -13.74 8.88 31.17
C ASN A 279 -14.52 8.96 32.51
N ALA A 280 -15.22 10.07 32.74
CA ALA A 280 -15.91 10.28 34.02
C ALA A 280 -17.06 9.28 34.16
N MET A 281 -17.67 8.87 33.06
CA MET A 281 -18.74 7.92 33.14
C MET A 281 -18.17 6.56 33.60
N ASN A 282 -16.98 6.21 33.16
CA ASN A 282 -16.36 4.98 33.57
C ASN A 282 -15.72 5.09 34.95
N GLN A 283 -15.77 6.27 35.61
CA GLN A 283 -15.26 6.43 36.99
C GLN A 283 -16.43 6.48 37.98
N LEU A 284 -17.66 6.46 37.47
CA LEU A 284 -18.85 6.55 38.28
C LEU A 284 -19.19 5.17 38.85
N LYS A 285 -19.20 5.04 40.19
CA LYS A 285 -19.41 3.73 40.80
C LYS A 285 -20.90 3.46 40.93
N THR A 286 -21.46 2.70 39.98
CA THR A 286 -22.87 2.44 39.88
C THR A 286 -23.08 1.28 38.90
N LYS A 287 -24.29 0.68 38.97
CA LYS A 287 -24.71 -0.39 38.06
C LYS A 287 -24.69 0.12 36.63
N LYS A 288 -23.87 -0.47 35.78
CA LYS A 288 -23.76 -0.10 34.38
C LYS A 288 -23.65 -1.37 33.56
N PRO A 289 -24.78 -2.03 33.20
CA PRO A 289 -24.76 -3.36 32.57
C PRO A 289 -24.48 -3.41 31.07
N TRP A 290 -23.62 -2.50 30.62
CA TRP A 290 -23.19 -2.35 29.25
C TRP A 290 -21.84 -1.68 29.31
N SER A 291 -21.00 -1.97 28.32
CA SER A 291 -19.80 -1.20 28.04
C SER A 291 -20.18 0.24 27.72
N LEU A 292 -19.50 1.19 28.35
CA LEU A 292 -19.61 2.60 27.95
C LEU A 292 -18.34 2.96 27.17
N SER A 293 -18.51 3.12 25.86
CA SER A 293 -17.43 3.37 24.94
C SER A 293 -17.82 4.53 24.03
N PHE A 294 -17.11 4.64 22.91
CA PHE A 294 -17.21 5.78 22.01
C PHE A 294 -17.49 5.34 20.59
N SER A 295 -18.24 6.20 19.88
CA SER A 295 -18.40 6.15 18.46
C SER A 295 -18.21 7.57 17.89
N PHE A 296 -16.95 8.02 17.82
CA PHE A 296 -16.66 9.38 17.58
C PHE A 296 -16.19 9.58 16.13
N GLY A 297 -16.78 10.61 15.49
CA GLY A 297 -16.30 11.11 14.23
C GLY A 297 -15.46 12.35 14.46
N ARG A 298 -16.14 13.47 14.70
CA ARG A 298 -15.60 14.83 14.88
C ARG A 298 -14.52 14.85 15.99
N ALA A 299 -14.86 14.24 17.12
CA ALA A 299 -14.09 14.26 18.38
C ALA A 299 -12.85 13.38 18.30
N LEU A 300 -12.73 12.61 17.22
CA LEU A 300 -11.58 11.75 17.01
C LEU A 300 -10.68 12.30 15.89
N GLN A 301 -11.25 13.16 15.04
CA GLN A 301 -10.66 13.54 13.73
C GLN A 301 -10.19 15.01 13.67
N GLN A 302 -10.76 15.91 14.48
CA GLN A 302 -10.62 17.38 14.30
C GLN A 302 -9.14 17.80 14.26
N SER A 303 -8.39 17.47 15.30
CA SER A 303 -6.98 17.87 15.41
C SER A 303 -6.16 17.14 14.34
N THR A 304 -6.60 15.96 13.88
CA THR A 304 -5.86 15.23 12.85
C THR A 304 -6.01 15.92 11.50
N LEU A 305 -7.21 16.43 11.20
CA LEU A 305 -7.49 17.19 9.98
C LEU A 305 -6.65 18.48 9.95
N LYS A 306 -6.59 19.18 11.10
CA LYS A 306 -5.80 20.39 11.27
C LYS A 306 -4.33 20.10 10.96
N THR A 307 -3.71 19.15 11.68
CA THR A 307 -2.25 18.99 11.46
C THR A 307 -2.01 18.53 10.01
N TRP A 308 -2.95 17.78 9.42
CA TRP A 308 -2.80 17.22 8.07
C TRP A 308 -2.81 18.32 6.99
N GLY A 309 -3.96 19.00 6.87
CA GLY A 309 -4.10 20.17 6.04
C GLY A 309 -4.14 19.77 4.58
N GLY A 310 -3.02 19.26 4.04
CA GLY A 310 -2.88 19.00 2.64
C GLY A 310 -1.86 17.94 2.32
N LYS A 311 -0.58 18.33 2.31
CA LYS A 311 0.50 17.56 1.62
C LYS A 311 1.03 16.48 2.55
N GLU A 312 1.60 15.42 1.95
CA GLU A 312 1.77 14.14 2.64
C GLU A 312 3.01 14.15 3.53
N GLU A 313 3.67 15.30 3.75
CA GLU A 313 4.72 15.40 4.79
C GLU A 313 4.13 15.99 6.07
N ASN A 314 2.82 16.25 6.09
CA ASN A 314 2.06 16.49 7.33
C ASN A 314 1.36 15.20 7.80
N VAL A 315 1.49 14.12 7.01
CA VAL A 315 0.87 12.84 7.32
C VAL A 315 1.41 12.33 8.65
N LYS A 316 2.74 12.23 8.81
CA LYS A 316 3.36 11.55 9.96
C LYS A 316 3.02 12.30 11.27
N LYS A 317 2.87 13.63 11.20
CA LYS A 317 2.59 14.46 12.38
C LYS A 317 1.10 14.36 12.75
N ALA A 318 0.25 14.15 11.73
CA ALA A 318 -1.18 14.01 11.89
C ALA A 318 -1.54 12.60 12.41
N GLN A 319 -0.78 11.59 11.95
CA GLN A 319 -0.92 10.25 12.44
C GLN A 319 -0.50 10.18 13.91
N GLU A 320 0.45 11.05 14.29
CA GLU A 320 0.87 11.17 15.69
C GLU A 320 -0.30 11.76 16.49
N ALA A 321 -0.99 12.73 15.88
CA ALA A 321 -2.09 13.42 16.53
C ALA A 321 -3.30 12.48 16.61
N PHE A 322 -3.49 11.61 15.61
CA PHE A 322 -4.64 10.70 15.59
C PHE A 322 -4.46 9.60 16.65
N LEU A 323 -3.24 9.09 16.77
CA LEU A 323 -2.88 8.11 17.77
C LEU A 323 -3.14 8.67 19.18
N VAL A 324 -2.88 9.96 19.41
CA VAL A 324 -3.09 10.59 20.72
C VAL A 324 -4.56 10.43 21.13
N ARG A 325 -5.47 10.73 20.20
CA ARG A 325 -6.89 10.76 20.46
C ARG A 325 -7.43 9.33 20.60
N CYS A 326 -7.01 8.42 19.73
CA CYS A 326 -7.33 7.01 19.84
C CYS A 326 -6.94 6.47 21.22
N LYS A 327 -5.68 6.71 21.63
CA LYS A 327 -5.15 6.17 22.89
C LYS A 327 -5.89 6.78 24.08
N ALA A 328 -6.20 8.07 23.99
CA ALA A 328 -6.92 8.78 25.03
C ALA A 328 -8.35 8.22 25.19
N ASN A 329 -9.05 7.96 24.09
CA ASN A 329 -10.43 7.47 24.18
C ASN A 329 -10.44 6.02 24.67
N SER A 330 -9.48 5.22 24.21
CA SER A 330 -9.24 3.87 24.73
C SER A 330 -9.12 3.90 26.26
N GLU A 331 -8.28 4.83 26.77
CA GLU A 331 -8.06 5.00 28.20
C GLU A 331 -9.38 5.38 28.88
N ALA A 332 -10.13 6.26 28.21
CA ALA A 332 -11.43 6.73 28.68
C ALA A 332 -12.42 5.57 28.89
N THR A 333 -12.41 4.56 28.01
CA THR A 333 -13.32 3.39 28.19
C THR A 333 -13.00 2.60 29.46
N LEU A 334 -11.80 2.77 30.02
CA LEU A 334 -11.34 2.00 31.18
C LEU A 334 -11.37 2.88 32.43
N GLY A 335 -11.75 4.15 32.28
CA GLY A 335 -11.73 5.14 33.38
C GLY A 335 -10.32 5.53 33.76
N ALA A 336 -9.38 5.41 32.82
CA ALA A 336 -7.97 5.52 33.12
C ALA A 336 -7.33 6.66 32.31
N TYR A 337 -8.14 7.59 31.81
CA TYR A 337 -7.59 8.76 31.14
C TYR A 337 -7.17 9.80 32.17
N LYS A 338 -6.00 10.40 31.95
CA LYS A 338 -5.24 11.19 32.93
C LYS A 338 -4.94 12.60 32.36
N GLY A 339 -5.87 13.17 31.59
CA GLY A 339 -5.72 14.52 31.00
C GLY A 339 -4.71 14.55 29.86
N ASP A 340 -4.59 15.72 29.20
CA ASP A 340 -3.78 15.91 27.95
C ASP A 340 -3.92 17.38 27.51
N SER B 6 -12.86 -26.34 60.42
CA SER B 6 -13.50 -26.52 61.74
C SER B 6 -14.85 -27.22 61.56
N LYS B 7 -15.47 -27.66 62.66
CA LYS B 7 -16.86 -28.12 62.62
C LYS B 7 -17.81 -26.93 62.41
N PHE B 8 -17.30 -25.71 62.59
CA PHE B 8 -18.03 -24.46 62.46
C PHE B 8 -17.76 -23.78 61.10
N ALA B 9 -17.01 -24.42 60.18
CA ALA B 9 -16.61 -23.77 58.88
C ALA B 9 -17.78 -23.02 58.24
N ASP B 10 -18.92 -23.69 58.08
CA ASP B 10 -20.07 -23.13 57.34
C ASP B 10 -20.65 -21.93 58.10
N GLU B 11 -20.78 -22.05 59.42
CA GLU B 11 -21.30 -20.94 60.20
C GLU B 11 -20.28 -19.79 60.28
N LEU B 12 -18.98 -20.09 60.35
CA LEU B 12 -17.97 -19.00 60.30
C LEU B 12 -18.13 -18.20 58.99
N ILE B 13 -18.21 -18.91 57.85
CA ILE B 13 -18.30 -18.33 56.54
C ILE B 13 -19.59 -17.49 56.41
N ALA B 14 -20.71 -18.03 56.89
CA ALA B 14 -22.04 -17.32 56.85
C ALA B 14 -22.00 -16.02 57.68
N ASN B 15 -21.49 -16.12 58.92
CA ASN B 15 -21.46 -14.98 59.83
C ASN B 15 -20.47 -13.91 59.35
N ALA B 16 -19.30 -14.31 58.85
CA ALA B 16 -18.35 -13.33 58.36
C ALA B 16 -18.93 -12.61 57.14
N ALA B 17 -19.57 -13.35 56.25
CA ALA B 17 -20.26 -12.71 55.09
C ALA B 17 -21.33 -11.72 55.60
N TYR B 18 -22.08 -12.09 56.63
CA TYR B 18 -23.18 -11.30 57.14
C TYR B 18 -22.72 -9.95 57.72
N ILE B 19 -21.57 -9.95 58.42
CA ILE B 19 -21.04 -8.76 59.05
C ILE B 19 -20.88 -7.68 57.99
N GLY B 20 -20.50 -8.12 56.77
CA GLY B 20 -20.26 -7.28 55.61
C GLY B 20 -21.52 -6.93 54.81
N THR B 21 -22.72 -7.32 55.27
CA THR B 21 -24.00 -6.91 54.60
C THR B 21 -24.01 -5.42 54.30
N PRO B 22 -24.18 -4.99 53.01
CA PRO B 22 -24.27 -3.57 52.69
C PRO B 22 -25.35 -2.88 53.54
N GLY B 23 -24.96 -1.76 54.14
CA GLY B 23 -25.87 -0.98 54.97
C GLY B 23 -25.69 -1.23 56.45
N LYS B 24 -24.73 -2.10 56.82
CA LYS B 24 -24.49 -2.42 58.23
C LYS B 24 -23.00 -2.43 58.54
N GLY B 25 -22.70 -2.29 59.83
CA GLY B 25 -21.36 -2.33 60.38
C GLY B 25 -21.36 -2.74 61.85
N ILE B 26 -20.22 -2.56 62.52
CA ILE B 26 -19.98 -3.07 63.85
C ILE B 26 -19.85 -1.88 64.82
N LEU B 27 -20.61 -1.94 65.91
CA LEU B 27 -20.37 -1.09 67.05
C LEU B 27 -19.35 -1.79 67.97
N ALA B 28 -18.30 -1.07 68.33
CA ALA B 28 -17.34 -1.49 69.35
C ALA B 28 -17.71 -0.84 70.70
N ALA B 29 -18.39 -1.63 71.53
CA ALA B 29 -18.74 -1.30 72.88
C ALA B 29 -17.96 -2.18 73.88
N ASP B 30 -16.70 -2.49 73.56
CA ASP B 30 -15.89 -3.52 74.25
C ASP B 30 -14.88 -2.90 75.22
N GLU B 31 -15.14 -1.67 75.66
CA GLU B 31 -14.25 -0.97 76.56
C GLU B 31 -14.22 -1.71 77.91
N SER B 32 -13.00 -1.94 78.42
CA SER B 32 -12.75 -2.53 79.76
C SER B 32 -13.43 -1.71 80.85
N THR B 33 -13.40 -2.24 82.07
CA THR B 33 -13.89 -1.56 83.25
C THR B 33 -13.10 -0.25 83.41
N GLY B 34 -11.80 -0.29 83.05
CA GLY B 34 -10.91 0.87 83.12
C GLY B 34 -11.23 1.92 82.06
N THR B 35 -11.20 1.50 80.78
CA THR B 35 -11.39 2.39 79.63
C THR B 35 -12.77 3.06 79.65
N ILE B 36 -13.81 2.30 79.99
CA ILE B 36 -15.15 2.85 80.00
C ILE B 36 -15.27 3.80 81.19
N GLY B 37 -14.46 3.58 82.22
CA GLY B 37 -14.28 4.55 83.31
C GLY B 37 -13.82 5.91 82.79
N LYS B 38 -12.73 5.89 81.99
CA LYS B 38 -12.13 7.12 81.40
C LYS B 38 -13.21 7.89 80.62
N ARG B 39 -14.01 7.14 79.86
CA ARG B 39 -15.12 7.67 79.07
C ARG B 39 -16.25 8.16 79.99
N LEU B 40 -16.51 7.43 81.08
CA LEU B 40 -17.61 7.76 82.03
C LEU B 40 -17.24 9.00 82.86
N ALA B 41 -15.96 9.10 83.25
CA ALA B 41 -15.45 10.29 83.92
C ALA B 41 -15.47 11.47 82.94
N SER B 42 -15.09 11.20 81.69
CA SER B 42 -15.04 12.20 80.61
C SER B 42 -16.32 13.05 80.57
N ILE B 43 -17.38 12.62 81.25
CA ILE B 43 -18.61 13.39 81.33
C ILE B 43 -19.18 13.33 82.77
N ASN B 44 -18.26 13.29 83.74
CA ASN B 44 -18.53 13.31 85.19
C ASN B 44 -19.57 12.26 85.58
N VAL B 45 -19.24 10.99 85.34
CA VAL B 45 -20.06 9.85 85.78
C VAL B 45 -19.16 8.82 86.47
N GLU B 46 -19.61 8.36 87.65
CA GLU B 46 -18.89 7.39 88.46
C GLU B 46 -18.91 6.05 87.72
N ASN B 47 -17.77 5.36 87.73
CA ASN B 47 -17.60 4.10 87.03
C ASN B 47 -18.10 2.96 87.91
N VAL B 48 -19.42 2.83 88.03
CA VAL B 48 -20.08 1.73 88.76
C VAL B 48 -20.80 0.86 87.72
N GLU B 49 -20.99 -0.43 88.04
CA GLU B 49 -21.67 -1.38 87.16
C GLU B 49 -23.09 -0.88 86.81
N SER B 50 -23.74 -0.15 87.74
CA SER B 50 -25.06 0.44 87.50
C SER B 50 -25.02 1.34 86.25
N ASN B 51 -23.93 2.09 86.09
CA ASN B 51 -23.77 3.13 85.06
C ASN B 51 -23.23 2.51 83.76
N ARG B 52 -22.23 1.65 83.87
CA ARG B 52 -21.75 0.80 82.78
C ARG B 52 -22.93 0.10 82.10
N ARG B 53 -23.82 -0.48 82.91
CA ARG B 53 -25.05 -1.13 82.46
C ARG B 53 -25.93 -0.11 81.71
N ALA B 54 -26.08 1.08 82.30
CA ALA B 54 -26.99 2.10 81.81
C ALA B 54 -26.51 2.65 80.45
N LEU B 55 -25.21 2.91 80.32
CA LEU B 55 -24.65 3.42 79.08
C LEU B 55 -24.90 2.43 77.93
N ARG B 56 -24.57 1.16 78.14
CA ARG B 56 -24.69 0.14 77.06
C ARG B 56 -26.18 -0.07 76.72
N GLU B 57 -27.06 0.00 77.73
CA GLU B 57 -28.47 -0.20 77.50
C GLU B 57 -29.04 0.93 76.64
N LEU B 58 -28.64 2.17 76.96
CA LEU B 58 -28.95 3.38 76.18
C LEU B 58 -28.63 3.17 74.71
N LEU B 59 -27.44 2.65 74.42
CA LEU B 59 -27.00 2.41 73.04
C LEU B 59 -27.95 1.39 72.40
N PHE B 60 -28.14 0.23 73.05
CA PHE B 60 -28.75 -0.95 72.41
C PHE B 60 -30.28 -0.79 72.27
N THR B 61 -30.92 0.03 73.14
CA THR B 61 -32.38 0.26 73.09
C THR B 61 -32.72 1.55 72.30
N THR B 62 -31.71 2.17 71.66
CA THR B 62 -31.90 3.31 70.74
C THR B 62 -32.79 2.87 69.58
N PRO B 63 -34.01 3.43 69.45
CA PRO B 63 -34.95 3.08 68.38
C PRO B 63 -34.51 2.63 66.98
N GLY B 64 -33.79 3.41 66.17
CA GLY B 64 -33.53 2.90 64.81
C GLY B 64 -32.16 2.23 64.65
N ALA B 65 -31.49 1.88 65.74
CA ALA B 65 -30.01 1.78 65.74
C ALA B 65 -29.54 0.36 65.38
N LEU B 66 -30.12 -0.65 66.01
CA LEU B 66 -29.62 -2.02 65.85
C LEU B 66 -29.69 -2.49 64.39
N PRO B 67 -30.74 -2.13 63.60
CA PRO B 67 -30.73 -2.38 62.14
C PRO B 67 -29.55 -1.88 61.31
N CYS B 68 -28.83 -0.87 61.83
CA CYS B 68 -27.64 -0.33 61.20
C CYS B 68 -26.40 -1.17 61.55
N LEU B 69 -26.56 -2.14 62.46
CA LEU B 69 -25.42 -2.89 62.98
C LEU B 69 -25.55 -4.39 62.67
N SER B 70 -24.52 -4.93 62.02
CA SER B 70 -24.37 -6.37 61.79
C SER B 70 -23.75 -7.05 63.00
N GLY B 71 -23.00 -6.28 63.82
CA GLY B 71 -22.26 -6.78 64.97
C GLY B 71 -22.08 -5.71 66.05
N VAL B 72 -22.00 -6.16 67.31
CA VAL B 72 -21.59 -5.32 68.45
C VAL B 72 -20.48 -6.05 69.21
N ILE B 73 -19.30 -5.44 69.35
CA ILE B 73 -18.20 -6.01 70.17
C ILE B 73 -18.47 -5.67 71.64
N LEU B 74 -18.52 -6.71 72.48
CA LEU B 74 -18.78 -6.60 73.90
C LEU B 74 -17.52 -6.92 74.72
N PHE B 75 -17.44 -6.30 75.89
CA PHE B 75 -16.53 -6.74 76.94
C PHE B 75 -17.19 -7.92 77.70
N GLU B 76 -16.38 -8.75 78.36
CA GLU B 76 -16.80 -9.98 79.06
C GLU B 76 -17.98 -9.67 79.98
N GLU B 77 -17.84 -8.69 80.86
CA GLU B 77 -18.87 -8.23 81.77
C GLU B 77 -20.21 -8.06 81.03
N THR B 78 -20.16 -7.35 79.89
CA THR B 78 -21.38 -6.95 79.19
C THR B 78 -22.04 -8.17 78.53
N LEU B 79 -21.24 -9.16 78.14
CA LEU B 79 -21.75 -10.35 77.47
C LEU B 79 -22.75 -11.07 78.39
N TYR B 80 -22.60 -10.95 79.71
CA TYR B 80 -23.47 -11.69 80.68
C TYR B 80 -24.47 -10.72 81.35
N GLN B 81 -24.39 -9.43 81.01
CA GLN B 81 -25.16 -8.37 81.66
C GLN B 81 -26.61 -8.45 81.15
N LYS B 82 -27.53 -7.98 82.01
CA LYS B 82 -28.94 -7.89 81.69
C LYS B 82 -29.28 -6.39 81.49
N SER B 83 -30.25 -6.12 80.63
CA SER B 83 -30.91 -4.80 80.61
C SER B 83 -31.77 -4.64 81.88
N SER B 84 -32.35 -3.46 82.04
CA SER B 84 -33.12 -3.08 83.24
C SER B 84 -34.43 -3.86 83.30
N ASP B 85 -34.93 -4.30 82.14
CA ASP B 85 -36.20 -5.00 82.05
C ASP B 85 -35.96 -6.52 82.13
N GLY B 86 -34.73 -6.94 82.43
CA GLY B 86 -34.40 -8.34 82.65
C GLY B 86 -33.93 -9.05 81.37
N THR B 87 -33.96 -8.36 80.22
CA THR B 87 -33.56 -8.98 78.95
C THR B 87 -32.04 -9.04 78.87
N PRO B 88 -31.46 -10.25 78.70
CA PRO B 88 -30.03 -10.37 78.38
C PRO B 88 -29.67 -9.59 77.10
N PHE B 89 -28.61 -8.79 77.16
CA PHE B 89 -28.19 -7.98 76.03
C PHE B 89 -28.01 -8.86 74.80
N VAL B 90 -27.45 -10.07 74.96
CA VAL B 90 -27.19 -10.91 73.80
C VAL B 90 -28.51 -11.28 73.10
N ASP B 91 -29.60 -11.43 73.85
CA ASP B 91 -30.90 -11.75 73.22
C ASP B 91 -31.40 -10.51 72.46
N MET B 92 -31.28 -9.35 73.14
CA MET B 92 -31.61 -8.06 72.61
C MET B 92 -30.96 -7.84 71.24
N LEU B 93 -29.70 -8.25 71.13
CA LEU B 93 -28.90 -8.11 69.91
C LEU B 93 -29.40 -9.09 68.84
N LYS B 94 -29.60 -10.36 69.21
CA LYS B 94 -29.96 -11.41 68.25
C LYS B 94 -31.38 -11.20 67.69
N SER B 95 -32.29 -10.60 68.49
CA SER B 95 -33.68 -10.26 68.07
C SER B 95 -33.66 -9.30 66.87
N ALA B 96 -32.66 -8.40 66.89
CA ALA B 96 -32.48 -7.35 65.91
C ALA B 96 -31.54 -7.81 64.78
N GLY B 97 -31.08 -9.06 64.85
CA GLY B 97 -30.22 -9.63 63.84
C GLY B 97 -28.77 -9.20 63.99
N VAL B 98 -28.41 -8.68 65.17
CA VAL B 98 -27.03 -8.25 65.43
C VAL B 98 -26.23 -9.42 66.04
N LEU B 99 -25.06 -9.75 65.48
CA LEU B 99 -24.24 -10.81 66.05
C LEU B 99 -23.48 -10.23 67.25
N PRO B 100 -23.52 -10.88 68.43
CA PRO B 100 -22.67 -10.45 69.53
C PRO B 100 -21.22 -10.86 69.23
N GLY B 101 -20.28 -9.97 69.53
CA GLY B 101 -18.87 -10.23 69.45
C GLY B 101 -18.21 -10.02 70.79
N ILE B 102 -16.96 -10.47 70.92
CA ILE B 102 -16.29 -10.54 72.22
C ILE B 102 -14.82 -10.17 72.04
N LYS B 103 -14.34 -9.18 72.81
CA LYS B 103 -12.93 -8.85 72.88
C LYS B 103 -12.23 -9.95 73.68
N VAL B 104 -11.16 -10.56 73.12
CA VAL B 104 -10.52 -11.71 73.77
C VAL B 104 -9.04 -11.45 74.12
N ASP B 105 -8.43 -10.36 73.60
CA ASP B 105 -7.02 -10.07 73.85
C ASP B 105 -6.92 -9.57 75.29
N LYS B 106 -5.72 -9.69 75.88
CA LYS B 106 -5.48 -9.29 77.25
C LYS B 106 -4.47 -8.12 77.28
N GLY B 107 -4.63 -7.15 76.39
CA GLY B 107 -3.77 -5.97 76.37
C GLY B 107 -2.43 -6.19 75.68
N THR B 108 -1.62 -5.13 75.67
CA THR B 108 -0.31 -5.14 75.06
C THR B 108 0.78 -5.09 76.14
N VAL B 109 1.98 -5.52 75.76
CA VAL B 109 3.21 -5.36 76.55
C VAL B 109 4.32 -4.93 75.58
N GLU B 110 5.28 -4.17 76.11
CA GLU B 110 6.37 -3.61 75.31
C GLU B 110 7.43 -4.68 75.03
N LEU B 111 7.98 -4.63 73.82
CA LEU B 111 9.02 -5.51 73.39
C LEU B 111 10.35 -4.90 73.82
N ALA B 112 11.18 -5.67 74.54
CA ALA B 112 12.55 -5.26 74.82
C ALA B 112 13.31 -5.11 73.49
N GLY B 113 14.19 -4.11 73.44
CA GLY B 113 15.12 -3.92 72.36
C GLY B 113 14.48 -3.22 71.17
N THR B 114 13.29 -2.65 71.39
CA THR B 114 12.61 -1.81 70.41
C THR B 114 12.28 -0.47 71.09
N ASN B 115 11.72 0.45 70.30
CA ASN B 115 11.43 1.75 70.80
C ASN B 115 9.93 1.83 71.12
N GLY B 116 9.53 1.20 72.23
CA GLY B 116 8.16 1.26 72.74
C GLY B 116 7.16 0.52 71.85
N GLU B 117 7.63 -0.42 71.02
CA GLU B 117 6.73 -1.25 70.24
C GLU B 117 6.18 -2.35 71.13
N THR B 118 5.02 -2.85 70.78
CA THR B 118 4.33 -3.78 71.61
C THR B 118 4.01 -5.05 70.83
N THR B 119 3.66 -6.04 71.63
CA THR B 119 3.03 -7.25 71.23
C THR B 119 1.82 -7.40 72.14
N THR B 120 0.83 -8.15 71.67
CA THR B 120 -0.44 -8.32 72.32
C THR B 120 -0.47 -9.70 72.99
N GLN B 121 -1.02 -9.71 74.20
CA GLN B 121 -1.18 -10.90 75.01
C GLN B 121 -2.59 -11.47 74.89
N GLY B 122 -2.73 -12.73 75.30
CA GLY B 122 -4.04 -13.36 75.50
C GLY B 122 -4.19 -14.76 74.89
N LEU B 123 -3.12 -15.40 74.40
CA LEU B 123 -3.25 -16.74 73.83
C LEU B 123 -3.54 -17.78 74.94
N ASP B 124 -3.08 -17.53 76.16
CA ASP B 124 -3.21 -18.53 77.21
C ASP B 124 -4.67 -18.73 77.60
N GLY B 125 -5.10 -19.99 77.46
CA GLY B 125 -6.43 -20.48 77.78
C GLY B 125 -7.51 -19.91 76.87
N LEU B 126 -7.13 -19.52 75.65
CA LEU B 126 -8.01 -18.73 74.81
C LEU B 126 -9.11 -19.62 74.24
N GLY B 127 -8.74 -20.87 73.89
CA GLY B 127 -9.67 -21.85 73.34
C GLY B 127 -10.82 -22.12 74.28
N ASP B 128 -10.54 -22.26 75.58
CA ASP B 128 -11.58 -22.54 76.56
C ASP B 128 -12.41 -21.27 76.80
N ARG B 129 -11.77 -20.09 76.73
N ARG B 129 -11.77 -20.09 76.73
CA ARG B 129 -12.50 -18.82 76.85
CA ARG B 129 -12.49 -18.80 76.85
C ARG B 129 -13.48 -18.68 75.67
C ARG B 129 -13.48 -18.68 75.67
N CYS B 130 -12.99 -18.92 74.45
CA CYS B 130 -13.76 -18.78 73.22
C CYS B 130 -14.98 -19.70 73.18
N LYS B 131 -14.76 -20.95 73.57
CA LYS B 131 -15.79 -21.94 73.72
C LYS B 131 -16.88 -21.44 74.69
N LYS B 132 -16.46 -20.89 75.83
CA LYS B 132 -17.41 -20.40 76.83
C LYS B 132 -18.17 -19.16 76.29
N TYR B 133 -17.49 -18.34 75.47
CA TYR B 133 -18.08 -17.15 74.90
C TYR B 133 -19.10 -17.54 73.82
N TYR B 134 -18.75 -18.53 73.00
CA TYR B 134 -19.67 -19.06 71.99
C TYR B 134 -20.93 -19.55 72.70
N GLU B 135 -20.77 -20.38 73.72
CA GLU B 135 -21.90 -20.87 74.50
C GLU B 135 -22.72 -19.67 75.01
N ALA B 136 -22.08 -18.54 75.31
CA ALA B 136 -22.80 -17.37 75.84
C ALA B 136 -23.52 -16.55 74.74
N GLY B 137 -23.30 -16.87 73.46
CA GLY B 137 -23.98 -16.20 72.33
C GLY B 137 -23.05 -15.40 71.43
N ALA B 138 -21.74 -15.38 71.73
CA ALA B 138 -20.81 -14.64 70.91
C ALA B 138 -20.52 -15.44 69.63
N ARG B 139 -20.40 -14.77 68.49
CA ARG B 139 -20.20 -15.42 67.22
C ARG B 139 -19.01 -14.82 66.48
N PHE B 140 -18.42 -13.73 67.01
CA PHE B 140 -17.12 -13.22 66.49
C PHE B 140 -16.27 -12.68 67.63
N ALA B 141 -15.00 -12.49 67.33
CA ALA B 141 -14.04 -12.13 68.34
C ALA B 141 -13.19 -10.99 67.82
N LYS B 142 -12.56 -10.28 68.76
CA LYS B 142 -11.67 -9.21 68.47
C LYS B 142 -10.38 -9.39 69.27
N TRP B 143 -9.28 -9.07 68.56
CA TRP B 143 -7.94 -9.04 69.11
C TRP B 143 -7.19 -7.90 68.41
N ARG B 144 -6.69 -6.95 69.22
CA ARG B 144 -6.01 -5.78 68.69
C ARG B 144 -4.48 -5.90 68.83
N ALA B 145 -3.79 -5.88 67.69
CA ALA B 145 -2.36 -5.62 67.61
C ALA B 145 -2.13 -4.12 67.29
N VAL B 146 -1.10 -3.54 67.93
CA VAL B 146 -0.76 -2.15 67.76
C VAL B 146 0.64 -2.10 67.16
N LEU B 147 0.82 -1.36 66.07
CA LEU B 147 2.10 -1.11 65.44
C LEU B 147 2.27 0.40 65.28
N LYS B 148 3.50 0.90 65.36
CA LYS B 148 3.70 2.35 65.21
C LYS B 148 4.60 2.61 64.00
N ILE B 149 4.55 3.87 63.54
CA ILE B 149 5.36 4.38 62.44
C ILE B 149 6.41 5.31 63.04
N GLY B 150 7.67 5.04 62.72
CA GLY B 150 8.81 5.83 63.16
C GLY B 150 9.98 5.67 62.22
N VAL B 151 11.15 6.17 62.61
CA VAL B 151 12.36 6.08 61.78
C VAL B 151 12.59 4.60 61.42
N ASN B 152 12.67 3.76 62.45
CA ASN B 152 12.90 2.32 62.25
C ASN B 152 11.68 1.51 62.69
N GLU B 153 10.48 2.07 62.57
CA GLU B 153 9.28 1.37 63.02
C GLU B 153 8.25 1.35 61.90
N PRO B 154 7.45 0.27 61.83
CA PRO B 154 7.52 -0.83 62.77
C PRO B 154 8.70 -1.75 62.46
N SER B 155 9.34 -2.29 63.49
CA SER B 155 10.46 -3.21 63.33
C SER B 155 9.98 -4.57 62.83
N GLN B 156 10.91 -5.29 62.21
CA GLN B 156 10.69 -6.63 61.72
CA GLN B 156 10.69 -6.63 61.72
C GLN B 156 10.19 -7.51 62.88
N LEU B 157 10.78 -7.31 64.08
CA LEU B 157 10.35 -8.05 65.27
C LEU B 157 8.90 -7.71 65.67
N ALA B 158 8.55 -6.44 65.64
CA ALA B 158 7.17 -6.00 65.97
C ALA B 158 6.16 -6.60 64.99
N ILE B 159 6.47 -6.51 63.69
CA ILE B 159 5.60 -6.99 62.65
C ILE B 159 5.35 -8.49 62.88
N HIS B 160 6.44 -9.23 63.00
CA HIS B 160 6.42 -10.67 63.11
C HIS B 160 5.57 -11.10 64.33
N GLU B 161 5.84 -10.49 65.48
CA GLU B 161 5.17 -10.84 66.73
C GLU B 161 3.66 -10.59 66.60
N ASN B 162 3.28 -9.49 65.97
CA ASN B 162 1.91 -9.09 65.90
C ASN B 162 1.18 -9.92 64.85
N ALA B 163 1.80 -10.12 63.69
CA ALA B 163 1.24 -10.95 62.59
C ALA B 163 0.97 -12.41 63.05
N TYR B 164 1.96 -13.03 63.70
CA TYR B 164 1.86 -14.45 64.03
C TYR B 164 0.99 -14.60 65.28
N GLY B 165 0.96 -13.56 66.13
CA GLY B 165 0.05 -13.51 67.28
C GLY B 165 -1.40 -13.42 66.82
N LEU B 166 -1.65 -12.61 65.80
CA LEU B 166 -2.97 -12.55 65.22
C LEU B 166 -3.33 -13.89 64.57
N ALA B 167 -2.35 -14.54 63.93
CA ALA B 167 -2.64 -15.74 63.14
C ALA B 167 -3.01 -16.91 64.09
N ARG B 168 -2.31 -17.02 65.21
CA ARG B 168 -2.56 -18.09 66.16
C ARG B 168 -3.92 -17.84 66.84
N TYR B 169 -4.23 -16.58 67.15
CA TYR B 169 -5.54 -16.17 67.76
C TYR B 169 -6.69 -16.54 66.80
N ALA B 170 -6.46 -16.27 65.51
CA ALA B 170 -7.43 -16.52 64.45
C ALA B 170 -7.81 -17.99 64.39
N VAL B 171 -6.80 -18.87 64.53
CA VAL B 171 -7.00 -20.30 64.47
C VAL B 171 -7.87 -20.74 65.66
N ILE B 172 -7.50 -20.34 66.87
CA ILE B 172 -8.19 -20.78 68.08
C ILE B 172 -9.65 -20.31 67.99
N CYS B 173 -9.87 -19.14 67.42
CA CYS B 173 -11.19 -18.57 67.30
C CYS B 173 -12.03 -19.49 66.43
N GLN B 174 -11.47 -19.87 65.27
CA GLN B 174 -12.22 -20.63 64.30
C GLN B 174 -12.50 -22.05 64.84
N GLU B 175 -11.55 -22.64 65.54
CA GLU B 175 -11.76 -23.95 66.20
C GLU B 175 -12.97 -23.91 67.15
N ASN B 176 -13.28 -22.76 67.75
CA ASN B 176 -14.33 -22.65 68.73
C ASN B 176 -15.51 -21.81 68.21
N GLY B 177 -15.61 -21.58 66.90
CA GLY B 177 -16.86 -21.07 66.30
C GLY B 177 -17.00 -19.55 66.27
N LEU B 178 -15.95 -18.79 66.66
CA LEU B 178 -15.96 -17.33 66.58
C LEU B 178 -15.18 -16.92 65.33
N VAL B 179 -15.82 -16.08 64.51
CA VAL B 179 -15.17 -15.45 63.40
C VAL B 179 -14.17 -14.46 63.99
N PRO B 180 -12.86 -14.62 63.69
CA PRO B 180 -11.86 -13.71 64.24
C PRO B 180 -11.84 -12.41 63.43
N ILE B 181 -11.97 -11.26 64.10
CA ILE B 181 -11.58 -9.98 63.49
C ILE B 181 -10.07 -9.85 63.71
N VAL B 182 -9.31 -9.80 62.59
CA VAL B 182 -7.89 -9.57 62.67
C VAL B 182 -7.73 -8.05 62.56
N GLU B 183 -7.17 -7.45 63.61
CA GLU B 183 -7.04 -6.02 63.75
C GLU B 183 -5.57 -5.65 63.95
N PRO B 184 -4.81 -5.43 62.85
CA PRO B 184 -3.50 -4.83 62.92
C PRO B 184 -3.58 -3.30 62.76
N GLU B 185 -3.84 -2.60 63.86
CA GLU B 185 -3.92 -1.16 63.79
C GLU B 185 -2.52 -0.56 63.73
N ILE B 186 -2.27 0.17 62.64
CA ILE B 186 -1.14 1.05 62.58
C ILE B 186 -1.56 2.42 63.14
N LEU B 187 -0.95 2.81 64.27
CA LEU B 187 -1.26 4.05 64.94
C LEU B 187 -0.92 5.21 64.00
N VAL B 188 -1.79 6.21 64.07
CA VAL B 188 -1.78 7.40 63.22
C VAL B 188 -0.69 8.37 63.76
N ASP B 189 -0.32 8.20 65.03
CA ASP B 189 0.56 9.14 65.75
C ASP B 189 1.85 9.37 64.96
N GLY B 190 2.18 10.66 64.76
CA GLY B 190 3.45 11.08 64.19
C GLY B 190 3.27 12.06 63.05
N SER B 191 4.38 12.31 62.34
CA SER B 191 4.49 13.36 61.34
C SER B 191 4.64 12.79 59.92
N HIS B 192 4.50 11.49 59.76
CA HIS B 192 4.63 10.85 58.43
C HIS B 192 3.49 11.31 57.51
N ASP B 193 3.73 11.17 56.21
CA ASP B 193 2.77 11.55 55.20
C ASP B 193 1.93 10.32 54.88
N ILE B 194 0.91 10.49 54.03
CA ILE B 194 -0.01 9.42 53.70
C ILE B 194 0.73 8.32 52.91
N GLN B 195 1.76 8.68 52.12
CA GLN B 195 2.47 7.70 51.30
C GLN B 195 3.20 6.72 52.23
N LYS B 196 3.73 7.22 53.33
CA LYS B 196 4.39 6.41 54.31
C LYS B 196 3.39 5.47 54.99
N CYS B 197 2.24 6.01 55.34
CA CYS B 197 1.23 5.17 55.95
C CYS B 197 0.83 4.06 54.96
N ALA B 198 0.84 4.36 53.66
CA ALA B 198 0.45 3.39 52.63
C ALA B 198 1.45 2.24 52.59
N ALA B 199 2.73 2.59 52.52
CA ALA B 199 3.84 1.61 52.46
C ALA B 199 3.84 0.71 53.70
N VAL B 200 3.68 1.30 54.89
CA VAL B 200 3.69 0.55 56.14
C VAL B 200 2.46 -0.36 56.18
N THR B 201 1.27 0.16 55.82
CA THR B 201 0.06 -0.61 55.86
C THR B 201 0.18 -1.79 54.88
N GLU B 202 0.74 -1.56 53.70
CA GLU B 202 0.96 -2.62 52.73
C GLU B 202 1.89 -3.70 53.32
N ARG B 203 3.00 -3.28 53.93
CA ARG B 203 3.95 -4.22 54.50
C ARG B 203 3.27 -5.09 55.58
N VAL B 204 2.55 -4.44 56.50
CA VAL B 204 1.97 -5.11 57.68
C VAL B 204 0.91 -6.14 57.25
N LEU B 205 -0.02 -5.73 56.39
CA LEU B 205 -1.10 -6.60 55.94
C LEU B 205 -0.52 -7.80 55.19
N ALA B 206 0.50 -7.59 54.35
CA ALA B 206 1.05 -8.68 53.62
C ALA B 206 1.71 -9.66 54.59
N ALA B 207 2.35 -9.16 55.64
CA ALA B 207 2.92 -10.04 56.65
C ALA B 207 1.81 -10.79 57.40
N CYS B 208 0.68 -10.10 57.64
CA CYS B 208 -0.43 -10.70 58.36
C CYS B 208 -1.02 -11.83 57.53
N TYR B 209 -1.21 -11.62 56.22
CA TYR B 209 -1.89 -12.65 55.38
C TYR B 209 -0.93 -13.81 55.12
N LYS B 210 0.37 -13.55 55.07
CA LYS B 210 1.33 -14.64 55.02
C LYS B 210 1.26 -15.48 56.32
N ALA B 211 1.14 -14.81 57.48
CA ALA B 211 1.04 -15.48 58.77
C ALA B 211 -0.22 -16.34 58.85
N LEU B 212 -1.33 -15.77 58.42
CA LEU B 212 -2.62 -16.45 58.39
C LEU B 212 -2.55 -17.68 57.48
N SER B 213 -1.88 -17.60 56.34
CA SER B 213 -1.65 -18.76 55.45
C SER B 213 -0.77 -19.84 56.10
N ASP B 214 0.34 -19.44 56.77
CA ASP B 214 1.20 -20.42 57.45
C ASP B 214 0.40 -21.14 58.54
N HIS B 215 -0.60 -20.47 59.15
CA HIS B 215 -1.40 -21.05 60.24
C HIS B 215 -2.64 -21.80 59.73
N HIS B 216 -2.86 -21.86 58.41
CA HIS B 216 -3.98 -22.58 57.80
C HIS B 216 -5.34 -22.00 58.21
N VAL B 217 -5.41 -20.68 58.37
CA VAL B 217 -6.66 -19.99 58.71
C VAL B 217 -7.60 -19.98 57.51
N LEU B 218 -8.87 -20.31 57.73
CA LEU B 218 -9.97 -20.20 56.76
C LEU B 218 -10.31 -18.71 56.56
N LEU B 219 -9.82 -18.14 55.45
CA LEU B 219 -9.94 -16.68 55.16
C LEU B 219 -11.40 -16.27 54.97
N GLU B 220 -12.20 -17.14 54.34
CA GLU B 220 -13.60 -16.85 54.11
C GLU B 220 -14.33 -16.74 55.47
N GLY B 221 -13.69 -17.18 56.56
CA GLY B 221 -14.29 -17.13 57.88
C GLY B 221 -13.61 -16.13 58.79
N THR B 222 -12.96 -15.12 58.21
CA THR B 222 -12.26 -14.06 58.94
C THR B 222 -12.79 -12.69 58.52
N LEU B 223 -12.43 -11.68 59.32
CA LEU B 223 -12.67 -10.28 59.04
C LEU B 223 -11.32 -9.57 59.25
N LEU B 224 -11.17 -8.42 58.59
CA LEU B 224 -10.04 -7.51 58.78
C LEU B 224 -10.52 -6.17 59.33
N LYS B 225 -9.84 -5.70 60.36
CA LYS B 225 -10.11 -4.40 60.93
C LYS B 225 -8.82 -3.59 60.86
N PRO B 226 -8.53 -2.93 59.72
CA PRO B 226 -7.32 -2.15 59.59
C PRO B 226 -7.64 -0.68 59.87
N ASN B 227 -6.57 0.09 60.08
CA ASN B 227 -6.58 1.53 59.95
C ASN B 227 -6.91 1.90 58.52
N MET B 228 -7.58 3.05 58.36
CA MET B 228 -7.58 3.71 57.07
C MET B 228 -6.16 4.25 56.86
N VAL B 229 -5.80 4.50 55.61
CA VAL B 229 -4.53 5.03 55.25
C VAL B 229 -4.66 6.55 55.24
N THR B 230 -3.94 7.19 56.17
CA THR B 230 -4.06 8.60 56.38
C THR B 230 -2.68 9.17 56.66
N PRO B 231 -2.53 10.51 56.54
CA PRO B 231 -1.32 11.17 57.02
C PRO B 231 -1.30 11.04 58.55
N GLY B 232 -0.12 11.12 59.14
CA GLY B 232 0.00 11.09 60.58
C GLY B 232 -0.79 12.19 61.27
N SER B 233 -1.02 12.01 62.57
CA SER B 233 -1.84 12.91 63.36
C SER B 233 -1.27 14.35 63.40
N GLU B 234 0.04 14.49 63.15
CA GLU B 234 0.71 15.80 63.21
C GLU B 234 0.87 16.40 61.80
N SER B 235 0.41 15.69 60.76
CA SER B 235 0.46 16.18 59.37
C SER B 235 -0.87 16.82 58.95
N ALA B 236 -0.84 17.56 57.85
CA ALA B 236 -2.00 18.22 57.26
C ALA B 236 -3.10 17.20 56.98
N LYS B 237 -4.32 17.49 57.40
CA LYS B 237 -5.47 16.70 56.98
C LYS B 237 -5.65 16.77 55.45
N VAL B 238 -6.27 15.72 54.95
CA VAL B 238 -6.39 15.48 53.54
C VAL B 238 -7.84 15.04 53.26
N ALA B 239 -8.29 15.28 52.03
CA ALA B 239 -9.70 15.06 51.69
C ALA B 239 -10.03 13.57 51.65
N PRO B 240 -11.32 13.20 51.90
CA PRO B 240 -11.77 11.83 51.89
C PRO B 240 -11.41 11.05 50.61
N GLU B 241 -11.46 11.71 49.46
CA GLU B 241 -11.18 11.04 48.17
C GLU B 241 -9.71 10.60 48.13
N VAL B 242 -8.82 11.30 48.86
CA VAL B 242 -7.39 10.96 48.92
C VAL B 242 -7.17 9.78 49.89
N ILE B 243 -7.78 9.84 51.08
CA ILE B 243 -7.81 8.70 52.01
C ILE B 243 -8.36 7.45 51.32
N ALA B 244 -9.41 7.59 50.54
CA ALA B 244 -10.09 6.49 49.86
C ALA B 244 -9.11 5.80 48.88
N GLU B 245 -8.52 6.62 48.02
CA GLU B 245 -7.68 6.18 46.95
C GLU B 245 -6.47 5.43 47.52
N HIS B 246 -5.85 5.97 48.59
CA HIS B 246 -4.65 5.31 49.17
C HIS B 246 -5.04 4.08 50.00
N THR B 247 -6.12 4.16 50.78
CA THR B 247 -6.61 3.03 51.52
C THR B 247 -6.96 1.84 50.60
N VAL B 248 -7.85 2.07 49.64
CA VAL B 248 -8.34 0.98 48.78
C VAL B 248 -7.17 0.38 48.00
N ARG B 249 -6.27 1.21 47.48
CA ARG B 249 -5.08 0.70 46.76
C ARG B 249 -4.25 -0.22 47.68
N ALA B 250 -4.11 0.18 48.96
CA ALA B 250 -3.32 -0.61 49.93
C ALA B 250 -3.97 -1.99 50.15
N LEU B 251 -5.31 -1.99 50.24
CA LEU B 251 -6.07 -3.21 50.44
C LEU B 251 -6.04 -4.06 49.15
N GLN B 252 -6.13 -3.42 47.98
CA GLN B 252 -6.05 -4.15 46.73
C GLN B 252 -4.73 -4.92 46.64
N ARG B 253 -3.70 -4.39 47.30
CA ARG B 253 -2.35 -4.94 47.15
C ARG B 253 -2.07 -6.09 48.12
N THR B 254 -2.96 -6.33 49.07
CA THR B 254 -2.61 -7.17 50.17
C THR B 254 -3.74 -8.11 50.63
N VAL B 255 -5.00 -7.67 50.70
CA VAL B 255 -6.06 -8.47 51.32
C VAL B 255 -6.73 -9.40 50.31
N PRO B 256 -6.59 -10.73 50.42
CA PRO B 256 -7.25 -11.64 49.47
C PRO B 256 -8.76 -11.37 49.30
N ALA B 257 -9.26 -11.61 48.09
CA ALA B 257 -10.71 -11.58 47.78
C ALA B 257 -11.50 -12.50 48.72
N ALA B 258 -10.87 -13.58 49.17
CA ALA B 258 -11.51 -14.57 49.99
C ALA B 258 -12.03 -13.93 51.28
N VAL B 259 -11.36 -12.89 51.77
CA VAL B 259 -11.84 -12.18 52.93
C VAL B 259 -13.11 -11.45 52.55
N PRO B 260 -14.24 -11.65 53.29
CA PRO B 260 -15.52 -11.07 52.90
C PRO B 260 -15.74 -9.59 53.21
N ALA B 261 -15.06 -9.05 54.23
CA ALA B 261 -15.44 -7.70 54.74
C ALA B 261 -14.25 -7.12 55.48
N ILE B 262 -14.09 -5.80 55.31
CA ILE B 262 -13.11 -5.02 55.97
C ILE B 262 -13.90 -3.96 56.74
N VAL B 263 -13.74 -4.00 58.06
CA VAL B 263 -14.47 -3.09 58.95
C VAL B 263 -13.44 -2.15 59.58
N PHE B 264 -13.42 -0.92 59.08
CA PHE B 264 -12.39 0.05 59.43
C PHE B 264 -12.53 0.51 60.87
N LEU B 265 -11.38 0.65 61.53
CA LEU B 265 -11.30 1.33 62.80
C LEU B 265 -11.16 2.84 62.50
N SER B 266 -11.68 3.67 63.40
CA SER B 266 -11.69 5.11 63.25
C SER B 266 -10.32 5.73 63.63
N GLY B 267 -9.69 5.20 64.67
CA GLY B 267 -8.35 5.71 65.10
C GLY B 267 -8.44 7.12 65.68
N GLY B 268 -7.74 8.07 65.07
CA GLY B 268 -7.75 9.49 65.53
C GLY B 268 -8.99 10.30 65.11
N GLN B 269 -9.81 9.75 64.20
CA GLN B 269 -10.72 10.55 63.39
C GLN B 269 -11.95 10.98 64.20
N SER B 270 -12.47 12.15 63.89
CA SER B 270 -13.74 12.63 64.41
C SER B 270 -14.89 11.79 63.82
N GLU B 271 -16.08 11.91 64.42
CA GLU B 271 -17.22 11.13 63.99
C GLU B 271 -17.46 11.38 62.48
N GLU B 272 -17.55 12.64 62.07
CA GLU B 272 -17.94 13.02 60.71
C GLU B 272 -16.85 12.65 59.69
N GLU B 273 -15.59 12.74 60.11
CA GLU B 273 -14.43 12.47 59.27
C GLU B 273 -14.39 10.96 58.96
N ALA B 274 -14.68 10.14 59.97
CA ALA B 274 -14.71 8.70 59.79
C ALA B 274 -15.77 8.33 58.73
N THR B 275 -16.95 8.91 58.87
CA THR B 275 -18.06 8.60 58.03
C THR B 275 -17.74 9.04 56.60
N ARG B 276 -17.24 10.27 56.42
CA ARG B 276 -16.98 10.83 55.11
C ARG B 276 -15.92 9.99 54.40
N ASN B 277 -14.91 9.54 55.17
CA ASN B 277 -13.82 8.72 54.63
C ASN B 277 -14.32 7.36 54.16
N LEU B 278 -15.14 6.69 54.98
CA LEU B 278 -15.73 5.41 54.59
C LEU B 278 -16.59 5.58 53.32
N ASN B 279 -17.42 6.63 53.33
CA ASN B 279 -18.33 6.92 52.25
C ASN B 279 -17.54 7.00 50.93
N ALA B 280 -16.39 7.72 50.95
CA ALA B 280 -15.64 7.96 49.72
C ALA B 280 -15.05 6.64 49.19
N MET B 281 -14.73 5.72 50.10
CA MET B 281 -14.19 4.47 49.66
C MET B 281 -15.25 3.68 48.91
N ASN B 282 -16.51 3.78 49.34
CA ASN B 282 -17.59 3.10 48.70
C ASN B 282 -18.08 3.86 47.46
N GLN B 283 -17.48 5.00 47.12
CA GLN B 283 -17.83 5.73 45.88
C GLN B 283 -16.75 5.48 44.81
N LEU B 284 -15.68 4.77 45.16
CA LEU B 284 -14.56 4.58 44.27
C LEU B 284 -14.83 3.42 43.29
N LYS B 285 -14.88 3.71 41.99
CA LYS B 285 -15.01 2.72 40.94
C LYS B 285 -13.64 2.05 40.71
N THR B 286 -13.50 0.86 41.30
CA THR B 286 -12.34 0.03 41.23
C THR B 286 -12.72 -1.33 41.85
N LYS B 287 -11.93 -2.36 41.52
CA LYS B 287 -12.11 -3.72 42.04
C LYS B 287 -11.96 -3.70 43.56
N LYS B 288 -13.02 -4.07 44.28
CA LYS B 288 -13.01 -4.11 45.73
C LYS B 288 -13.71 -5.38 46.17
N PRO B 289 -13.01 -6.54 46.24
CA PRO B 289 -13.67 -7.85 46.44
C PRO B 289 -14.01 -8.20 47.89
N TRP B 290 -14.39 -7.18 48.66
CA TRP B 290 -14.78 -7.29 50.03
C TRP B 290 -15.73 -6.11 50.27
N SER B 291 -16.67 -6.28 51.20
CA SER B 291 -17.39 -5.18 51.82
C SER B 291 -16.44 -4.24 52.53
N LEU B 292 -16.61 -2.95 52.29
CA LEU B 292 -15.95 -1.91 53.08
C LEU B 292 -17.00 -1.31 54.04
N SER B 293 -16.85 -1.61 55.32
CA SER B 293 -17.76 -1.17 56.36
C SER B 293 -17.00 -0.57 57.55
N PHE B 294 -17.65 -0.50 58.70
CA PHE B 294 -17.11 0.16 59.89
C PHE B 294 -17.12 -0.74 61.12
N SER B 295 -16.10 -0.55 61.96
CA SER B 295 -16.06 -1.08 63.30
C SER B 295 -15.62 0.03 64.26
N PHE B 296 -16.56 0.89 64.63
CA PHE B 296 -16.26 2.12 65.33
C PHE B 296 -16.71 1.98 66.79
N GLY B 297 -15.86 2.41 67.72
CA GLY B 297 -16.27 2.67 69.11
C GLY B 297 -16.55 4.13 69.34
N ARG B 298 -15.48 4.91 69.47
CA ARG B 298 -15.49 6.35 69.82
C ARG B 298 -16.19 7.14 68.72
N ALA B 299 -15.98 6.78 67.45
CA ALA B 299 -16.52 7.56 66.29
C ALA B 299 -18.04 7.37 66.16
N LEU B 300 -18.59 6.43 66.93
CA LEU B 300 -20.00 6.13 66.91
C LEU B 300 -20.69 6.62 68.20
N GLN B 301 -19.91 6.84 69.27
CA GLN B 301 -20.39 7.00 70.65
C GLN B 301 -20.17 8.42 71.21
N GLN B 302 -19.23 9.21 70.66
CA GLN B 302 -18.67 10.39 71.38
C GLN B 302 -19.78 11.41 71.61
N SER B 303 -20.50 11.78 70.54
CA SER B 303 -21.60 12.72 70.61
C SER B 303 -22.72 12.21 71.55
N THR B 304 -22.91 10.88 71.60
CA THR B 304 -23.98 10.28 72.40
C THR B 304 -23.64 10.38 73.89
N LEU B 305 -22.36 10.17 74.24
CA LEU B 305 -21.86 10.32 75.62
C LEU B 305 -22.07 11.76 76.11
N LYS B 306 -21.71 12.73 75.24
CA LYS B 306 -21.86 14.16 75.53
C LYS B 306 -23.33 14.47 75.80
N THR B 307 -24.23 14.18 74.86
CA THR B 307 -25.62 14.56 75.02
C THR B 307 -26.17 13.92 76.30
N TRP B 308 -25.73 12.68 76.60
CA TRP B 308 -26.30 11.90 77.71
C TRP B 308 -25.99 12.52 79.08
N GLY B 309 -24.69 12.50 79.44
CA GLY B 309 -24.21 12.86 80.77
C GLY B 309 -24.91 12.12 81.91
N GLY B 310 -26.12 12.59 82.23
CA GLY B 310 -26.85 12.29 83.46
C GLY B 310 -27.84 11.16 83.27
N LYS B 311 -29.09 11.49 82.92
CA LYS B 311 -30.06 10.52 82.38
C LYS B 311 -31.35 11.24 81.98
N GLU B 312 -32.44 10.47 81.84
CA GLU B 312 -33.83 10.96 81.84
C GLU B 312 -34.10 11.81 80.58
N GLU B 313 -34.12 13.15 80.68
CA GLU B 313 -34.44 13.98 79.52
C GLU B 313 -33.35 13.83 78.45
N ASN B 314 -32.14 13.50 78.91
CA ASN B 314 -30.98 13.44 78.06
C ASN B 314 -30.82 12.06 77.44
N VAL B 315 -31.54 11.04 77.93
CA VAL B 315 -31.56 9.73 77.27
C VAL B 315 -32.12 9.91 75.86
N LYS B 316 -33.32 10.52 75.74
CA LYS B 316 -34.05 10.52 74.45
C LYS B 316 -33.30 11.36 73.41
N LYS B 317 -32.58 12.40 73.86
CA LYS B 317 -31.81 13.30 72.98
C LYS B 317 -30.52 12.63 72.52
N ALA B 318 -29.96 11.78 73.39
CA ALA B 318 -28.73 11.04 73.15
C ALA B 318 -28.99 9.85 72.23
N GLN B 319 -30.16 9.23 72.38
CA GLN B 319 -30.59 8.17 71.52
C GLN B 319 -30.83 8.73 70.11
N GLU B 320 -31.27 9.99 70.04
CA GLU B 320 -31.45 10.70 68.77
C GLU B 320 -30.06 10.90 68.14
N ALA B 321 -29.07 11.24 68.99
CA ALA B 321 -27.73 11.50 68.54
C ALA B 321 -27.04 10.19 68.10
N PHE B 322 -27.37 9.08 68.77
CA PHE B 322 -26.74 7.79 68.45
C PHE B 322 -27.28 7.26 67.11
N LEU B 323 -28.58 7.42 66.90
CA LEU B 323 -29.25 7.05 65.68
C LEU B 323 -28.67 7.84 64.50
N VAL B 324 -28.33 9.12 64.70
CA VAL B 324 -27.78 9.97 63.63
C VAL B 324 -26.49 9.32 63.09
N ARG B 325 -25.61 8.90 64.00
CA ARG B 325 -24.30 8.40 63.66
C ARG B 325 -24.43 7.00 63.05
N CYS B 326 -25.27 6.13 63.64
CA CYS B 326 -25.57 4.82 63.09
C CYS B 326 -26.07 4.97 61.64
N LYS B 327 -27.07 5.82 61.42
CA LYS B 327 -27.70 5.95 60.09
C LYS B 327 -26.68 6.53 59.09
N ALA B 328 -25.84 7.46 59.54
CA ALA B 328 -24.83 8.06 58.69
C ALA B 328 -23.78 7.03 58.25
N ASN B 329 -23.33 6.18 59.17
CA ASN B 329 -22.31 5.18 58.83
C ASN B 329 -22.90 4.08 57.94
N SER B 330 -24.14 3.69 58.24
CA SER B 330 -24.93 2.80 57.36
C SER B 330 -24.94 3.33 55.92
N GLU B 331 -25.26 4.62 55.77
CA GLU B 331 -25.29 5.30 54.46
C GLU B 331 -23.89 5.23 53.82
N ALA B 332 -22.88 5.46 54.66
CA ALA B 332 -21.47 5.41 54.24
C ALA B 332 -21.09 4.04 53.65
N THR B 333 -21.58 2.93 54.21
CA THR B 333 -21.26 1.60 53.64
C THR B 333 -21.83 1.42 52.22
N LEU B 334 -22.82 2.24 51.83
CA LEU B 334 -23.49 2.13 50.54
C LEU B 334 -22.99 3.22 49.56
N GLY B 335 -22.12 4.09 50.04
CA GLY B 335 -21.65 5.26 49.29
C GLY B 335 -22.71 6.32 49.11
N ALA B 336 -23.65 6.37 50.04
CA ALA B 336 -24.83 7.18 49.90
C ALA B 336 -24.95 8.20 51.03
N TYR B 337 -23.85 8.50 51.72
CA TYR B 337 -23.88 9.53 52.75
C TYR B 337 -23.74 10.92 52.11
N LYS B 338 -24.58 11.86 52.57
CA LYS B 338 -24.56 13.27 52.10
C LYS B 338 -24.50 14.18 53.34
N GLY B 339 -23.31 14.73 53.65
CA GLY B 339 -23.15 15.71 54.74
C GLY B 339 -23.81 15.26 56.02
N PHE C 4 -3.24 27.92 -40.98
CA PHE C 4 -3.69 27.19 -39.75
C PHE C 4 -2.51 26.48 -39.07
N THR C 5 -1.99 27.13 -38.04
CA THR C 5 -1.49 26.43 -36.83
C THR C 5 -2.49 26.80 -35.73
N SER C 6 -2.72 25.90 -34.77
CA SER C 6 -3.56 26.22 -33.61
C SER C 6 -2.68 26.83 -32.50
N LYS C 7 -3.31 27.28 -31.41
CA LYS C 7 -2.61 27.72 -30.21
C LYS C 7 -1.98 26.50 -29.51
N PHE C 8 -2.38 25.28 -29.89
CA PHE C 8 -1.87 24.03 -29.32
C PHE C 8 -0.77 23.39 -30.19
N ALA C 9 -0.34 24.04 -31.28
CA ALA C 9 0.66 23.46 -32.23
C ALA C 9 1.80 22.70 -31.51
N ASP C 10 2.47 23.37 -30.55
CA ASP C 10 3.67 22.83 -29.90
C ASP C 10 3.31 21.59 -29.07
N GLU C 11 2.19 21.67 -28.34
CA GLU C 11 1.77 20.55 -27.52
C GLU C 11 1.26 19.41 -28.40
N LEU C 12 0.58 19.71 -29.50
CA LEU C 12 0.17 18.64 -30.43
C LEU C 12 1.41 17.87 -30.92
N ILE C 13 2.41 18.62 -31.40
CA ILE C 13 3.65 18.08 -31.97
C ILE C 13 4.39 17.23 -30.92
N ALA C 14 4.50 17.75 -29.69
CA ALA C 14 5.21 17.03 -28.57
C ALA C 14 4.50 15.71 -28.24
N ASN C 15 3.15 15.77 -28.08
CA ASN C 15 2.39 14.60 -27.69
C ASN C 15 2.35 13.57 -28.81
N ALA C 16 2.19 13.98 -30.06
CA ALA C 16 2.19 13.00 -31.15
C ALA C 16 3.57 12.31 -31.24
N ALA C 17 4.64 13.09 -31.11
CA ALA C 17 6.02 12.53 -31.04
C ALA C 17 6.13 11.50 -29.90
N TYR C 18 5.56 11.82 -28.74
CA TYR C 18 5.65 11.02 -27.54
C TYR C 18 4.97 9.65 -27.71
N ILE C 19 3.81 9.63 -28.36
CA ILE C 19 3.05 8.42 -28.57
C ILE C 19 3.96 7.38 -29.25
N GLY C 20 4.83 7.87 -30.14
CA GLY C 20 5.73 7.06 -30.91
C GLY C 20 7.06 6.77 -30.22
N THR C 21 7.24 7.14 -28.94
CA THR C 21 8.46 6.76 -28.17
C THR C 21 8.79 5.26 -28.34
N PRO C 22 10.01 4.90 -28.81
CA PRO C 22 10.39 3.49 -28.94
C PRO C 22 10.19 2.75 -27.62
N GLY C 23 9.50 1.61 -27.70
CA GLY C 23 9.24 0.79 -26.51
C GLY C 23 7.85 1.02 -25.93
N LYS C 24 7.05 1.88 -26.56
CA LYS C 24 5.69 2.17 -26.09
C LYS C 24 4.69 2.14 -27.25
N GLY C 25 3.42 1.98 -26.88
CA GLY C 25 2.29 2.00 -27.76
C GLY C 25 0.99 2.35 -27.04
N ILE C 26 -0.16 2.14 -27.70
CA ILE C 26 -1.47 2.57 -27.25
C ILE C 26 -2.31 1.34 -26.93
N LEU C 27 -2.92 1.34 -25.74
CA LEU C 27 -3.98 0.46 -25.42
C LEU C 27 -5.31 1.12 -25.85
N ALA C 28 -6.09 0.38 -26.63
CA ALA C 28 -7.44 0.81 -27.06
C ALA C 28 -8.47 0.10 -26.17
N ALA C 29 -8.91 0.84 -25.15
CA ALA C 29 -9.92 0.45 -24.21
C ALA C 29 -11.19 1.29 -24.42
N ASP C 30 -11.49 1.66 -25.68
CA ASP C 30 -12.52 2.65 -26.03
C ASP C 30 -13.81 1.97 -26.55
N GLU C 31 -14.01 0.71 -26.18
CA GLU C 31 -15.23 -0.02 -26.49
C GLU C 31 -16.43 0.65 -25.82
N SER C 32 -17.48 0.88 -26.62
CA SER C 32 -18.79 1.35 -26.22
C SER C 32 -19.38 0.47 -25.11
N THR C 33 -20.47 0.98 -24.53
CA THR C 33 -21.23 0.26 -23.53
C THR C 33 -21.75 -1.04 -24.15
N GLY C 34 -22.05 -1.00 -25.45
CA GLY C 34 -22.52 -2.18 -26.21
C GLY C 34 -21.43 -3.22 -26.42
N THR C 35 -20.34 -2.81 -27.06
CA THR C 35 -19.23 -3.69 -27.46
C THR C 35 -18.57 -4.33 -26.24
N ILE C 36 -18.35 -3.55 -25.18
CA ILE C 36 -17.70 -4.07 -24.00
C ILE C 36 -18.66 -5.04 -23.30
N GLY C 37 -19.96 -4.84 -23.49
CA GLY C 37 -20.98 -5.81 -23.10
C GLY C 37 -20.73 -7.18 -23.73
N LYS C 38 -20.59 -7.19 -25.06
CA LYS C 38 -20.38 -8.42 -25.87
C LYS C 38 -19.16 -9.17 -25.32
N ARG C 39 -18.10 -8.40 -25.00
CA ARG C 39 -16.86 -8.92 -24.43
C ARG C 39 -17.09 -9.39 -23.00
N LEU C 40 -17.92 -8.66 -22.23
CA LEU C 40 -18.19 -8.96 -20.80
C LEU C 40 -19.09 -10.21 -20.70
N ALA C 41 -20.07 -10.33 -21.60
CA ALA C 41 -20.90 -11.52 -21.71
C ALA C 41 -20.04 -12.70 -22.15
N SER C 42 -19.13 -12.45 -23.10
CA SER C 42 -18.22 -13.46 -23.65
C SER C 42 -17.54 -14.28 -22.55
N ILE C 43 -17.62 -13.82 -21.30
CA ILE C 43 -17.07 -14.56 -20.16
C ILE C 43 -18.04 -14.48 -18.97
N ASN C 44 -19.34 -14.45 -19.30
CA ASN C 44 -20.46 -14.48 -18.34
C ASN C 44 -20.29 -13.40 -17.25
N VAL C 45 -20.25 -12.14 -17.69
CA VAL C 45 -20.25 -10.98 -16.78
C VAL C 45 -21.30 -9.98 -17.25
N GLU C 46 -22.14 -9.54 -16.30
CA GLU C 46 -23.22 -8.60 -16.59
C GLU C 46 -22.58 -7.25 -16.93
N ASN C 47 -23.16 -6.58 -17.94
CA ASN C 47 -22.66 -5.32 -18.44
C ASN C 47 -23.21 -4.18 -17.58
N VAL C 48 -22.65 -4.03 -16.37
CA VAL C 48 -22.98 -2.93 -15.45
C VAL C 48 -21.76 -2.00 -15.39
N GLU C 49 -21.97 -0.71 -15.09
CA GLU C 49 -20.87 0.25 -14.93
C GLU C 49 -19.88 -0.20 -13.86
N SER C 50 -20.35 -0.90 -12.82
CA SER C 50 -19.47 -1.44 -11.78
C SER C 50 -18.41 -2.37 -12.40
N ASN C 51 -18.79 -3.15 -13.42
CA ASN C 51 -17.95 -4.17 -14.06
C ASN C 51 -17.08 -3.57 -15.17
N ARG C 52 -17.69 -2.73 -16.01
CA ARG C 52 -16.96 -1.90 -16.98
C ARG C 52 -15.81 -1.16 -16.28
N ARG C 53 -16.11 -0.56 -15.12
CA ARG C 53 -15.13 0.13 -14.28
C ARG C 53 -14.06 -0.85 -13.82
N ALA C 54 -14.47 -2.04 -13.40
CA ALA C 54 -13.57 -3.05 -12.82
C ALA C 54 -12.60 -3.58 -13.87
N LEU C 55 -13.09 -3.86 -15.09
CA LEU C 55 -12.25 -4.38 -16.16
C LEU C 55 -11.16 -3.35 -16.50
N ARG C 56 -11.54 -2.08 -16.69
CA ARG C 56 -10.56 -1.04 -17.07
C ARG C 56 -9.56 -0.80 -15.92
N GLU C 57 -10.02 -0.87 -14.67
CA GLU C 57 -9.17 -0.65 -13.52
C GLU C 57 -8.11 -1.77 -13.42
N LEU C 58 -8.54 -3.01 -13.65
CA LEU C 58 -7.68 -4.19 -13.71
C LEU C 58 -6.51 -3.93 -14.68
N LEU C 59 -6.83 -3.42 -15.88
CA LEU C 59 -5.84 -3.12 -16.88
C LEU C 59 -4.86 -2.07 -16.33
N PHE C 60 -5.39 -0.94 -15.86
CA PHE C 60 -4.59 0.28 -15.60
C PHE C 60 -3.75 0.15 -14.32
N THR C 61 -4.20 -0.68 -13.36
CA THR C 61 -3.45 -0.90 -12.08
C THR C 61 -2.56 -2.14 -12.15
N THR C 62 -2.44 -2.75 -13.35
CA THR C 62 -1.48 -3.86 -13.61
C THR C 62 -0.08 -3.33 -13.38
N PRO C 63 0.65 -3.81 -12.35
CA PRO C 63 2.02 -3.35 -12.11
C PRO C 63 2.92 -3.68 -13.31
N GLY C 64 3.66 -2.66 -13.78
CA GLY C 64 4.61 -2.79 -14.90
C GLY C 64 3.97 -2.59 -16.28
N ALA C 65 2.66 -2.34 -16.36
CA ALA C 65 1.98 -2.27 -17.65
C ALA C 65 1.99 -0.83 -18.22
N LEU C 66 1.64 0.16 -17.40
CA LEU C 66 1.53 1.55 -17.87
C LEU C 66 2.84 2.04 -18.54
N PRO C 67 4.04 1.73 -18.01
CA PRO C 67 5.30 2.02 -18.71
C PRO C 67 5.51 1.51 -20.15
N CYS C 68 4.72 0.50 -20.54
CA CYS C 68 4.73 -0.02 -21.91
C CYS C 68 3.79 0.81 -22.80
N LEU C 69 3.06 1.76 -22.22
CA LEU C 69 2.02 2.48 -22.98
C LEU C 69 2.29 3.98 -23.00
N SER C 70 2.32 4.53 -24.21
CA SER C 70 2.36 5.97 -24.46
C SER C 70 0.97 6.58 -24.41
N GLY C 71 -0.08 5.75 -24.62
CA GLY C 71 -1.46 6.21 -24.70
C GLY C 71 -2.44 5.10 -24.32
N VAL C 72 -3.61 5.51 -23.78
CA VAL C 72 -4.76 4.65 -23.62
C VAL C 72 -5.97 5.37 -24.23
N ILE C 73 -6.64 4.74 -25.21
CA ILE C 73 -7.91 5.28 -25.77
C ILE C 73 -9.08 4.87 -24.85
N LEU C 74 -9.83 5.86 -24.37
CA LEU C 74 -10.94 5.67 -23.48
C LEU C 74 -12.26 5.99 -24.19
N PHE C 75 -13.32 5.32 -23.75
CA PHE C 75 -14.69 5.70 -24.04
C PHE C 75 -15.10 6.82 -23.06
N GLU C 76 -16.11 7.60 -23.44
CA GLU C 76 -16.58 8.82 -22.73
C GLU C 76 -16.77 8.53 -21.24
N GLU C 77 -17.57 7.51 -20.93
CA GLU C 77 -17.86 7.12 -19.55
C GLU C 77 -16.56 6.92 -18.76
N THR C 78 -15.58 6.22 -19.36
CA THR C 78 -14.35 5.86 -18.64
C THR C 78 -13.48 7.11 -18.38
N LEU C 79 -13.57 8.11 -19.26
CA LEU C 79 -12.77 9.31 -19.13
C LEU C 79 -13.11 10.01 -17.81
N TYR C 80 -14.33 9.86 -17.30
CA TYR C 80 -14.74 10.55 -16.04
C TYR C 80 -14.78 9.59 -14.85
N GLN C 81 -14.49 8.31 -15.10
CA GLN C 81 -14.58 7.24 -14.08
C GLN C 81 -13.40 7.38 -13.09
N LYS C 82 -13.58 6.91 -11.86
CA LYS C 82 -12.51 6.91 -10.84
C LYS C 82 -12.07 5.46 -10.57
N SER C 83 -10.79 5.26 -10.21
CA SER C 83 -10.31 3.99 -9.68
C SER C 83 -10.86 3.80 -8.25
N SER C 84 -10.53 2.65 -7.65
CA SER C 84 -11.03 2.24 -6.35
C SER C 84 -10.43 3.10 -5.23
N ASP C 85 -9.23 3.66 -5.49
CA ASP C 85 -8.51 4.46 -4.51
C ASP C 85 -8.87 5.94 -4.67
N GLY C 86 -9.86 6.23 -5.53
CA GLY C 86 -10.41 7.57 -5.68
C GLY C 86 -9.73 8.35 -6.79
N THR C 87 -8.66 7.79 -7.38
CA THR C 87 -7.90 8.49 -8.40
C THR C 87 -8.64 8.42 -9.72
N PRO C 88 -8.96 9.59 -10.33
CA PRO C 88 -9.46 9.63 -11.70
C PRO C 88 -8.51 8.89 -12.65
N PHE C 89 -9.05 8.02 -13.52
CA PHE C 89 -8.24 7.20 -14.40
C PHE C 89 -7.24 8.08 -15.17
N VAL C 90 -7.68 9.25 -15.63
CA VAL C 90 -6.82 10.15 -16.41
C VAL C 90 -5.58 10.56 -15.58
N ASP C 91 -5.73 10.76 -14.26
CA ASP C 91 -4.60 11.15 -13.41
C ASP C 91 -3.68 9.93 -13.26
N MET C 92 -4.30 8.77 -13.03
CA MET C 92 -3.64 7.48 -12.92
C MET C 92 -2.72 7.27 -14.13
N LEU C 93 -3.21 7.63 -15.33
CA LEU C 93 -2.51 7.47 -16.57
C LEU C 93 -1.37 8.50 -16.64
N LYS C 94 -1.62 9.78 -16.33
CA LYS C 94 -0.65 10.86 -16.45
C LYS C 94 0.52 10.65 -15.46
N SER C 95 0.24 10.10 -14.28
CA SER C 95 1.29 9.87 -13.25
C SER C 95 2.30 8.83 -13.72
N ALA C 96 1.86 7.92 -14.59
CA ALA C 96 2.68 6.87 -15.18
C ALA C 96 3.22 7.30 -16.55
N GLY C 97 2.97 8.55 -16.93
CA GLY C 97 3.45 9.06 -18.21
C GLY C 97 2.61 8.67 -19.40
N VAL C 98 1.42 8.14 -19.20
CA VAL C 98 0.54 7.71 -20.33
C VAL C 98 -0.42 8.85 -20.70
N LEU C 99 -0.53 9.17 -21.99
CA LEU C 99 -1.53 10.22 -22.37
C LEU C 99 -2.91 9.60 -22.44
N PRO C 100 -3.94 10.18 -21.82
CA PRO C 100 -5.31 9.75 -22.05
C PRO C 100 -5.77 10.18 -23.45
N GLY C 101 -6.48 9.28 -24.12
CA GLY C 101 -7.14 9.57 -25.38
C GLY C 101 -8.62 9.29 -25.30
N ILE C 102 -9.36 9.73 -26.33
CA ILE C 102 -10.83 9.74 -26.29
C ILE C 102 -11.37 9.40 -27.67
N LYS C 103 -12.24 8.38 -27.76
CA LYS C 103 -12.97 8.06 -28.98
C LYS C 103 -14.03 9.14 -29.21
N VAL C 104 -14.07 9.78 -30.40
CA VAL C 104 -14.97 10.93 -30.62
C VAL C 104 -16.00 10.69 -31.73
N ASP C 105 -15.84 9.64 -32.53
CA ASP C 105 -16.75 9.37 -33.64
C ASP C 105 -18.08 8.87 -33.05
N LYS C 106 -19.17 9.01 -33.82
CA LYS C 106 -20.48 8.57 -33.40
C LYS C 106 -20.96 7.40 -34.28
N GLY C 107 -20.06 6.49 -34.64
CA GLY C 107 -20.40 5.27 -35.38
C GLY C 107 -20.51 5.54 -36.88
N THR C 108 -20.88 4.48 -37.60
CA THR C 108 -20.99 4.48 -39.03
C THR C 108 -22.46 4.41 -39.44
N VAL C 109 -22.73 4.84 -40.67
CA VAL C 109 -24.01 4.71 -41.38
C VAL C 109 -23.74 4.34 -42.84
N GLU C 110 -24.65 3.61 -43.44
CA GLU C 110 -24.48 3.10 -44.81
C GLU C 110 -24.73 4.19 -45.85
N LEU C 111 -23.94 4.14 -46.92
CA LEU C 111 -24.07 5.01 -48.04
C LEU C 111 -25.13 4.43 -48.99
N ALA C 112 -26.11 5.26 -49.36
CA ALA C 112 -27.07 4.87 -50.39
C ALA C 112 -26.33 4.67 -51.71
N GLY C 113 -26.74 3.68 -52.49
CA GLY C 113 -26.26 3.48 -53.84
C GLY C 113 -24.94 2.73 -53.87
N THR C 114 -24.53 2.15 -52.73
CA THR C 114 -23.34 1.35 -52.64
C THR C 114 -23.70 -0.03 -52.07
N ASN C 115 -22.73 -0.92 -52.00
CA ASN C 115 -22.95 -2.25 -51.54
C ASN C 115 -22.50 -2.34 -50.07
N GLY C 116 -23.31 -1.76 -49.17
CA GLY C 116 -23.09 -1.78 -47.73
C GLY C 116 -21.84 -1.05 -47.24
N GLU C 117 -21.34 -0.09 -48.01
CA GLU C 117 -20.23 0.77 -47.61
C GLU C 117 -20.75 1.83 -46.65
N THR C 118 -19.88 2.29 -45.78
CA THR C 118 -20.27 3.19 -44.76
C THR C 118 -19.41 4.47 -44.85
N THR C 119 -19.93 5.46 -44.12
CA THR C 119 -19.30 6.66 -43.78
C THR C 119 -19.52 6.80 -42.28
N THR C 120 -18.65 7.61 -41.63
CA THR C 120 -18.61 7.73 -40.21
C THR C 120 -19.21 9.09 -39.83
N GLN C 121 -19.99 9.10 -38.75
CA GLN C 121 -20.53 10.34 -38.25
C GLN C 121 -19.81 10.82 -37.01
N GLY C 122 -20.14 12.06 -36.65
CA GLY C 122 -19.70 12.69 -35.42
C GLY C 122 -19.14 14.11 -35.56
N LEU C 123 -19.24 14.75 -36.73
CA LEU C 123 -18.72 16.12 -36.87
C LEU C 123 -19.56 17.12 -36.08
N ASP C 124 -20.85 16.84 -35.93
CA ASP C 124 -21.74 17.84 -35.32
C ASP C 124 -21.42 17.99 -33.84
N GLY C 125 -21.08 19.22 -33.45
CA GLY C 125 -20.74 19.61 -32.08
C GLY C 125 -19.43 19.01 -31.59
N LEU C 126 -18.54 18.64 -32.51
CA LEU C 126 -17.34 17.92 -32.18
C LEU C 126 -16.34 18.82 -31.47
N GLY C 127 -16.26 20.09 -31.92
CA GLY C 127 -15.36 21.08 -31.36
C GLY C 127 -15.63 21.29 -29.89
N ASP C 128 -16.90 21.42 -29.52
CA ASP C 128 -17.24 21.64 -28.13
C ASP C 128 -17.00 20.36 -27.31
N ARG C 129 -17.22 19.18 -27.92
CA ARG C 129 -16.94 17.91 -27.27
CA ARG C 129 -16.94 17.90 -27.27
C ARG C 129 -15.43 17.79 -26.97
N CYS C 130 -14.61 18.08 -27.99
CA CYS C 130 -13.16 18.00 -27.92
C CYS C 130 -12.57 18.92 -26.83
N LYS C 131 -13.05 20.15 -26.80
CA LYS C 131 -12.73 21.11 -25.80
C LYS C 131 -13.06 20.58 -24.40
N LYS C 132 -14.24 19.98 -24.22
CA LYS C 132 -14.61 19.45 -22.91
C LYS C 132 -13.71 18.25 -22.55
N TYR C 133 -13.29 17.46 -23.56
CA TYR C 133 -12.47 16.31 -23.34
C TYR C 133 -11.04 16.75 -22.96
N TYR C 134 -10.53 17.78 -23.63
CA TYR C 134 -9.25 18.37 -23.29
C TYR C 134 -9.26 18.83 -21.82
N GLU C 135 -10.27 19.61 -21.45
CA GLU C 135 -10.45 20.04 -20.07
C GLU C 135 -10.45 18.81 -19.16
N ALA C 136 -10.96 17.66 -19.61
CA ALA C 136 -11.04 16.46 -18.75
C ALA C 136 -9.69 15.72 -18.64
N GLY C 137 -8.69 16.07 -19.46
CA GLY C 137 -7.35 15.45 -19.43
C GLY C 137 -7.00 14.67 -20.70
N ALA C 138 -7.90 14.64 -21.68
CA ALA C 138 -7.60 13.94 -22.92
C ALA C 138 -6.64 14.78 -23.76
N ARG C 139 -5.67 14.15 -24.42
CA ARG C 139 -4.70 14.86 -25.21
CA ARG C 139 -4.69 14.87 -25.21
C ARG C 139 -4.62 14.29 -26.63
N PHE C 140 -5.34 13.19 -26.89
CA PHE C 140 -5.50 12.68 -28.27
C PHE C 140 -6.91 12.11 -28.46
N ALA C 141 -7.25 11.94 -29.73
CA ALA C 141 -8.58 11.54 -30.09
C ALA C 141 -8.50 10.41 -31.11
N LYS C 142 -9.59 9.65 -31.24
CA LYS C 142 -9.72 8.62 -32.22
C LYS C 142 -11.06 8.76 -32.96
N TRP C 143 -11.00 8.48 -34.27
CA TRP C 143 -12.15 8.41 -35.17
C TRP C 143 -11.90 7.31 -36.19
N ARG C 144 -12.79 6.34 -36.22
CA ARG C 144 -12.70 5.19 -37.10
C ARG C 144 -13.59 5.32 -38.35
N ALA C 145 -12.93 5.29 -39.50
CA ALA C 145 -13.57 5.02 -40.81
C ALA C 145 -13.36 3.55 -41.18
N VAL C 146 -14.39 2.94 -41.77
CA VAL C 146 -14.42 1.56 -42.16
C VAL C 146 -14.59 1.52 -43.67
N LEU C 147 -13.74 0.77 -44.36
CA LEU C 147 -13.78 0.57 -45.81
C LEU C 147 -13.69 -0.93 -46.07
N LYS C 148 -14.35 -1.43 -47.13
CA LYS C 148 -14.24 -2.84 -47.43
C LYS C 148 -13.64 -3.05 -48.81
N ILE C 149 -13.18 -4.29 -49.01
CA ILE C 149 -12.60 -4.77 -50.25
C ILE C 149 -13.63 -5.69 -50.93
N GLY C 150 -13.97 -5.37 -52.18
CA GLY C 150 -14.93 -6.12 -52.97
C GLY C 150 -14.64 -5.94 -54.45
N VAL C 151 -15.52 -6.46 -55.29
CA VAL C 151 -15.39 -6.33 -56.75
C VAL C 151 -15.27 -4.83 -57.08
N ASN C 152 -16.23 -4.05 -56.59
CA ASN C 152 -16.33 -2.63 -56.89
C ASN C 152 -16.00 -1.79 -55.62
N GLU C 153 -15.30 -2.37 -54.63
CA GLU C 153 -15.10 -1.69 -53.36
C GLU C 153 -13.60 -1.67 -53.00
N PRO C 154 -13.17 -0.60 -52.35
CA PRO C 154 -14.03 0.48 -51.91
C PRO C 154 -14.34 1.42 -53.08
N SER C 155 -15.55 1.97 -53.11
CA SER C 155 -15.95 2.88 -54.16
C SER C 155 -15.29 4.25 -53.95
N GLN C 156 -15.22 5.01 -55.05
CA GLN C 156 -14.70 6.32 -55.04
C GLN C 156 -15.50 7.18 -54.05
N LEU C 157 -16.81 6.99 -54.00
CA LEU C 157 -17.67 7.70 -53.03
C LEU C 157 -17.30 7.33 -51.58
N ALA C 158 -17.10 6.04 -51.31
CA ALA C 158 -16.74 5.60 -49.94
C ALA C 158 -15.40 6.20 -49.52
N ILE C 159 -14.41 6.12 -50.40
CA ILE C 159 -13.06 6.63 -50.12
C ILE C 159 -13.18 8.14 -49.79
N HIS C 160 -13.82 8.88 -50.68
CA HIS C 160 -13.94 10.31 -50.58
C HIS C 160 -14.60 10.71 -49.23
N GLU C 161 -15.72 10.07 -48.92
CA GLU C 161 -16.50 10.39 -47.73
C GLU C 161 -15.67 10.14 -46.48
N ASN C 162 -14.90 9.06 -46.49
CA ASN C 162 -14.18 8.65 -45.31
C ASN C 162 -12.93 9.50 -45.16
N ALA C 163 -12.20 9.71 -46.26
CA ALA C 163 -11.00 10.58 -46.27
C ALA C 163 -11.32 12.01 -45.78
N TYR C 164 -12.38 12.62 -46.34
CA TYR C 164 -12.66 14.02 -46.06
C TYR C 164 -13.30 14.13 -44.68
N GLY C 165 -14.00 13.07 -44.26
CA GLY C 165 -14.58 12.99 -42.94
C GLY C 165 -13.49 12.94 -41.88
N LEU C 166 -12.45 12.14 -42.17
CA LEU C 166 -11.30 12.09 -41.29
C LEU C 166 -10.59 13.45 -41.27
N ALA C 167 -10.52 14.11 -42.41
CA ALA C 167 -9.70 15.32 -42.53
C ALA C 167 -10.35 16.46 -41.73
N ARG C 168 -11.67 16.56 -41.81
CA ARG C 168 -12.40 17.60 -41.10
CA ARG C 168 -12.40 17.60 -41.09
C ARG C 168 -12.30 17.32 -39.60
N TYR C 169 -12.41 16.05 -39.20
CA TYR C 169 -12.29 15.62 -37.77
C TYR C 169 -10.91 15.99 -37.23
N ALA C 170 -9.89 15.74 -38.04
CA ALA C 170 -8.49 16.02 -37.70
C ALA C 170 -8.29 17.51 -37.37
N VAL C 171 -8.88 18.38 -38.19
CA VAL C 171 -8.80 19.82 -37.98
C VAL C 171 -9.46 20.21 -36.65
N ILE C 172 -10.68 19.77 -36.41
CA ILE C 172 -11.42 20.17 -35.21
C ILE C 172 -10.66 19.70 -33.96
N CYS C 173 -10.00 18.55 -34.10
CA CYS C 173 -9.23 17.98 -33.01
C CYS C 173 -8.11 18.94 -32.66
N GLN C 174 -7.37 19.35 -33.69
CA GLN C 174 -6.18 20.14 -33.50
C GLN C 174 -6.56 21.52 -32.97
N GLU C 175 -7.66 22.10 -33.45
CA GLU C 175 -8.15 23.40 -32.93
C GLU C 175 -8.41 23.32 -31.43
N ASN C 176 -8.76 22.15 -30.89
CA ASN C 176 -9.08 22.01 -29.48
C ASN C 176 -8.01 21.20 -28.73
N GLY C 177 -6.84 21.01 -29.29
CA GLY C 177 -5.66 20.52 -28.50
C GLY C 177 -5.55 19.00 -28.41
N LEU C 178 -6.37 18.24 -29.14
CA LEU C 178 -6.26 16.79 -29.20
C LEU C 178 -5.54 16.39 -30.50
N VAL C 179 -4.48 15.58 -30.34
CA VAL C 179 -3.82 14.97 -31.44
C VAL C 179 -4.79 13.97 -32.05
N PRO C 180 -5.18 14.12 -33.34
CA PRO C 180 -6.11 13.20 -33.95
C PRO C 180 -5.38 11.93 -34.39
N ILE C 181 -5.86 10.76 -33.92
CA ILE C 181 -5.53 9.48 -34.59
C ILE C 181 -6.47 9.32 -35.80
N VAL C 182 -5.87 9.29 -36.99
CA VAL C 182 -6.55 9.11 -38.26
C VAL C 182 -6.58 7.60 -38.49
N GLU C 183 -7.77 7.00 -38.52
CA GLU C 183 -7.93 5.54 -38.53
C GLU C 183 -8.78 5.10 -39.71
N PRO C 184 -8.18 4.89 -40.90
CA PRO C 184 -8.88 4.32 -42.05
C PRO C 184 -8.72 2.79 -42.14
N GLU C 185 -9.56 2.07 -41.38
CA GLU C 185 -9.47 0.63 -41.32
C GLU C 185 -10.08 0.01 -42.59
N ILE C 186 -9.24 -0.72 -43.32
CA ILE C 186 -9.68 -1.60 -44.34
C ILE C 186 -9.95 -2.97 -43.73
N LEU C 187 -11.20 -3.43 -43.87
CA LEU C 187 -11.67 -4.72 -43.31
C LEU C 187 -11.09 -5.89 -44.12
N VAL C 188 -10.85 -7.01 -43.43
CA VAL C 188 -10.10 -8.14 -44.00
C VAL C 188 -11.06 -9.02 -44.78
N ASP C 189 -12.37 -8.88 -44.56
CA ASP C 189 -13.40 -9.82 -45.11
C ASP C 189 -13.22 -10.03 -46.62
N GLY C 190 -13.10 -11.31 -47.01
CA GLY C 190 -13.14 -11.74 -48.39
C GLY C 190 -12.01 -12.70 -48.72
N SER C 191 -11.87 -12.93 -50.03
CA SER C 191 -10.97 -13.93 -50.57
C SER C 191 -9.76 -13.32 -51.29
N HIS C 192 -9.61 -12.00 -51.25
CA HIS C 192 -8.47 -11.33 -51.87
C HIS C 192 -7.15 -11.74 -51.18
N ASP C 193 -6.06 -11.57 -51.92
CA ASP C 193 -4.76 -11.88 -51.51
C ASP C 193 -4.15 -10.58 -50.91
N ILE C 194 -2.91 -10.67 -50.41
CA ILE C 194 -2.25 -9.60 -49.72
C ILE C 194 -1.93 -8.48 -50.74
N GLN C 195 -1.68 -8.82 -52.01
CA GLN C 195 -1.34 -7.83 -53.02
C GLN C 195 -2.54 -6.87 -53.20
N LYS C 196 -3.74 -7.42 -53.16
CA LYS C 196 -4.93 -6.61 -53.30
C LYS C 196 -5.09 -5.70 -52.07
N CYS C 197 -4.85 -6.27 -50.88
CA CYS C 197 -4.94 -5.46 -49.71
C CYS C 197 -3.90 -4.30 -49.79
N ALA C 198 -2.77 -4.55 -50.42
CA ALA C 198 -1.69 -3.55 -50.54
C ALA C 198 -2.16 -2.40 -51.43
N ALA C 199 -2.69 -2.75 -52.59
CA ALA C 199 -3.19 -1.77 -53.57
C ALA C 199 -4.30 -0.90 -52.97
N VAL C 200 -5.25 -1.53 -52.30
CA VAL C 200 -6.36 -0.80 -51.68
C VAL C 200 -5.85 0.08 -50.52
N THR C 201 -4.98 -0.44 -49.67
CA THR C 201 -4.42 0.34 -48.57
C THR C 201 -3.64 1.54 -49.11
N GLU C 202 -2.86 1.34 -50.20
CA GLU C 202 -2.13 2.43 -50.86
C GLU C 202 -3.12 3.49 -51.36
N ARG C 203 -4.19 3.05 -52.04
CA ARG C 203 -5.16 3.99 -52.57
C ARG C 203 -5.81 4.82 -51.44
N VAL C 204 -6.25 4.16 -50.38
CA VAL C 204 -6.99 4.81 -49.30
C VAL C 204 -6.14 5.85 -48.56
N LEU C 205 -4.90 5.46 -48.20
CA LEU C 205 -4.01 6.34 -47.46
C LEU C 205 -3.66 7.57 -48.32
N ALA C 206 -3.43 7.38 -49.62
CA ALA C 206 -3.09 8.45 -50.44
C ALA C 206 -4.27 9.43 -50.51
N ALA C 207 -5.50 8.90 -50.55
CA ALA C 207 -6.66 9.80 -50.53
C ALA C 207 -6.74 10.53 -49.19
N CYS C 208 -6.41 9.83 -48.10
CA CYS C 208 -6.51 10.42 -46.76
C CYS C 208 -5.51 11.57 -46.65
N TYR C 209 -4.29 11.38 -47.13
CA TYR C 209 -3.22 12.43 -46.92
C TYR C 209 -3.48 13.61 -47.87
N LYS C 210 -4.06 13.34 -49.06
CA LYS C 210 -4.49 14.43 -49.89
C LYS C 210 -5.61 15.25 -49.19
N ALA C 211 -6.55 14.57 -48.55
CA ALA C 211 -7.66 15.23 -47.83
C ALA C 211 -7.13 16.07 -46.67
N LEU C 212 -6.20 15.50 -45.92
CA LEU C 212 -5.57 16.18 -44.78
C LEU C 212 -4.83 17.44 -45.24
N SER C 213 -4.15 17.38 -46.38
CA SER C 213 -3.51 18.55 -47.01
C SER C 213 -4.54 19.63 -47.41
N ASP C 214 -5.65 19.22 -48.06
CA ASP C 214 -6.68 20.18 -48.48
C ASP C 214 -7.26 20.88 -47.24
N HIS C 215 -7.30 20.18 -46.08
CA HIS C 215 -7.87 20.73 -44.83
C HIS C 215 -6.84 21.47 -43.96
N HIS C 216 -5.59 21.60 -44.44
CA HIS C 216 -4.53 22.35 -43.76
C HIS C 216 -4.17 21.74 -42.40
N VAL C 217 -4.23 20.41 -42.28
CA VAL C 217 -3.91 19.72 -41.04
C VAL C 217 -2.39 19.77 -40.81
N LEU C 218 -2.00 20.08 -39.55
CA LEU C 218 -0.61 19.97 -39.06
C LEU C 218 -0.23 18.49 -38.91
N LEU C 219 0.51 17.96 -39.90
CA LEU C 219 0.81 16.49 -39.97
C LEU C 219 1.68 16.04 -38.80
N GLU C 220 2.62 16.91 -38.38
CA GLU C 220 3.48 16.63 -37.26
C GLU C 220 2.65 16.45 -35.97
N GLY C 221 1.39 16.88 -36.01
CA GLY C 221 0.51 16.78 -34.85
C GLY C 221 -0.58 15.74 -35.03
N THR C 222 -0.35 14.75 -35.90
CA THR C 222 -1.32 13.69 -36.18
C THR C 222 -0.68 12.32 -35.94
N LEU C 223 -1.53 11.30 -35.88
CA LEU C 223 -1.13 9.91 -35.81
C LEU C 223 -1.95 9.16 -36.87
N LEU C 224 -1.42 8.02 -37.34
CA LEU C 224 -2.14 7.14 -38.27
C LEU C 224 -2.36 5.78 -37.63
N LYS C 225 -3.58 5.27 -37.73
CA LYS C 225 -3.91 3.98 -37.24
C LYS C 225 -4.48 3.17 -38.41
N PRO C 226 -3.62 2.57 -39.25
CA PRO C 226 -4.10 1.78 -40.38
C PRO C 226 -4.15 0.31 -39.96
N ASN C 227 -4.84 -0.47 -40.79
CA ASN C 227 -4.70 -1.90 -40.84
C ASN C 227 -3.27 -2.24 -41.25
N MET C 228 -2.77 -3.38 -40.77
CA MET C 228 -1.64 -3.99 -41.43
C MET C 228 -2.15 -4.54 -42.76
N VAL C 229 -1.25 -4.74 -43.71
CA VAL C 229 -1.56 -5.30 -44.98
C VAL C 229 -1.49 -6.83 -44.85
N THR C 230 -2.64 -7.48 -45.05
CA THR C 230 -2.75 -8.94 -44.88
C THR C 230 -3.65 -9.49 -45.97
N PRO C 231 -3.60 -10.82 -46.21
CA PRO C 231 -4.57 -11.47 -47.07
C PRO C 231 -5.95 -11.42 -46.41
N GLY C 232 -7.00 -11.51 -47.23
CA GLY C 232 -8.35 -11.55 -46.74
C GLY C 232 -8.60 -12.73 -45.80
N SER C 233 -9.69 -12.61 -45.03
CA SER C 233 -10.06 -13.55 -43.99
C SER C 233 -10.26 -14.99 -44.52
N GLU C 234 -10.55 -15.15 -45.81
CA GLU C 234 -10.83 -16.48 -46.39
C GLU C 234 -9.56 -17.09 -47.04
N SER C 235 -8.47 -16.32 -47.08
CA SER C 235 -7.22 -16.71 -47.76
C SER C 235 -6.24 -17.28 -46.74
N ALA C 236 -5.19 -17.94 -47.24
CA ALA C 236 -4.17 -18.54 -46.36
C ALA C 236 -3.47 -17.42 -45.61
N LYS C 237 -3.26 -17.56 -44.31
CA LYS C 237 -2.36 -16.67 -43.58
C LYS C 237 -0.93 -16.72 -44.16
N VAL C 238 -0.21 -15.63 -43.93
CA VAL C 238 1.15 -15.54 -44.37
C VAL C 238 2.07 -15.11 -43.21
N ALA C 239 3.37 -15.40 -43.38
CA ALA C 239 4.37 -15.16 -42.35
C ALA C 239 4.52 -13.66 -42.06
N PRO C 240 4.98 -13.32 -40.84
CA PRO C 240 5.22 -11.93 -40.45
C PRO C 240 6.15 -11.15 -41.39
N GLU C 241 7.14 -11.83 -41.97
CA GLU C 241 8.11 -11.17 -42.89
C GLU C 241 7.36 -10.63 -44.12
N VAL C 242 6.28 -11.31 -44.52
CA VAL C 242 5.51 -10.98 -45.70
C VAL C 242 4.53 -9.84 -45.37
N ILE C 243 3.83 -9.94 -44.24
CA ILE C 243 3.01 -8.83 -43.70
C ILE C 243 3.87 -7.56 -43.58
N ALA C 244 5.10 -7.68 -43.06
CA ALA C 244 5.97 -6.57 -42.81
C ALA C 244 6.31 -5.86 -44.13
N GLU C 245 6.80 -6.63 -45.09
CA GLU C 245 7.30 -6.18 -46.37
C GLU C 245 6.17 -5.44 -47.10
N HIS C 246 4.94 -5.99 -47.10
CA HIS C 246 3.82 -5.35 -47.86
C HIS C 246 3.28 -4.14 -47.08
N THR C 247 3.14 -4.25 -45.75
CA THR C 247 2.69 -3.16 -44.94
C THR C 247 3.63 -1.94 -45.06
N VAL C 248 4.91 -2.13 -44.77
CA VAL C 248 5.85 -1.01 -44.71
C VAL C 248 5.95 -0.38 -46.11
N ARG C 249 6.00 -1.21 -47.17
CA ARG C 249 6.04 -0.68 -48.54
C ARG C 249 4.83 0.22 -48.81
N ALA C 250 3.65 -0.22 -48.36
CA ALA C 250 2.40 0.57 -48.57
C ALA C 250 2.50 1.93 -47.87
N LEU C 251 3.05 1.92 -46.65
CA LEU C 251 3.24 3.14 -45.87
C LEU C 251 4.33 4.03 -46.50
N GLN C 252 5.41 3.41 -46.99
CA GLN C 252 6.46 4.17 -47.64
C GLN C 252 5.88 4.96 -48.82
N ARG C 253 4.84 4.42 -49.44
CA ARG C 253 4.33 4.98 -50.67
C ARG C 253 3.28 6.09 -50.44
N THR C 254 2.88 6.29 -49.20
CA THR C 254 1.74 7.14 -48.97
C THR C 254 1.90 8.07 -47.74
N VAL C 255 2.49 7.63 -46.62
CA VAL C 255 2.43 8.40 -45.37
C VAL C 255 3.62 9.34 -45.24
N PRO C 256 3.42 10.67 -45.29
CA PRO C 256 4.55 11.61 -45.17
C PRO C 256 5.43 11.34 -43.93
N ALA C 257 6.72 11.63 -44.08
CA ALA C 257 7.71 11.57 -42.96
C ALA C 257 7.24 12.43 -41.79
N ALA C 258 6.51 13.52 -42.09
CA ALA C 258 6.09 14.46 -41.09
C ALA C 258 5.24 13.77 -40.05
N VAL C 259 4.51 12.71 -40.42
CA VAL C 259 3.73 11.96 -39.44
C VAL C 259 4.70 11.25 -38.52
N PRO C 260 4.61 11.43 -37.18
CA PRO C 260 5.60 10.87 -36.25
C PRO C 260 5.44 9.39 -35.91
N ALA C 261 4.22 8.85 -35.96
CA ALA C 261 4.01 7.47 -35.51
C ALA C 261 2.84 6.86 -36.22
N ILE C 262 2.94 5.56 -36.50
CA ILE C 262 1.91 4.75 -37.05
C ILE C 262 1.64 3.65 -36.04
N VAL C 263 0.43 3.68 -35.50
CA VAL C 263 0.03 2.76 -34.46
C VAL C 263 -1.00 1.81 -35.05
N PHE C 264 -0.56 0.59 -35.36
CA PHE C 264 -1.34 -0.35 -36.10
C PHE C 264 -2.53 -0.84 -35.26
N LEU C 265 -3.69 -0.98 -35.92
CA LEU C 265 -4.82 -1.70 -35.36
C LEU C 265 -4.58 -3.18 -35.62
N SER C 266 -5.10 -4.00 -34.70
CA SER C 266 -4.94 -5.45 -34.71
C SER C 266 -5.94 -6.06 -35.67
N GLY C 267 -7.18 -5.55 -35.68
CA GLY C 267 -8.28 -6.10 -36.48
C GLY C 267 -8.62 -7.53 -36.08
N GLY C 268 -8.50 -8.44 -37.05
CA GLY C 268 -8.83 -9.87 -36.84
C GLY C 268 -7.73 -10.69 -36.18
N GLN C 269 -6.56 -10.09 -35.93
CA GLN C 269 -5.37 -10.85 -35.53
C GLN C 269 -5.45 -11.29 -34.06
N SER C 270 -4.87 -12.45 -33.78
CA SER C 270 -4.68 -12.92 -32.42
C SER C 270 -3.63 -12.07 -31.71
N GLU C 271 -3.53 -12.23 -30.39
CA GLU C 271 -2.55 -11.52 -29.61
C GLU C 271 -1.14 -11.75 -30.18
N GLU C 272 -0.75 -13.01 -30.33
CA GLU C 272 0.63 -13.38 -30.70
C GLU C 272 0.93 -12.97 -32.16
N GLU C 273 -0.08 -13.06 -33.02
CA GLU C 273 0.05 -12.75 -34.45
C GLU C 273 0.29 -11.24 -34.61
N ALA C 274 -0.42 -10.44 -33.84
CA ALA C 274 -0.29 -9.01 -33.89
C ALA C 274 1.15 -8.61 -33.51
N THR C 275 1.64 -9.20 -32.43
CA THR C 275 2.93 -8.88 -31.88
C THR C 275 4.00 -9.27 -32.89
N ARG C 276 3.89 -10.49 -33.43
CA ARG C 276 4.92 -11.04 -34.32
C ARG C 276 5.00 -10.19 -35.58
N ASN C 277 3.83 -9.75 -36.08
CA ASN C 277 3.72 -8.92 -37.28
C ASN C 277 4.37 -7.55 -37.05
N LEU C 278 4.06 -6.90 -35.93
CA LEU C 278 4.67 -5.62 -35.60
C LEU C 278 6.20 -5.76 -35.46
N ASN C 279 6.62 -6.78 -34.73
CA ASN C 279 8.03 -7.07 -34.50
C ASN C 279 8.77 -7.15 -35.84
N ALA C 280 8.20 -7.86 -36.81
CA ALA C 280 8.90 -8.05 -38.10
C ALA C 280 9.01 -6.71 -38.86
N MET C 281 8.05 -5.83 -38.67
CA MET C 281 8.13 -4.56 -39.32
C MET C 281 9.30 -3.74 -38.77
N ASN C 282 9.55 -3.85 -37.47
CA ASN C 282 10.65 -3.18 -36.85
C ASN C 282 11.98 -3.92 -37.08
N GLN C 283 11.99 -5.05 -37.78
CA GLN C 283 13.22 -5.80 -38.10
C GLN C 283 13.60 -5.57 -39.57
N LEU C 284 12.75 -4.85 -40.29
CA LEU C 284 12.95 -4.60 -41.70
C LEU C 284 13.93 -3.43 -41.87
N LYS C 285 15.04 -3.70 -42.55
CA LYS C 285 16.01 -2.71 -42.88
C LYS C 285 15.55 -1.94 -44.12
N THR C 286 14.96 -0.76 -43.87
CA THR C 286 14.39 0.08 -44.89
C THR C 286 14.04 1.44 -44.26
N LYS C 287 13.94 2.46 -45.12
CA LYS C 287 13.57 3.82 -44.71
C LYS C 287 12.19 3.82 -44.05
N LYS C 288 12.12 4.21 -42.78
CA LYS C 288 10.87 4.22 -42.05
C LYS C 288 10.79 5.48 -41.22
N PRO C 289 10.31 6.61 -41.79
CA PRO C 289 10.37 7.91 -41.11
C PRO C 289 9.28 8.21 -40.08
N TRP C 290 8.85 7.16 -39.39
CA TRP C 290 7.84 7.20 -38.37
C TRP C 290 8.13 6.02 -37.46
N SER C 291 7.76 6.16 -36.18
CA SER C 291 7.63 5.04 -35.27
C SER C 291 6.59 4.06 -35.79
N LEU C 292 6.94 2.79 -35.80
CA LEU C 292 5.94 1.72 -36.02
C LEU C 292 5.62 1.08 -34.67
N SER C 293 4.42 1.38 -34.17
CA SER C 293 3.97 0.91 -32.87
C SER C 293 2.58 0.29 -33.00
N PHE C 294 1.90 0.19 -31.87
CA PHE C 294 0.64 -0.51 -31.76
C PHE C 294 -0.43 0.36 -31.12
N SER C 295 -1.66 0.14 -31.59
CA SER C 295 -2.87 0.62 -30.98
C SER C 295 -3.87 -0.53 -30.88
N PHE C 296 -3.67 -1.44 -29.93
CA PHE C 296 -4.34 -2.67 -29.86
C PHE C 296 -5.42 -2.63 -28.77
N GLY C 297 -6.62 -3.11 -29.15
CA GLY C 297 -7.68 -3.41 -28.21
C GLY C 297 -7.69 -4.89 -27.87
N ARG C 298 -8.25 -5.68 -28.79
CA ARG C 298 -8.47 -7.13 -28.68
C ARG C 298 -7.15 -7.87 -28.46
N ALA C 299 -6.12 -7.45 -29.22
CA ALA C 299 -4.81 -8.13 -29.29
C ALA C 299 -4.00 -7.87 -28.02
N LEU C 300 -4.49 -6.98 -27.16
CA LEU C 300 -3.83 -6.67 -25.90
C LEU C 300 -4.62 -7.23 -24.71
N GLN C 301 -5.92 -7.49 -24.90
CA GLN C 301 -6.91 -7.69 -23.80
C GLN C 301 -7.45 -9.14 -23.71
N GLN C 302 -7.44 -9.91 -24.82
CA GLN C 302 -8.22 -11.17 -24.93
C GLN C 302 -7.83 -12.15 -23.81
N SER C 303 -6.54 -12.46 -23.69
CA SER C 303 -5.99 -13.36 -22.67
C SER C 303 -6.35 -12.88 -21.27
N THR C 304 -6.34 -11.56 -21.09
CA THR C 304 -6.54 -10.97 -19.76
C THR C 304 -8.00 -11.13 -19.33
N LEU C 305 -8.93 -10.96 -20.29
CA LEU C 305 -10.35 -11.17 -20.04
C LEU C 305 -10.63 -12.64 -19.63
N LYS C 306 -10.02 -13.57 -20.37
CA LYS C 306 -10.13 -15.01 -20.10
C LYS C 306 -9.66 -15.32 -18.68
N THR C 307 -8.40 -14.98 -18.36
CA THR C 307 -7.85 -15.33 -17.05
C THR C 307 -8.73 -14.73 -15.95
N TRP C 308 -9.25 -13.52 -16.19
CA TRP C 308 -9.97 -12.74 -15.17
C TRP C 308 -11.30 -13.39 -14.78
N GLY C 309 -12.25 -13.45 -15.70
CA GLY C 309 -13.63 -13.88 -15.38
C GLY C 309 -14.31 -12.99 -14.33
N GLY C 310 -13.89 -13.11 -13.06
CA GLY C 310 -14.42 -12.27 -11.97
C GLY C 310 -13.69 -12.44 -10.65
N LYS C 311 -13.45 -11.32 -9.96
CA LYS C 311 -13.06 -11.20 -8.54
C LYS C 311 -11.58 -11.56 -8.32
N GLU C 312 -11.14 -11.18 -7.10
CA GLU C 312 -9.75 -10.86 -6.74
C GLU C 312 -8.81 -12.06 -6.95
N GLU C 313 -9.33 -13.28 -6.87
CA GLU C 313 -8.47 -14.46 -6.93
C GLU C 313 -7.84 -14.52 -8.33
N ASN C 314 -8.59 -14.05 -9.34
CA ASN C 314 -8.15 -14.14 -10.73
C ASN C 314 -7.55 -12.82 -11.23
N VAL C 315 -7.63 -11.77 -10.40
CA VAL C 315 -7.10 -10.47 -10.75
C VAL C 315 -5.59 -10.59 -10.96
N LYS C 316 -4.87 -11.14 -9.96
CA LYS C 316 -3.38 -11.10 -9.95
C LYS C 316 -2.82 -11.95 -11.11
N LYS C 317 -3.54 -13.01 -11.50
CA LYS C 317 -3.10 -13.92 -12.58
C LYS C 317 -3.36 -13.26 -13.94
N ALA C 318 -4.43 -12.45 -14.02
CA ALA C 318 -4.83 -11.73 -15.21
C ALA C 318 -3.94 -10.51 -15.45
N GLN C 319 -3.55 -9.85 -14.35
CA GLN C 319 -2.62 -8.76 -14.40
C GLN C 319 -1.25 -9.28 -14.85
N GLU C 320 -0.93 -10.53 -14.50
CA GLU C 320 0.30 -11.18 -14.97
C GLU C 320 0.19 -11.41 -16.49
N ALA C 321 -1.01 -11.79 -16.93
CA ALA C 321 -1.26 -12.06 -18.33
C ALA C 321 -1.28 -10.76 -19.14
N PHE C 322 -1.75 -9.67 -18.53
CA PHE C 322 -1.81 -8.38 -19.24
C PHE C 322 -0.41 -7.80 -19.41
N LEU C 323 0.40 -7.93 -18.36
CA LEU C 323 1.79 -7.50 -18.38
C LEU C 323 2.56 -8.25 -19.48
N VAL C 324 2.26 -9.55 -19.69
CA VAL C 324 2.98 -10.35 -20.69
C VAL C 324 2.77 -9.71 -22.07
N ARG C 325 1.54 -9.33 -22.38
CA ARG C 325 1.18 -8.81 -23.69
C ARG C 325 1.72 -7.38 -23.87
N CYS C 326 1.58 -6.55 -22.83
CA CYS C 326 2.19 -5.21 -22.82
C CYS C 326 3.70 -5.31 -23.10
N LYS C 327 4.41 -6.15 -22.35
CA LYS C 327 5.88 -6.28 -22.45
C LYS C 327 6.26 -6.79 -23.84
N ALA C 328 5.49 -7.76 -24.36
CA ALA C 328 5.75 -8.33 -25.65
C ALA C 328 5.57 -7.27 -26.77
N ASN C 329 4.52 -6.46 -26.71
CA ASN C 329 4.28 -5.46 -27.76
C ASN C 329 5.32 -4.33 -27.68
N SER C 330 5.67 -3.94 -26.44
CA SER C 330 6.80 -3.04 -26.18
C SER C 330 8.07 -3.52 -26.90
N GLU C 331 8.37 -4.80 -26.74
CA GLU C 331 9.54 -5.43 -27.35
C GLU C 331 9.39 -5.38 -28.87
N ALA C 332 8.17 -5.65 -29.34
CA ALA C 332 7.82 -5.58 -30.78
C ALA C 332 8.11 -4.20 -31.39
N THR C 333 7.89 -3.10 -30.66
CA THR C 333 8.20 -1.75 -31.21
C THR C 333 9.71 -1.56 -31.41
N LEU C 334 10.54 -2.38 -30.74
CA LEU C 334 12.02 -2.25 -30.80
C LEU C 334 12.61 -3.33 -31.72
N GLY C 335 11.76 -4.21 -32.26
CA GLY C 335 12.21 -5.35 -33.06
C GLY C 335 12.90 -6.42 -32.23
N ALA C 336 12.57 -6.48 -30.94
CA ALA C 336 13.28 -7.26 -29.98
C ALA C 336 12.36 -8.30 -29.32
N TYR C 337 11.24 -8.62 -29.94
CA TYR C 337 10.38 -9.68 -29.42
C TYR C 337 10.91 -11.05 -29.87
N LYS C 338 10.93 -12.01 -28.95
CA LYS C 338 11.60 -13.33 -29.17
C LYS C 338 10.61 -14.49 -28.94
N GLY C 339 9.37 -14.34 -29.40
CA GLY C 339 8.35 -15.39 -29.34
C GLY C 339 7.80 -15.60 -27.93
N ASP C 340 6.78 -16.46 -27.84
CA ASP C 340 6.14 -16.97 -26.58
C ASP C 340 5.52 -18.34 -26.88
N SER D 6 47.74 15.16 -39.74
CA SER D 6 48.63 15.12 -40.97
C SER D 6 48.27 16.31 -41.86
N LYS D 7 49.14 16.63 -42.81
CA LYS D 7 48.85 17.68 -43.80
C LYS D 7 47.80 17.15 -44.80
N PHE D 8 47.58 15.83 -44.81
CA PHE D 8 46.64 15.16 -45.70
C PHE D 8 45.29 14.85 -45.01
N ALA D 9 45.10 15.32 -43.77
CA ALA D 9 43.88 14.95 -42.98
C ALA D 9 42.59 14.98 -43.82
N ASP D 10 42.34 16.12 -44.50
CA ASP D 10 41.05 16.32 -45.19
C ASP D 10 40.94 15.35 -46.38
N GLU D 11 42.03 15.17 -47.13
CA GLU D 11 42.01 14.22 -48.24
C GLU D 11 41.91 12.75 -47.74
N LEU D 12 42.56 12.43 -46.62
CA LEU D 12 42.42 11.07 -46.09
C LEU D 12 40.95 10.80 -45.76
N ILE D 13 40.32 11.73 -45.04
CA ILE D 13 38.94 11.61 -44.58
C ILE D 13 38.00 11.49 -45.78
N ALA D 14 38.20 12.32 -46.80
CA ALA D 14 37.32 12.30 -48.06
C ALA D 14 37.47 10.95 -48.77
N ASN D 15 38.70 10.49 -48.97
CA ASN D 15 38.94 9.24 -49.72
C ASN D 15 38.44 8.02 -48.93
N ALA D 16 38.67 8.00 -47.62
CA ALA D 16 38.20 6.85 -46.83
C ALA D 16 36.67 6.79 -46.86
N ALA D 17 36.03 7.96 -46.73
CA ALA D 17 34.55 8.04 -46.85
C ALA D 17 34.12 7.51 -48.24
N TYR D 18 34.83 7.89 -49.29
CA TYR D 18 34.46 7.56 -50.68
C TYR D 18 34.51 6.04 -50.92
N ILE D 19 35.52 5.36 -50.36
CA ILE D 19 35.69 3.93 -50.56
C ILE D 19 34.41 3.21 -50.15
N GLY D 20 33.77 3.74 -49.09
CA GLY D 20 32.54 3.21 -48.52
C GLY D 20 31.27 3.75 -49.18
N THR D 21 31.35 4.48 -50.30
CA THR D 21 30.14 4.86 -51.11
C THR D 21 29.24 3.64 -51.35
N PRO D 22 27.95 3.66 -50.92
CA PRO D 22 27.06 2.52 -51.15
C PRO D 22 27.00 2.18 -52.65
N GLY D 23 27.17 0.90 -52.93
CA GLY D 23 27.14 0.42 -54.31
C GLY D 23 28.51 0.19 -54.89
N LYS D 24 29.56 0.44 -54.10
CA LYS D 24 30.93 0.22 -54.54
C LYS D 24 31.74 -0.51 -53.49
N GLY D 25 32.83 -1.12 -53.98
CA GLY D 25 33.83 -1.80 -53.12
C GLY D 25 35.19 -1.85 -53.79
N ILE D 26 36.09 -2.69 -53.28
CA ILE D 26 37.49 -2.71 -53.66
C ILE D 26 37.79 -4.04 -54.34
N LEU D 27 38.44 -3.98 -55.50
CA LEU D 27 39.08 -5.14 -56.08
C LEU D 27 40.52 -5.23 -55.52
N ALA D 28 40.87 -6.40 -55.00
CA ALA D 28 42.26 -6.72 -54.59
C ALA D 28 42.93 -7.50 -55.70
N ALA D 29 43.71 -6.76 -56.52
CA ALA D 29 44.55 -7.30 -57.58
C ALA D 29 46.03 -7.14 -57.23
N ASP D 30 46.37 -7.28 -55.94
CA ASP D 30 47.70 -6.91 -55.39
C ASP D 30 48.60 -8.12 -55.16
N GLU D 31 48.33 -9.22 -55.87
CA GLU D 31 49.08 -10.45 -55.71
C GLU D 31 50.53 -10.24 -56.19
N SER D 32 51.49 -10.66 -55.35
CA SER D 32 52.93 -10.65 -55.65
C SER D 32 53.24 -11.42 -56.93
N THR D 33 54.49 -11.33 -57.38
CA THR D 33 54.95 -12.09 -58.55
C THR D 33 54.79 -13.58 -58.23
N GLY D 34 54.98 -13.95 -56.95
CA GLY D 34 54.85 -15.34 -56.47
C GLY D 34 53.39 -15.82 -56.47
N THR D 35 52.55 -15.09 -55.72
CA THR D 35 51.15 -15.45 -55.50
C THR D 35 50.35 -15.49 -56.80
N ILE D 36 50.57 -14.50 -57.69
CA ILE D 36 49.84 -14.45 -58.94
C ILE D 36 50.35 -15.57 -59.84
N GLY D 37 51.61 -16.00 -59.63
CA GLY D 37 52.12 -17.22 -60.24
C GLY D 37 51.27 -18.43 -59.90
N LYS D 38 51.04 -18.64 -58.60
CA LYS D 38 50.25 -19.78 -58.08
C LYS D 38 48.86 -19.79 -58.73
N ARG D 39 48.28 -18.59 -58.85
CA ARG D 39 46.98 -18.36 -59.51
C ARG D 39 47.10 -18.61 -61.03
N LEU D 40 48.22 -18.19 -61.63
CA LEU D 40 48.45 -18.31 -63.09
C LEU D 40 48.72 -19.77 -63.47
N ALA D 41 49.46 -20.49 -62.63
CA ALA D 41 49.68 -21.93 -62.79
C ALA D 41 48.34 -22.66 -62.59
N SER D 42 47.56 -22.22 -61.58
CA SER D 42 46.27 -22.80 -61.23
C SER D 42 45.38 -22.99 -62.47
N ILE D 43 45.73 -22.36 -63.60
CA ILE D 43 44.99 -22.51 -64.84
C ILE D 43 45.98 -22.62 -66.02
N ASN D 44 47.12 -23.27 -65.74
CA ASN D 44 48.15 -23.64 -66.73
C ASN D 44 48.61 -22.42 -67.53
N VAL D 45 49.12 -21.40 -66.83
CA VAL D 45 49.68 -20.19 -67.48
C VAL D 45 51.05 -19.87 -66.85
N GLU D 46 52.04 -19.63 -67.70
CA GLU D 46 53.40 -19.30 -67.30
C GLU D 46 53.35 -17.92 -66.63
N ASN D 47 54.09 -17.78 -65.53
CA ASN D 47 54.13 -16.54 -64.76
C ASN D 47 55.18 -15.61 -65.36
N VAL D 48 54.84 -14.99 -66.50
CA VAL D 48 55.70 -13.99 -67.15
C VAL D 48 54.98 -12.63 -67.06
N GLU D 49 55.76 -11.55 -67.08
CA GLU D 49 55.21 -10.20 -67.00
C GLU D 49 54.21 -9.93 -68.15
N SER D 50 54.42 -10.56 -69.30
CA SER D 50 53.47 -10.47 -70.43
C SER D 50 52.05 -10.89 -70.00
N ASN D 51 51.97 -11.94 -69.17
CA ASN D 51 50.71 -12.58 -68.75
C ASN D 51 50.11 -11.87 -67.53
N ARG D 52 50.97 -11.57 -66.55
CA ARG D 52 50.63 -10.69 -65.42
C ARG D 52 49.98 -9.40 -65.94
N ARG D 53 50.58 -8.80 -66.97
CA ARG D 53 50.09 -7.58 -67.62
C ARG D 53 48.70 -7.86 -68.22
N ALA D 54 48.57 -9.01 -68.91
CA ALA D 54 47.38 -9.37 -69.65
C ALA D 54 46.19 -9.59 -68.70
N LEU D 55 46.43 -10.30 -67.59
CA LEU D 55 45.37 -10.62 -66.63
C LEU D 55 44.81 -9.33 -66.05
N ARG D 56 45.69 -8.42 -65.59
CA ARG D 56 45.24 -7.18 -64.92
C ARG D 56 44.51 -6.30 -65.95
N GLU D 57 44.99 -6.27 -67.19
CA GLU D 57 44.38 -5.45 -68.21
C GLU D 57 42.95 -5.92 -68.51
N LEU D 58 42.79 -7.25 -68.63
CA LEU D 58 41.50 -7.91 -68.79
C LEU D 58 40.50 -7.45 -67.73
N LEU D 59 40.93 -7.43 -66.47
CA LEU D 59 40.06 -7.00 -65.37
C LEU D 59 39.67 -5.54 -65.57
N PHE D 60 40.67 -4.67 -65.79
CA PHE D 60 40.46 -3.20 -65.69
C PHE D 60 39.72 -2.65 -66.92
N THR D 61 39.83 -3.32 -68.07
CA THR D 61 39.15 -2.89 -69.33
C THR D 61 37.81 -3.62 -69.51
N THR D 62 37.37 -4.37 -68.50
CA THR D 62 36.03 -5.01 -68.48
C THR D 62 34.97 -3.90 -68.54
N PRO D 63 34.19 -3.81 -69.63
CA PRO D 63 33.13 -2.79 -69.72
C PRO D 63 32.11 -2.97 -68.59
N GLY D 64 31.82 -1.86 -67.88
CA GLY D 64 30.83 -1.83 -66.81
C GLY D 64 31.36 -2.23 -65.45
N ALA D 65 32.65 -2.57 -65.33
CA ALA D 65 33.21 -3.10 -64.07
C ALA D 65 33.66 -1.97 -63.13
N LEU D 66 34.43 -1.02 -63.67
CA LEU D 66 35.06 -0.01 -62.81
C LEU D 66 34.03 0.81 -62.01
N PRO D 67 32.85 1.16 -62.54
CA PRO D 67 31.78 1.79 -61.74
C PRO D 67 31.28 1.08 -60.47
N CYS D 68 31.54 -0.25 -60.40
CA CYS D 68 31.21 -1.04 -59.24
C CYS D 68 32.32 -0.94 -58.19
N LEU D 69 33.44 -0.30 -58.53
CA LEU D 69 34.63 -0.30 -57.67
C LEU D 69 34.97 1.13 -57.24
N SER D 70 35.09 1.33 -55.92
CA SER D 70 35.60 2.57 -55.32
C SER D 70 37.11 2.55 -55.30
N GLY D 71 37.72 1.34 -55.30
CA GLY D 71 39.18 1.16 -55.15
C GLY D 71 39.67 -0.11 -55.79
N VAL D 72 40.91 -0.12 -56.27
CA VAL D 72 41.63 -1.31 -56.74
C VAL D 72 42.99 -1.37 -56.04
N ILE D 73 43.27 -2.44 -55.29
CA ILE D 73 44.61 -2.65 -54.68
C ILE D 73 45.55 -3.25 -55.73
N LEU D 74 46.68 -2.57 -55.95
CA LEU D 74 47.71 -2.95 -56.89
C LEU D 74 48.97 -3.41 -56.16
N PHE D 75 49.72 -4.31 -56.82
CA PHE D 75 51.09 -4.62 -56.48
C PHE D 75 51.99 -3.53 -57.11
N GLU D 76 53.22 -3.35 -56.59
CA GLU D 76 54.18 -2.30 -57.01
C GLU D 76 54.32 -2.30 -58.54
N GLU D 77 54.63 -3.46 -59.12
CA GLU D 77 54.76 -3.63 -60.56
C GLU D 77 53.55 -3.03 -61.29
N THR D 78 52.33 -3.34 -60.83
CA THR D 78 51.12 -2.93 -61.55
C THR D 78 50.90 -1.42 -61.46
N LEU D 79 51.36 -0.80 -60.36
CA LEU D 79 51.17 0.62 -60.16
C LEU D 79 51.88 1.40 -61.28
N TYR D 80 52.95 0.86 -61.85
CA TYR D 80 53.75 1.57 -62.89
C TYR D 80 53.49 1.01 -64.29
N GLN D 81 52.65 -0.03 -64.36
CA GLN D 81 52.42 -0.78 -65.59
C GLN D 81 51.53 0.04 -66.51
N LYS D 82 51.70 -0.19 -67.83
CA LYS D 82 50.85 0.38 -68.84
C LYS D 82 49.97 -0.74 -69.42
N SER D 83 48.78 -0.37 -69.89
CA SER D 83 47.96 -1.23 -70.73
C SER D 83 48.63 -1.38 -72.10
N SER D 84 48.02 -2.20 -72.97
CA SER D 84 48.55 -2.54 -74.29
C SER D 84 48.56 -1.30 -75.20
N ASP D 85 47.65 -0.36 -74.93
CA ASP D 85 47.48 0.82 -75.77
C ASP D 85 48.31 1.98 -75.21
N GLY D 86 49.14 1.70 -74.20
CA GLY D 86 50.07 2.68 -73.64
C GLY D 86 49.46 3.46 -72.47
N THR D 87 48.19 3.21 -72.13
CA THR D 87 47.53 3.95 -71.05
C THR D 87 48.00 3.40 -69.71
N PRO D 88 48.58 4.24 -68.84
CA PRO D 88 48.84 3.86 -67.45
C PRO D 88 47.57 3.37 -66.75
N PHE D 89 47.65 2.22 -66.08
CA PHE D 89 46.53 1.64 -65.39
C PHE D 89 46.00 2.66 -64.38
N VAL D 90 46.89 3.42 -63.72
CA VAL D 90 46.41 4.38 -62.73
C VAL D 90 45.52 5.45 -63.39
N ASP D 91 45.77 5.83 -64.64
CA ASP D 91 44.89 6.81 -65.32
C ASP D 91 43.54 6.15 -65.62
N MET D 92 43.62 4.92 -66.12
CA MET D 92 42.49 4.08 -66.42
C MET D 92 41.54 4.00 -65.22
N LEU D 93 42.12 3.87 -64.03
CA LEU D 93 41.38 3.77 -62.79
C LEU D 93 40.75 5.12 -62.41
N LYS D 94 41.54 6.18 -62.47
CA LYS D 94 41.10 7.51 -62.03
C LYS D 94 40.02 8.08 -62.97
N SER D 95 40.07 7.74 -64.28
CA SER D 95 39.07 8.27 -65.25
C SER D 95 37.69 7.67 -64.96
N ALA D 96 37.67 6.47 -64.35
CA ALA D 96 36.45 5.80 -63.94
C ALA D 96 36.07 6.13 -62.48
N GLY D 97 36.86 6.98 -61.83
CA GLY D 97 36.60 7.36 -60.44
C GLY D 97 37.02 6.30 -59.42
N VAL D 98 37.88 5.36 -59.84
CA VAL D 98 38.39 4.36 -58.88
C VAL D 98 39.72 4.84 -58.27
N LEU D 99 39.85 4.78 -56.94
CA LEU D 99 41.11 5.16 -56.28
C LEU D 99 42.13 4.04 -56.45
N PRO D 100 43.35 4.32 -56.91
CA PRO D 100 44.40 3.31 -56.88
C PRO D 100 44.88 3.09 -55.44
N GLY D 101 45.07 1.83 -55.08
CA GLY D 101 45.67 1.47 -53.82
C GLY D 101 46.92 0.66 -54.03
N ILE D 102 47.71 0.49 -52.97
CA ILE D 102 49.03 -0.09 -53.05
C ILE D 102 49.27 -0.98 -51.84
N LYS D 103 49.63 -2.24 -52.08
CA LYS D 103 50.09 -3.15 -51.03
C LYS D 103 51.49 -2.71 -50.60
N VAL D 104 51.71 -2.50 -49.29
CA VAL D 104 52.98 -1.96 -48.80
C VAL D 104 53.70 -2.92 -47.83
N ASP D 105 53.00 -3.95 -47.34
CA ASP D 105 53.59 -4.91 -46.41
C ASP D 105 54.58 -5.76 -47.20
N LYS D 106 55.57 -6.35 -46.51
CA LYS D 106 56.57 -7.18 -47.15
C LYS D 106 56.44 -8.64 -46.66
N GLY D 107 55.21 -9.15 -46.58
CA GLY D 107 54.97 -10.53 -46.17
C GLY D 107 55.07 -10.76 -44.66
N THR D 108 54.91 -12.03 -44.28
CA THR D 108 54.93 -12.46 -42.90
C THR D 108 56.21 -13.25 -42.62
N VAL D 109 56.53 -13.34 -41.32
CA VAL D 109 57.66 -14.07 -40.73
C VAL D 109 57.09 -14.77 -39.48
N GLU D 110 57.57 -15.99 -39.17
CA GLU D 110 57.07 -16.73 -38.00
C GLU D 110 57.71 -16.19 -36.71
N LEU D 111 56.89 -16.19 -35.65
CA LEU D 111 57.31 -15.79 -34.34
C LEU D 111 57.89 -17.02 -33.64
N ALA D 112 59.14 -16.90 -33.13
CA ALA D 112 59.69 -17.92 -32.27
C ALA D 112 58.85 -18.04 -31.00
N GLY D 113 58.71 -19.27 -30.53
CA GLY D 113 58.11 -19.54 -29.25
C GLY D 113 56.60 -19.61 -29.33
N THR D 114 56.08 -19.66 -30.56
CA THR D 114 54.65 -19.82 -30.83
C THR D 114 54.49 -21.00 -31.79
N ASN D 115 53.24 -21.37 -32.04
CA ASN D 115 53.00 -22.49 -32.90
C ASN D 115 52.62 -21.97 -34.30
N GLY D 116 53.64 -21.51 -35.05
CA GLY D 116 53.48 -21.09 -36.44
C GLY D 116 52.72 -19.78 -36.58
N GLU D 117 52.65 -18.96 -35.52
CA GLU D 117 52.03 -17.63 -35.64
C GLU D 117 53.04 -16.69 -36.29
N THR D 118 52.54 -15.66 -36.94
CA THR D 118 53.35 -14.78 -37.70
C THR D 118 53.13 -13.36 -37.23
N THR D 119 54.08 -12.55 -37.66
CA THR D 119 54.06 -11.12 -37.65
C THR D 119 54.42 -10.68 -39.07
N THR D 120 54.00 -9.47 -39.42
CA THR D 120 54.10 -8.94 -40.74
C THR D 120 55.24 -7.91 -40.77
N GLN D 121 56.01 -7.97 -41.86
CA GLN D 121 57.13 -7.10 -42.10
C GLN D 121 56.77 -5.94 -43.01
N GLY D 122 57.62 -4.91 -43.01
CA GLY D 122 57.57 -3.84 -44.04
C GLY D 122 57.65 -2.41 -43.51
N LEU D 123 57.94 -2.20 -42.22
CA LEU D 123 58.03 -0.82 -41.69
C LEU D 123 59.28 -0.11 -42.21
N ASP D 124 60.34 -0.84 -42.50
CA ASP D 124 61.62 -0.17 -42.83
C ASP D 124 61.50 0.52 -44.19
N GLY D 125 61.74 1.84 -44.18
CA GLY D 125 61.71 2.68 -45.37
C GLY D 125 60.28 2.90 -45.92
N LEU D 126 59.27 2.72 -45.07
CA LEU D 126 57.89 2.66 -45.53
C LEU D 126 57.39 4.07 -45.90
N GLY D 127 57.83 5.07 -45.11
CA GLY D 127 57.47 6.46 -45.31
C GLY D 127 57.91 6.94 -46.68
N ASP D 128 59.13 6.60 -47.09
CA ASP D 128 59.63 7.02 -48.38
C ASP D 128 58.94 6.24 -49.50
N ARG D 129 58.61 4.97 -49.24
CA ARG D 129 57.84 4.15 -50.21
C ARG D 129 56.46 4.79 -50.44
N CYS D 130 55.76 5.11 -49.34
CA CYS D 130 54.42 5.65 -49.36
C CYS D 130 54.33 6.99 -50.13
N LYS D 131 55.28 7.87 -49.82
CA LYS D 131 55.45 9.12 -50.49
C LYS D 131 55.61 8.91 -52.00
N LYS D 132 56.46 7.96 -52.39
CA LYS D 132 56.70 7.68 -53.82
C LYS D 132 55.43 7.10 -54.48
N TYR D 133 54.64 6.33 -53.72
CA TYR D 133 53.46 5.70 -54.21
C TYR D 133 52.36 6.76 -54.39
N TYR D 134 52.25 7.69 -53.43
CA TYR D 134 51.32 8.80 -53.53
C TYR D 134 51.63 9.59 -54.80
N GLU D 135 52.90 9.96 -54.97
CA GLU D 135 53.34 10.66 -56.19
C GLU D 135 52.93 9.85 -57.42
N ALA D 136 52.91 8.52 -57.33
CA ALA D 136 52.55 7.67 -58.49
C ALA D 136 51.03 7.57 -58.74
N GLY D 137 50.19 8.10 -57.82
CA GLY D 137 48.72 8.10 -57.97
C GLY D 137 48.00 7.25 -56.93
N ALA D 138 48.71 6.61 -56.02
CA ALA D 138 48.06 5.77 -55.02
C ALA D 138 47.48 6.66 -53.94
N ARG D 139 46.29 6.32 -53.43
CA ARG D 139 45.63 7.11 -52.42
C ARG D 139 45.22 6.27 -51.22
N PHE D 140 45.39 4.94 -51.29
CA PHE D 140 45.23 4.09 -50.10
C PHE D 140 46.25 2.94 -50.12
N ALA D 141 46.38 2.31 -48.97
CA ALA D 141 47.41 1.33 -48.78
C ALA D 141 46.79 0.10 -48.12
N LYS D 142 47.46 -1.04 -48.29
CA LYS D 142 47.11 -2.27 -47.66
C LYS D 142 48.35 -2.88 -46.96
N TRP D 143 48.04 -3.45 -45.79
CA TRP D 143 48.96 -4.20 -44.98
C TRP D 143 48.18 -5.33 -44.31
N ARG D 144 48.59 -6.56 -44.57
CA ARG D 144 47.91 -7.76 -44.07
C ARG D 144 48.70 -8.38 -42.89
N ALA D 145 48.03 -8.41 -41.74
CA ALA D 145 48.40 -9.21 -40.60
C ALA D 145 47.57 -10.52 -40.63
N VAL D 146 48.22 -11.63 -40.28
CA VAL D 146 47.59 -12.93 -40.26
C VAL D 146 47.63 -13.43 -38.82
N LEU D 147 46.49 -13.86 -38.28
CA LEU D 147 46.35 -14.46 -36.96
C LEU D 147 45.61 -15.78 -37.09
N LYS D 148 45.94 -16.78 -36.28
CA LYS D 148 45.26 -18.08 -36.41
C LYS D 148 44.49 -18.41 -35.12
N ILE D 149 43.54 -19.34 -35.26
CA ILE D 149 42.73 -19.87 -34.19
C ILE D 149 43.23 -21.28 -33.88
N GLY D 150 43.55 -21.50 -32.60
CA GLY D 150 44.05 -22.78 -32.11
C GLY D 150 43.75 -22.91 -30.63
N VAL D 151 44.32 -23.96 -30.00
CA VAL D 151 44.11 -24.20 -28.58
C VAL D 151 44.48 -22.93 -27.81
N ASN D 152 45.72 -22.48 -28.03
CA ASN D 152 46.26 -21.29 -27.34
C ASN D 152 46.51 -20.15 -28.34
N GLU D 153 45.73 -20.10 -29.43
CA GLU D 153 45.95 -19.10 -30.46
C GLU D 153 44.67 -18.35 -30.73
N PRO D 154 44.79 -17.04 -31.05
CA PRO D 154 46.07 -16.38 -31.20
C PRO D 154 46.65 -16.02 -29.83
N SER D 155 47.97 -16.11 -29.72
CA SER D 155 48.67 -15.78 -28.48
C SER D 155 48.68 -14.27 -28.26
N GLN D 156 48.87 -13.89 -27.00
CA GLN D 156 48.98 -12.52 -26.61
C GLN D 156 50.11 -11.84 -27.39
N LEU D 157 51.23 -12.55 -27.60
CA LEU D 157 52.35 -12.07 -28.39
C LEU D 157 51.95 -11.85 -29.87
N ALA D 158 51.24 -12.80 -30.46
CA ALA D 158 50.80 -12.65 -31.86
C ALA D 158 49.86 -11.43 -32.03
N ILE D 159 48.91 -11.28 -31.11
CA ILE D 159 47.97 -10.19 -31.21
C ILE D 159 48.72 -8.86 -31.13
N HIS D 160 49.56 -8.76 -30.10
CA HIS D 160 50.29 -7.56 -29.82
C HIS D 160 51.14 -7.12 -31.03
N GLU D 161 51.89 -8.07 -31.59
CA GLU D 161 52.80 -7.79 -32.66
C GLU D 161 52.05 -7.31 -33.90
N ASN D 162 50.89 -7.91 -34.16
CA ASN D 162 50.17 -7.63 -35.36
C ASN D 162 49.41 -6.32 -35.19
N ALA D 163 48.79 -6.11 -34.03
CA ALA D 163 48.05 -4.87 -33.74
C ALA D 163 48.98 -3.64 -33.80
N TYR D 164 50.16 -3.71 -33.18
CA TYR D 164 51.03 -2.55 -33.08
C TYR D 164 51.76 -2.36 -34.42
N GLY D 165 51.96 -3.46 -35.15
CA GLY D 165 52.53 -3.37 -36.51
C GLY D 165 51.54 -2.69 -37.45
N LEU D 166 50.28 -3.02 -37.30
CA LEU D 166 49.24 -2.33 -38.07
C LEU D 166 49.17 -0.86 -37.69
N ALA D 167 49.33 -0.56 -36.38
CA ALA D 167 49.11 0.79 -35.89
C ALA D 167 50.23 1.71 -36.39
N ARG D 168 51.47 1.22 -36.38
CA ARG D 168 52.61 2.00 -36.80
C ARG D 168 52.51 2.23 -38.30
N TYR D 169 52.10 1.20 -39.05
CA TYR D 169 51.94 1.27 -40.54
C TYR D 169 50.89 2.33 -40.88
N ALA D 170 49.81 2.34 -40.11
CA ALA D 170 48.68 3.26 -40.28
C ALA D 170 49.16 4.71 -40.19
N VAL D 171 50.01 4.98 -39.19
CA VAL D 171 50.55 6.30 -38.97
C VAL D 171 51.39 6.74 -40.18
N ILE D 172 52.34 5.90 -40.61
CA ILE D 172 53.25 6.27 -41.69
C ILE D 172 52.45 6.51 -42.97
N CYS D 173 51.38 5.75 -43.15
CA CYS D 173 50.51 5.87 -44.30
C CYS D 173 49.90 7.27 -44.31
N GLN D 174 49.35 7.66 -43.17
CA GLN D 174 48.62 8.89 -43.06
C GLN D 174 49.58 10.08 -43.18
N GLU D 175 50.78 9.98 -42.63
CA GLU D 175 51.81 11.02 -42.79
C GLU D 175 52.09 11.27 -44.27
N ASN D 176 51.95 10.28 -45.14
CA ASN D 176 52.30 10.39 -46.53
C ASN D 176 51.06 10.33 -47.44
N GLY D 177 49.85 10.49 -46.90
CA GLY D 177 48.65 10.77 -47.74
C GLY D 177 47.93 9.53 -48.26
N LEU D 178 48.30 8.33 -47.81
CA LEU D 178 47.58 7.09 -48.15
C LEU D 178 46.66 6.73 -46.97
N VAL D 179 45.38 6.52 -47.30
CA VAL D 179 44.44 5.97 -46.36
C VAL D 179 44.87 4.53 -46.09
N PRO D 180 45.18 4.17 -44.82
CA PRO D 180 45.60 2.80 -44.53
C PRO D 180 44.36 1.89 -44.39
N ILE D 181 44.35 0.79 -45.13
CA ILE D 181 43.42 -0.33 -44.82
C ILE D 181 44.10 -1.18 -43.74
N VAL D 182 43.48 -1.26 -42.56
CA VAL D 182 43.98 -2.11 -41.50
C VAL D 182 43.29 -3.45 -41.69
N GLU D 183 44.09 -4.50 -41.94
CA GLU D 183 43.63 -5.82 -42.28
C GLU D 183 44.19 -6.85 -41.30
N PRO D 184 43.49 -7.08 -40.17
CA PRO D 184 43.78 -8.19 -39.28
C PRO D 184 42.95 -9.42 -39.66
N GLU D 185 43.45 -10.20 -40.61
CA GLU D 185 42.76 -11.40 -41.00
C GLU D 185 42.97 -12.50 -39.94
N ILE D 186 41.85 -12.95 -39.36
CA ILE D 186 41.83 -14.17 -38.63
C ILE D 186 41.53 -15.31 -39.62
N LEU D 187 42.52 -16.20 -39.79
CA LEU D 187 42.42 -17.32 -40.70
C LEU D 187 41.25 -18.20 -40.26
N VAL D 188 40.54 -18.68 -41.29
CA VAL D 188 39.31 -19.46 -41.15
C VAL D 188 39.72 -20.92 -40.80
N ASP D 189 40.98 -21.29 -41.12
CA ASP D 189 41.47 -22.68 -40.99
C ASP D 189 41.15 -23.23 -39.62
N GLY D 190 40.55 -24.43 -39.61
CA GLY D 190 40.37 -25.23 -38.41
C GLY D 190 38.94 -25.70 -38.22
N SER D 191 38.65 -26.24 -37.03
CA SER D 191 37.41 -26.88 -36.71
C SER D 191 36.59 -26.09 -35.67
N HIS D 192 37.00 -24.88 -35.35
CA HIS D 192 36.26 -24.05 -34.37
C HIS D 192 34.86 -23.68 -34.93
N ASP D 193 33.97 -23.31 -34.01
CA ASP D 193 32.65 -22.92 -34.34
C ASP D 193 32.63 -21.41 -34.55
N ILE D 194 31.49 -20.87 -34.97
CA ILE D 194 31.33 -19.47 -35.29
C ILE D 194 31.46 -18.65 -34.01
N GLN D 195 31.03 -19.19 -32.85
CA GLN D 195 31.07 -18.45 -31.59
C GLN D 195 32.52 -18.17 -31.22
N LYS D 196 33.41 -19.13 -31.47
CA LYS D 196 34.82 -18.96 -31.22
C LYS D 196 35.39 -17.89 -32.15
N CYS D 197 35.02 -17.98 -33.44
CA CYS D 197 35.51 -16.97 -34.36
C CYS D 197 35.02 -15.57 -33.91
N ALA D 198 33.83 -15.50 -33.30
CA ALA D 198 33.26 -14.22 -32.82
C ALA D 198 34.11 -13.64 -31.69
N ALA D 199 34.38 -14.46 -30.71
CA ALA D 199 35.19 -14.09 -29.51
C ALA D 199 36.60 -13.66 -29.91
N VAL D 200 37.25 -14.41 -30.81
CA VAL D 200 38.59 -14.10 -31.26
C VAL D 200 38.56 -12.81 -32.07
N THR D 201 37.61 -12.65 -32.99
CA THR D 201 37.51 -11.45 -33.79
C THR D 201 37.28 -10.23 -32.89
N GLU D 202 36.43 -10.38 -31.87
CA GLU D 202 36.17 -9.30 -30.89
C GLU D 202 37.47 -8.94 -30.17
N ARG D 203 38.22 -9.96 -29.72
CA ARG D 203 39.45 -9.70 -28.98
C ARG D 203 40.46 -8.96 -29.87
N VAL D 204 40.66 -9.43 -31.11
CA VAL D 204 41.69 -8.92 -31.99
C VAL D 204 41.40 -7.46 -32.40
N LEU D 205 40.15 -7.17 -32.81
CA LEU D 205 39.76 -5.84 -33.24
C LEU D 205 39.88 -4.86 -32.06
N ALA D 206 39.52 -5.27 -30.84
CA ALA D 206 39.64 -4.40 -29.73
C ALA D 206 41.11 -4.08 -29.48
N ALA D 207 41.99 -5.08 -29.63
CA ALA D 207 43.43 -4.80 -29.46
C ALA D 207 43.92 -3.88 -30.60
N CYS D 208 43.36 -4.03 -31.83
CA CYS D 208 43.77 -3.23 -32.96
C CYS D 208 43.39 -1.77 -32.70
N TYR D 209 42.16 -1.52 -32.21
CA TYR D 209 41.69 -0.11 -32.05
C TYR D 209 42.38 0.53 -30.85
N LYS D 210 42.73 -0.26 -29.84
CA LYS D 210 43.56 0.22 -28.75
C LYS D 210 44.94 0.64 -29.27
N ALA D 211 45.54 -0.19 -30.15
CA ALA D 211 46.86 0.09 -30.70
C ALA D 211 46.84 1.37 -31.54
N LEU D 212 45.81 1.49 -32.39
CA LEU D 212 45.60 2.65 -33.23
C LEU D 212 45.44 3.93 -32.40
N SER D 213 44.73 3.86 -31.28
CA SER D 213 44.61 4.99 -30.33
C SER D 213 45.95 5.35 -29.70
N ASP D 214 46.72 4.35 -29.24
CA ASP D 214 48.05 4.64 -28.64
C ASP D 214 48.95 5.30 -29.68
N HIS D 215 48.76 5.00 -30.97
CA HIS D 215 49.59 5.58 -32.05
C HIS D 215 49.02 6.90 -32.63
N HIS D 216 47.93 7.42 -32.06
CA HIS D 216 47.34 8.71 -32.44
C HIS D 216 46.83 8.73 -33.89
N VAL D 217 46.28 7.61 -34.34
CA VAL D 217 45.84 7.48 -35.74
C VAL D 217 44.52 8.24 -35.93
N LEU D 218 44.42 8.99 -37.03
CA LEU D 218 43.13 9.60 -37.49
C LEU D 218 42.18 8.50 -38.02
N LEU D 219 41.24 8.07 -37.17
CA LEU D 219 40.32 6.96 -37.45
C LEU D 219 39.41 7.26 -38.67
N GLU D 220 38.96 8.52 -38.78
CA GLU D 220 38.10 8.92 -39.87
C GLU D 220 38.86 8.79 -41.20
N GLY D 221 40.18 8.58 -41.15
CA GLY D 221 41.00 8.47 -42.34
C GLY D 221 41.55 7.07 -42.52
N THR D 222 40.86 6.06 -41.95
CA THR D 222 41.28 4.66 -42.05
CA THR D 222 41.29 4.67 -42.07
C THR D 222 40.13 3.82 -42.59
N LEU D 223 40.45 2.58 -42.94
CA LEU D 223 39.54 1.55 -43.36
C LEU D 223 39.91 0.30 -42.56
N LEU D 224 38.92 -0.58 -42.37
CA LEU D 224 39.12 -1.90 -41.73
C LEU D 224 38.80 -3.00 -42.72
N LYS D 225 39.67 -3.99 -42.79
CA LYS D 225 39.46 -5.11 -43.67
C LYS D 225 39.53 -6.36 -42.82
N PRO D 226 38.45 -6.74 -42.12
CA PRO D 226 38.47 -7.93 -41.29
C PRO D 226 37.88 -9.10 -42.07
N ASN D 227 38.11 -10.29 -41.53
CA ASN D 227 37.36 -11.48 -41.83
C ASN D 227 35.92 -11.26 -41.40
N MET D 228 35.01 -11.91 -42.12
CA MET D 228 33.70 -12.14 -41.64
C MET D 228 33.83 -13.15 -40.51
N VAL D 229 32.82 -13.19 -39.65
CA VAL D 229 32.75 -14.12 -38.58
C VAL D 229 32.03 -15.36 -39.12
N THR D 230 32.77 -16.47 -39.20
CA THR D 230 32.28 -17.67 -39.78
C THR D 230 32.79 -18.85 -38.94
N PRO D 231 32.15 -20.04 -39.10
CA PRO D 231 32.70 -21.27 -38.55
C PRO D 231 34.02 -21.54 -39.29
N GLY D 232 34.91 -22.30 -38.66
CA GLY D 232 36.14 -22.70 -39.29
C GLY D 232 35.92 -23.47 -40.58
N SER D 233 36.96 -23.54 -41.40
CA SER D 233 36.89 -24.15 -42.74
C SER D 233 36.48 -25.63 -42.68
N GLU D 234 36.72 -26.31 -41.56
CA GLU D 234 36.45 -27.74 -41.40
C GLU D 234 35.11 -27.97 -40.68
N SER D 235 34.38 -26.91 -40.34
CA SER D 235 33.06 -27.01 -39.68
C SER D 235 31.94 -26.86 -40.70
N ALA D 236 30.73 -27.25 -40.30
CA ALA D 236 29.54 -27.17 -41.18
C ALA D 236 29.33 -25.72 -41.60
N LYS D 237 29.13 -25.47 -42.90
CA LYS D 237 28.74 -24.16 -43.37
C LYS D 237 27.39 -23.75 -42.79
N VAL D 238 27.21 -22.45 -42.72
CA VAL D 238 26.12 -21.84 -42.01
C VAL D 238 25.51 -20.73 -42.88
N ALA D 239 24.23 -20.43 -42.66
CA ALA D 239 23.49 -19.55 -43.55
C ALA D 239 24.02 -18.11 -43.46
N PRO D 240 23.86 -17.33 -44.56
CA PRO D 240 24.27 -15.93 -44.57
C PRO D 240 23.72 -15.08 -43.41
N GLU D 241 22.46 -15.36 -43.03
CA GLU D 241 21.83 -14.57 -41.96
C GLU D 241 22.55 -14.79 -40.62
N VAL D 242 23.18 -15.96 -40.45
CA VAL D 242 23.90 -16.30 -39.23
C VAL D 242 25.29 -15.64 -39.24
N ILE D 243 26.02 -15.74 -40.36
CA ILE D 243 27.25 -14.99 -40.55
C ILE D 243 27.03 -13.48 -40.31
N ALA D 244 25.93 -12.94 -40.81
CA ALA D 244 25.62 -11.53 -40.72
C ALA D 244 25.51 -11.10 -39.25
N GLU D 245 24.65 -11.84 -38.53
CA GLU D 245 24.29 -11.55 -37.17
C GLU D 245 25.56 -11.58 -36.30
N HIS D 246 26.43 -12.57 -36.48
CA HIS D 246 27.65 -12.70 -35.64
C HIS D 246 28.70 -11.67 -36.05
N THR D 247 28.90 -11.48 -37.36
CA THR D 247 29.83 -10.50 -37.86
C THR D 247 29.47 -9.09 -37.36
N VAL D 248 28.27 -8.63 -37.66
CA VAL D 248 27.89 -7.25 -37.34
C VAL D 248 27.93 -7.04 -35.82
N ARG D 249 27.46 -8.01 -35.04
CA ARG D 249 27.56 -7.91 -33.56
C ARG D 249 29.03 -7.72 -33.13
N ALA D 250 29.94 -8.45 -33.76
CA ALA D 250 31.39 -8.37 -33.43
C ALA D 250 31.93 -6.98 -33.74
N LEU D 251 31.49 -6.42 -34.87
CA LEU D 251 31.89 -5.07 -35.29
C LEU D 251 31.24 -4.01 -34.37
N GLN D 252 29.97 -4.22 -34.00
CA GLN D 252 29.32 -3.31 -33.08
C GLN D 252 30.09 -3.22 -31.77
N ARG D 253 30.77 -4.29 -31.40
CA ARG D 253 31.39 -4.39 -30.10
C ARG D 253 32.81 -3.78 -30.07
N THR D 254 33.36 -3.45 -31.23
CA THR D 254 34.74 -3.15 -31.31
C THR D 254 35.09 -1.95 -32.22
N VAL D 255 34.48 -1.78 -33.39
CA VAL D 255 34.95 -0.79 -34.38
C VAL D 255 34.29 0.57 -34.17
N PRO D 256 35.04 1.61 -33.78
CA PRO D 256 34.43 2.92 -33.57
C PRO D 256 33.63 3.41 -34.79
N ALA D 257 32.58 4.18 -34.50
CA ALA D 257 31.74 4.84 -35.54
C ALA D 257 32.62 5.70 -36.44
N ALA D 258 33.72 6.24 -35.90
CA ALA D 258 34.57 7.18 -36.61
C ALA D 258 35.11 6.50 -37.86
N VAL D 259 35.30 5.20 -37.84
CA VAL D 259 35.74 4.48 -39.02
C VAL D 259 34.60 4.52 -40.05
N PRO D 260 34.86 5.00 -41.29
CA PRO D 260 33.79 5.20 -42.27
C PRO D 260 33.31 3.92 -42.98
N ALA D 261 34.16 2.89 -43.10
CA ALA D 261 33.85 1.76 -43.97
C ALA D 261 34.66 0.54 -43.54
N ILE D 262 34.01 -0.62 -43.64
CA ILE D 262 34.54 -1.91 -43.40
C ILE D 262 34.42 -2.68 -44.72
N VAL D 263 35.56 -3.06 -45.29
CA VAL D 263 35.60 -3.78 -46.54
C VAL D 263 36.10 -5.20 -46.25
N PHE D 264 35.17 -6.15 -46.30
CA PHE D 264 35.42 -7.53 -45.90
C PHE D 264 36.37 -8.23 -46.87
N LEU D 265 37.28 -9.03 -46.32
CA LEU D 265 38.07 -9.97 -47.08
C LEU D 265 37.25 -11.25 -47.24
N SER D 266 37.47 -11.94 -48.35
CA SER D 266 36.71 -13.12 -48.74
C SER D 266 37.21 -14.36 -47.99
N GLY D 267 38.51 -14.49 -47.79
CA GLY D 267 39.07 -15.62 -47.01
C GLY D 267 38.91 -16.95 -47.74
N GLY D 268 38.22 -17.89 -47.10
CA GLY D 268 37.99 -19.23 -47.72
C GLY D 268 36.87 -19.27 -48.77
N GLN D 269 36.05 -18.22 -48.80
CA GLN D 269 34.68 -18.32 -49.31
C GLN D 269 34.66 -18.36 -50.84
N SER D 270 33.68 -19.09 -51.39
CA SER D 270 33.38 -19.10 -52.79
C SER D 270 32.82 -17.72 -53.22
N GLU D 271 32.76 -17.50 -54.52
CA GLU D 271 32.32 -16.22 -55.03
C GLU D 271 30.91 -15.90 -54.49
N GLU D 272 29.97 -16.83 -54.68
CA GLU D 272 28.54 -16.62 -54.37
C GLU D 272 28.34 -16.51 -52.84
N GLU D 273 29.15 -17.25 -52.05
CA GLU D 273 29.04 -17.27 -50.60
C GLU D 273 29.44 -15.90 -50.05
N ALA D 274 30.51 -15.34 -50.61
CA ALA D 274 31.00 -14.03 -50.16
C ALA D 274 29.91 -12.97 -50.40
N THR D 275 29.32 -13.01 -51.59
CA THR D 275 28.35 -12.04 -51.98
C THR D 275 27.09 -12.16 -51.10
N ARG D 276 26.61 -13.40 -50.91
CA ARG D 276 25.39 -13.66 -50.16
C ARG D 276 25.59 -13.21 -48.71
N ASN D 277 26.78 -13.45 -48.16
CA ASN D 277 27.12 -13.09 -46.78
C ASN D 277 27.13 -11.58 -46.60
N LEU D 278 27.78 -10.85 -47.52
CA LEU D 278 27.82 -9.40 -47.47
C LEU D 278 26.39 -8.83 -47.57
N ASN D 279 25.62 -9.38 -48.54
CA ASN D 279 24.27 -8.96 -48.79
C ASN D 279 23.45 -9.03 -47.48
N ALA D 280 23.57 -10.14 -46.75
CA ALA D 280 22.75 -10.35 -45.56
C ALA D 280 23.15 -9.34 -44.46
N MET D 281 24.41 -8.93 -44.44
CA MET D 281 24.81 -7.95 -43.46
C MET D 281 24.13 -6.61 -43.72
N ASN D 282 23.96 -6.26 -44.99
CA ASN D 282 23.31 -5.05 -45.36
C ASN D 282 21.78 -5.18 -45.28
N GLN D 283 21.23 -6.36 -44.94
CA GLN D 283 19.77 -6.54 -44.78
C GLN D 283 19.41 -6.56 -43.28
N LEU D 284 20.43 -6.53 -42.42
CA LEU D 284 20.23 -6.59 -40.98
C LEU D 284 19.86 -5.20 -40.44
N LYS D 285 18.70 -5.06 -39.82
CA LYS D 285 18.30 -3.78 -39.21
C LYS D 285 18.88 -3.75 -37.82
N THR D 286 19.96 -2.97 -37.71
CA THR D 286 20.69 -2.73 -36.50
C THR D 286 21.62 -1.52 -36.74
N LYS D 287 22.13 -0.92 -35.65
CA LYS D 287 23.11 0.14 -35.66
C LYS D 287 24.37 -0.31 -36.42
N LYS D 288 24.69 0.36 -37.52
CA LYS D 288 25.82 0.07 -38.32
C LYS D 288 26.46 1.37 -38.78
N PRO D 289 27.31 2.04 -37.95
CA PRO D 289 27.82 3.38 -38.26
C PRO D 289 29.03 3.41 -39.20
N TRP D 290 29.05 2.49 -40.16
CA TRP D 290 30.06 2.36 -41.16
C TRP D 290 29.40 1.69 -42.34
N SER D 291 29.88 2.00 -43.55
CA SER D 291 29.62 1.22 -44.73
C SER D 291 30.16 -0.20 -44.58
N LEU D 292 29.34 -1.18 -44.93
CA LEU D 292 29.75 -2.58 -45.04
C LEU D 292 29.88 -2.91 -46.53
N SER D 293 31.11 -3.07 -47.01
CA SER D 293 31.43 -3.32 -48.39
C SER D 293 32.42 -4.48 -48.51
N PHE D 294 33.07 -4.58 -49.67
CA PHE D 294 33.95 -5.70 -50.00
C PHE D 294 35.34 -5.23 -50.43
N SER D 295 36.34 -6.06 -50.09
CA SER D 295 37.67 -5.98 -50.63
C SER D 295 38.13 -7.37 -51.07
N PHE D 296 37.65 -7.83 -52.22
CA PHE D 296 37.78 -9.21 -52.62
C PHE D 296 38.85 -9.33 -53.71
N GLY D 297 39.73 -10.32 -53.55
CA GLY D 297 40.63 -10.77 -54.60
C GLY D 297 40.04 -12.00 -55.27
N ARG D 298 40.16 -13.16 -54.60
CA ARG D 298 39.77 -14.46 -55.16
C ARG D 298 38.27 -14.51 -55.46
N ALA D 299 37.46 -13.93 -54.58
CA ALA D 299 35.99 -14.01 -54.65
C ALA D 299 35.42 -13.14 -55.79
N LEU D 300 36.30 -12.32 -56.39
CA LEU D 300 35.94 -11.45 -57.46
C LEU D 300 36.52 -11.94 -58.80
N GLN D 301 37.57 -12.77 -58.74
CA GLN D 301 38.44 -13.09 -59.88
C GLN D 301 38.34 -14.56 -60.32
N GLN D 302 37.87 -15.48 -59.47
CA GLN D 302 38.15 -16.93 -59.65
C GLN D 302 37.49 -17.42 -60.94
N SER D 303 36.18 -17.14 -61.10
CA SER D 303 35.43 -17.53 -62.30
C SER D 303 36.02 -16.84 -63.56
N THR D 304 36.57 -15.63 -63.40
CA THR D 304 37.12 -14.88 -64.53
C THR D 304 38.44 -15.54 -65.02
N LEU D 305 39.27 -16.01 -64.08
CA LEU D 305 40.53 -16.71 -64.39
C LEU D 305 40.22 -18.02 -65.13
N LYS D 306 39.21 -18.75 -64.65
CA LYS D 306 38.76 -20.00 -65.26
C LYS D 306 38.33 -19.74 -66.70
N THR D 307 37.36 -18.85 -66.91
CA THR D 307 36.84 -18.63 -68.27
C THR D 307 38.01 -18.20 -69.18
N TRP D 308 38.95 -17.41 -68.65
CA TRP D 308 40.01 -16.79 -69.45
C TRP D 308 41.00 -17.84 -69.98
N GLY D 309 41.74 -18.48 -69.07
CA GLY D 309 42.84 -19.39 -69.38
C GLY D 309 43.90 -18.76 -70.28
N GLY D 310 43.58 -18.72 -71.57
CA GLY D 310 44.55 -18.51 -72.65
C GLY D 310 44.55 -17.08 -73.15
N LYS D 311 43.73 -16.81 -74.16
CA LYS D 311 43.95 -15.70 -75.13
C LYS D 311 42.61 -15.07 -75.48
N GLU D 312 42.59 -14.28 -76.56
CA GLU D 312 41.55 -13.31 -76.91
C GLU D 312 40.18 -13.98 -77.08
N GLU D 313 40.18 -15.26 -77.47
CA GLU D 313 38.96 -16.05 -77.71
C GLU D 313 38.08 -16.02 -76.47
N ASN D 314 38.75 -16.05 -75.30
CA ASN D 314 38.11 -16.26 -74.02
C ASN D 314 37.99 -14.94 -73.24
N VAL D 315 38.55 -13.86 -73.79
CA VAL D 315 38.61 -12.58 -73.11
C VAL D 315 37.19 -12.07 -72.87
N LYS D 316 36.38 -12.01 -73.92
CA LYS D 316 35.06 -11.34 -73.87
C LYS D 316 34.12 -12.11 -72.95
N LYS D 317 34.28 -13.44 -72.85
CA LYS D 317 33.43 -14.30 -72.01
C LYS D 317 33.84 -14.17 -70.55
N ALA D 318 35.14 -13.92 -70.31
CA ALA D 318 35.71 -13.75 -68.98
C ALA D 318 35.37 -12.36 -68.43
N GLN D 319 35.37 -11.36 -69.32
CA GLN D 319 34.97 -10.02 -68.95
C GLN D 319 33.48 -10.01 -68.60
N GLU D 320 32.71 -10.89 -69.24
CA GLU D 320 31.29 -11.06 -68.93
C GLU D 320 31.18 -11.66 -67.52
N ALA D 321 32.07 -12.61 -67.21
CA ALA D 321 32.08 -13.27 -65.92
C ALA D 321 32.54 -12.30 -64.82
N PHE D 322 33.47 -11.39 -65.16
CA PHE D 322 34.01 -10.47 -64.15
C PHE D 322 32.96 -9.40 -63.78
N LEU D 323 32.25 -8.92 -64.81
CA LEU D 323 31.16 -7.97 -64.66
C LEU D 323 30.06 -8.57 -63.76
N VAL D 324 29.77 -9.88 -63.91
CA VAL D 324 28.72 -10.54 -63.13
C VAL D 324 29.03 -10.38 -61.63
N ARG D 325 30.29 -10.65 -61.25
CA ARG D 325 30.68 -10.69 -59.87
C ARG D 325 30.76 -9.26 -59.33
N CYS D 326 31.34 -8.32 -60.10
CA CYS D 326 31.35 -6.91 -59.72
C CYS D 326 29.91 -6.41 -59.45
N LYS D 327 28.99 -6.66 -60.39
CA LYS D 327 27.60 -6.15 -60.27
C LYS D 327 26.91 -6.79 -59.05
N ALA D 328 27.16 -8.09 -58.85
CA ALA D 328 26.59 -8.83 -57.71
C ALA D 328 27.09 -8.26 -56.37
N ASN D 329 28.38 -7.98 -56.25
CA ASN D 329 28.92 -7.49 -54.97
C ASN D 329 28.46 -6.04 -54.72
N SER D 330 28.42 -5.24 -55.80
CA SER D 330 27.82 -3.90 -55.76
C SER D 330 26.40 -3.97 -55.18
N GLU D 331 25.59 -4.89 -55.69
CA GLU D 331 24.22 -5.10 -55.23
C GLU D 331 24.23 -5.49 -53.75
N ALA D 332 25.18 -6.35 -53.39
CA ALA D 332 25.38 -6.81 -52.00
C ALA D 332 25.64 -5.65 -51.03
N THR D 333 26.38 -4.63 -51.44
CA THR D 333 26.62 -3.46 -50.54
C THR D 333 25.33 -2.69 -50.26
N LEU D 334 24.29 -2.86 -51.08
CA LEU D 334 23.03 -2.15 -50.95
C LEU D 334 21.94 -3.04 -50.33
N GLY D 335 22.28 -4.31 -50.06
CA GLY D 335 21.35 -5.30 -49.58
C GLY D 335 20.33 -5.72 -50.65
N ALA D 336 20.73 -5.59 -51.92
CA ALA D 336 19.82 -5.75 -53.02
C ALA D 336 20.26 -6.88 -53.96
N TYR D 337 21.11 -7.81 -53.47
CA TYR D 337 21.50 -8.95 -54.27
C TYR D 337 20.42 -10.03 -54.17
N LYS D 338 20.10 -10.64 -55.32
CA LYS D 338 19.22 -11.80 -55.44
C LYS D 338 19.95 -12.95 -56.16
N GLY D 339 20.24 -14.04 -55.46
CA GLY D 339 20.81 -15.29 -56.04
C GLY D 339 21.84 -15.03 -57.12
#